data_8VF4
#
_entry.id   8VF4
#
_cell.length_a   1.00
_cell.length_b   1.00
_cell.length_c   1.00
_cell.angle_alpha   90.00
_cell.angle_beta   90.00
_cell.angle_gamma   90.00
#
_symmetry.space_group_name_H-M   'P 1'
#
loop_
_entity.id
_entity.type
_entity.pdbx_description
1 polymer 'Non-homologous end joining protein Ku'
2 polymer 'DNA (21-mer)'
3 polymer 'DNA (34-MER)'
#
loop_
_entity_poly.entity_id
_entity_poly.type
_entity_poly.pdbx_seq_one_letter_code
_entity_poly.pdbx_strand_id
1 'polypeptide(L)'
;MGHHHHHHHHHHSSGHIEGRHMMRAIWTGSIAFGLVNVPVKVYSATADHDIRFHQVHAKDNGRIRYKRVCEACGEVVDYR
DLARAYESGDGQMVAITDDDIASLPEERSREIEVLEFVPAADVDPMMFDRSYFLEPDSKSSKSYVLLAKTLAETDRMAIV
HFTLRNKTRLAALRVKDFGKREVMMVHTLLWPDEIRDPDFPVLDQKVEIKPAELKMAGQVVDSMADDFNPDRYHDTYQEQ
LQELIDTKLEGGQAFTAEDQPRLLDEPEDVSDLLAKLEASVKARSKANSNVPTPP
;
A,B,I,J,K,L
2 'polydeoxyribonucleotide'
;(DG)(DT)(DT)(DT)(DT)(DT)(DA)(DG)(DT)(DT)(DT)(DA)(DT)(DT)(DG)(DG)(DG)(DC)(DG)(DC)
(DG)
;
C,E,G
3 'polydeoxyribonucleotide'
;(DC)(DG)(DC)(DG)(DC)(DC)(DC)(DA)(DG)(DC)(DT)(DT)(DT)(DC)(DC)(DC)(DA)(DG)(DC)(DT)
(DA)(DA)(DT)(DA)(DA)(DA)(DC)(DT)(DA)(DA)(DA)(DA)(DA)(DC)
;
D,F,H
#
# COMPACT_ATOMS: atom_id res chain seq x y z
N MET A 23 -5.55 18.91 16.31
CA MET A 23 -6.48 18.32 15.32
C MET A 23 -7.10 19.47 14.53
N ARG A 24 -7.00 19.42 13.20
CA ARG A 24 -7.51 20.52 12.40
C ARG A 24 -7.68 20.02 10.97
N ALA A 25 -8.63 20.63 10.26
CA ALA A 25 -8.89 20.26 8.87
C ALA A 25 -7.86 20.86 7.93
N ILE A 26 -7.66 20.20 6.79
CA ILE A 26 -6.75 20.71 5.78
C ILE A 26 -7.48 21.65 4.84
N TRP A 27 -8.57 21.19 4.24
CA TRP A 27 -9.41 21.99 3.36
C TRP A 27 -10.86 21.60 3.62
N THR A 28 -11.77 22.06 2.76
CA THR A 28 -13.16 21.64 2.85
C THR A 28 -13.76 21.68 1.44
N GLY A 29 -13.79 20.52 0.79
CA GLY A 29 -14.37 20.42 -0.53
C GLY A 29 -15.61 19.55 -0.53
N SER A 30 -15.87 18.87 -1.65
CA SER A 30 -17.03 18.00 -1.76
C SER A 30 -16.84 17.10 -2.97
N ILE A 31 -16.98 15.78 -2.77
CA ILE A 31 -16.87 14.85 -3.88
C ILE A 31 -17.82 15.30 -4.99
N ALA A 32 -17.36 15.23 -6.23
CA ALA A 32 -18.14 15.66 -7.39
C ALA A 32 -18.15 14.52 -8.40
N PHE A 33 -19.10 13.60 -8.25
CA PHE A 33 -19.30 12.49 -9.17
C PHE A 33 -20.69 12.67 -9.78
N GLY A 34 -20.77 13.42 -10.87
CA GLY A 34 -22.04 13.69 -11.51
C GLY A 34 -23.04 14.30 -10.54
N LEU A 35 -24.20 13.67 -10.40
CA LEU A 35 -25.18 14.16 -9.43
C LEU A 35 -24.63 14.07 -8.01
N VAL A 36 -23.91 12.98 -7.70
CA VAL A 36 -23.42 12.79 -6.34
C VAL A 36 -22.58 13.99 -5.94
N ASN A 37 -22.94 14.62 -4.83
CA ASN A 37 -22.18 15.74 -4.28
C ASN A 37 -22.32 15.66 -2.76
N VAL A 38 -21.37 14.98 -2.13
CA VAL A 38 -21.40 14.70 -0.70
C VAL A 38 -20.32 15.54 -0.03
N PRO A 39 -20.67 16.50 0.83
CA PRO A 39 -19.64 17.35 1.43
C PRO A 39 -18.64 16.53 2.23
N VAL A 40 -17.38 16.92 2.15
CA VAL A 40 -16.29 16.20 2.80
C VAL A 40 -15.35 17.20 3.45
N LYS A 41 -14.90 16.89 4.66
CA LYS A 41 -13.93 17.69 5.40
C LYS A 41 -12.67 16.86 5.54
N VAL A 42 -11.81 16.90 4.51
CA VAL A 42 -10.61 16.07 4.50
C VAL A 42 -9.75 16.40 5.70
N TYR A 43 -8.99 15.41 6.17
CA TYR A 43 -8.11 15.58 7.30
C TYR A 43 -6.77 14.90 7.03
N SER A 44 -5.74 15.37 7.73
CA SER A 44 -4.40 14.85 7.57
C SER A 44 -4.30 13.49 8.25
N ALA A 45 -4.08 12.44 7.46
CA ALA A 45 -4.07 11.08 8.01
C ALA A 45 -2.95 10.92 9.04
N THR A 46 -1.75 11.34 8.68
CA THR A 46 -0.56 11.10 9.51
C THR A 46 0.19 12.40 9.71
N ALA A 47 0.51 12.70 10.97
CA ALA A 47 1.31 13.85 11.33
C ALA A 47 2.65 13.38 11.87
N ASP A 48 3.73 13.97 11.38
CA ASP A 48 5.06 13.57 11.81
C ASP A 48 5.32 14.12 13.20
N HIS A 49 5.34 13.24 14.20
CA HIS A 49 5.55 13.62 15.59
C HIS A 49 7.03 13.71 15.96
N ASP A 50 7.93 13.40 15.03
CA ASP A 50 9.34 13.53 15.32
C ASP A 50 9.67 14.96 15.74
N ILE A 51 10.45 15.09 16.80
CA ILE A 51 10.77 16.41 17.33
C ILE A 51 11.53 17.20 16.27
N ARG A 52 11.00 18.37 15.92
CA ARG A 52 11.64 19.25 14.96
C ARG A 52 12.48 20.26 15.73
N PHE A 53 13.63 20.62 15.16
CA PHE A 53 14.78 21.06 15.94
C PHE A 53 15.23 22.43 15.45
N HIS A 54 14.93 23.46 16.23
CA HIS A 54 15.14 24.83 15.79
C HIS A 54 16.63 25.19 15.80
N GLN A 55 16.95 26.32 15.18
CA GLN A 55 18.30 26.85 15.18
C GLN A 55 18.40 28.06 16.10
N VAL A 56 19.50 28.11 16.84
CA VAL A 56 19.82 29.26 17.69
C VAL A 56 21.31 29.50 17.61
N HIS A 57 21.70 30.77 17.59
CA HIS A 57 23.12 31.10 17.55
C HIS A 57 23.77 30.76 18.88
N ALA A 58 24.85 29.98 18.82
CA ALA A 58 25.49 29.53 20.06
C ALA A 58 25.91 30.71 20.92
N LYS A 59 26.64 31.65 20.34
CA LYS A 59 27.14 32.78 21.12
C LYS A 59 26.01 33.74 21.50
N ASP A 60 25.16 34.09 20.53
CA ASP A 60 24.06 35.01 20.82
C ASP A 60 22.92 34.31 21.56
N ASN A 61 22.75 33.00 21.36
CA ASN A 61 21.66 32.26 21.97
C ASN A 61 20.31 32.76 21.48
N GLY A 62 20.26 33.28 20.25
CA GLY A 62 19.02 33.72 19.64
C GLY A 62 18.66 32.90 18.42
N ARG A 63 17.37 32.77 18.13
CA ARG A 63 16.93 32.01 16.98
C ARG A 63 17.47 32.62 15.69
N ILE A 64 17.84 31.76 14.74
CA ILE A 64 18.41 32.19 13.48
C ILE A 64 17.30 32.61 12.54
N ARG A 65 17.67 33.36 11.51
CA ARG A 65 16.75 33.76 10.46
C ARG A 65 17.49 33.79 9.13
N TYR A 66 16.88 33.19 8.11
CA TYR A 66 17.47 33.13 6.78
C TYR A 66 17.09 34.38 6.00
N LYS A 67 18.10 35.11 5.52
CA LYS A 67 17.89 36.19 4.57
C LYS A 67 18.86 35.99 3.42
N ARG A 68 18.41 36.34 2.22
CA ARG A 68 19.04 35.91 0.97
C ARG A 68 19.83 37.06 0.35
N VAL A 69 21.13 36.84 0.16
CA VAL A 69 22.01 37.80 -0.51
C VAL A 69 22.28 37.29 -1.92
N CYS A 70 21.88 38.09 -2.91
CA CYS A 70 22.11 37.72 -4.30
C CYS A 70 23.60 37.81 -4.63
N GLU A 71 24.14 36.74 -5.21
CA GLU A 71 25.58 36.62 -5.37
C GLU A 71 26.13 37.74 -6.25
N ALA A 72 25.77 37.73 -7.54
CA ALA A 72 26.25 38.76 -8.44
C ALA A 72 25.82 40.14 -7.98
N CYS A 73 24.68 40.24 -7.30
CA CYS A 73 24.21 41.52 -6.82
C CYS A 73 25.15 42.05 -5.74
N GLY A 74 25.47 41.23 -4.76
CA GLY A 74 26.29 41.62 -3.64
C GLY A 74 25.54 42.06 -2.41
N GLU A 75 24.21 41.95 -2.40
CA GLU A 75 23.42 42.42 -1.26
C GLU A 75 22.11 41.65 -1.22
N VAL A 76 21.31 41.92 -0.18
CA VAL A 76 20.05 41.22 0.01
C VAL A 76 19.08 41.54 -1.12
N VAL A 77 18.04 40.72 -1.24
CA VAL A 77 16.99 40.92 -2.23
C VAL A 77 15.66 40.49 -1.61
N ASP A 78 14.63 41.29 -1.84
CA ASP A 78 13.30 40.95 -1.33
C ASP A 78 12.78 39.70 -2.02
N TYR A 79 11.99 38.92 -1.29
CA TYR A 79 11.53 37.63 -1.80
C TYR A 79 10.65 37.82 -3.03
N ARG A 80 9.79 38.84 -3.03
CA ARG A 80 8.95 39.08 -4.19
C ARG A 80 9.78 39.39 -5.43
N ASP A 81 10.84 40.21 -5.27
CA ASP A 81 11.71 40.51 -6.39
C ASP A 81 12.42 39.26 -6.89
N LEU A 82 12.72 38.32 -6.00
CA LEU A 82 13.45 37.12 -6.39
C LEU A 82 12.73 36.45 -7.56
N ALA A 83 13.49 36.08 -8.58
CA ALA A 83 12.93 35.54 -9.81
C ALA A 83 13.28 34.06 -9.96
N ARG A 84 12.37 33.33 -10.60
CA ARG A 84 12.48 31.88 -10.72
C ARG A 84 13.04 31.51 -12.09
N ALA A 85 14.00 30.58 -12.08
CA ALA A 85 14.71 30.19 -13.31
C ALA A 85 14.75 28.68 -13.42
N TYR A 86 15.21 28.18 -14.57
CA TYR A 86 15.23 26.76 -14.87
C TYR A 86 16.62 26.35 -15.34
N GLU A 87 17.06 25.18 -14.90
CA GLU A 87 18.32 24.58 -15.31
C GLU A 87 18.03 23.38 -16.21
N SER A 88 18.62 23.39 -17.40
CA SER A 88 18.34 22.38 -18.43
C SER A 88 19.45 21.35 -18.53
N GLY A 89 20.00 20.93 -17.40
CA GLY A 89 21.14 20.00 -17.43
C GLY A 89 22.45 20.71 -17.69
N ASP A 90 22.51 21.50 -18.76
CA ASP A 90 23.65 22.38 -18.97
C ASP A 90 23.76 23.44 -17.88
N GLY A 91 22.66 23.69 -17.16
CA GLY A 91 22.65 24.69 -16.11
C GLY A 91 22.23 26.07 -16.55
N GLN A 92 22.05 26.29 -17.85
CA GLN A 92 21.66 27.61 -18.33
C GLN A 92 20.30 28.00 -17.74
N MET A 93 20.18 29.27 -17.37
CA MET A 93 18.95 29.76 -16.77
C MET A 93 17.83 29.81 -17.80
N VAL A 94 16.66 30.24 -17.36
CA VAL A 94 15.52 30.47 -18.23
C VAL A 94 14.70 31.61 -17.65
N ALA A 95 14.11 32.40 -18.54
CA ALA A 95 13.24 33.50 -18.15
C ALA A 95 11.80 33.02 -18.15
N ILE A 96 11.10 33.23 -17.02
CA ILE A 96 9.76 32.73 -16.84
C ILE A 96 8.88 33.83 -16.26
N THR A 97 7.59 33.74 -16.55
CA THR A 97 6.60 34.69 -16.08
C THR A 97 5.46 33.96 -15.37
N ASP A 98 4.86 34.63 -14.40
CA ASP A 98 3.76 34.04 -13.66
C ASP A 98 2.56 33.73 -14.55
N ASP A 99 2.42 34.45 -15.68
CA ASP A 99 1.25 34.25 -16.53
C ASP A 99 1.20 32.83 -17.07
N ASP A 100 2.34 32.29 -17.52
CA ASP A 100 2.34 30.94 -18.06
C ASP A 100 2.00 29.92 -16.98
N ILE A 101 2.51 30.12 -15.76
CA ILE A 101 2.16 29.24 -14.65
C ILE A 101 0.65 29.28 -14.42
N ALA A 102 0.08 30.49 -14.42
CA ALA A 102 -1.36 30.64 -14.29
C ALA A 102 -2.12 30.09 -15.49
N SER A 103 -1.43 29.82 -16.60
CA SER A 103 -2.12 29.34 -17.79
C SER A 103 -2.85 28.04 -17.53
N LEU A 104 -2.22 27.12 -16.80
CA LEU A 104 -2.86 25.83 -16.54
C LEU A 104 -4.12 26.04 -15.70
N PRO A 105 -5.19 25.28 -15.95
CA PRO A 105 -6.44 25.48 -15.21
C PRO A 105 -6.64 24.61 -13.98
N GLU A 106 -5.71 23.70 -13.68
CA GLU A 106 -5.91 22.77 -12.58
C GLU A 106 -6.13 23.49 -11.25
N GLU A 107 -5.58 24.69 -11.08
CA GLU A 107 -5.67 25.37 -9.79
C GLU A 107 -7.12 25.60 -9.39
N ARG A 108 -7.97 25.95 -10.36
CA ARG A 108 -9.35 26.30 -10.03
C ARG A 108 -10.09 25.15 -9.34
N SER A 109 -9.67 23.91 -9.56
CA SER A 109 -10.33 22.77 -8.96
C SER A 109 -10.34 22.89 -7.44
N ARG A 110 -11.53 23.08 -6.86
CA ARG A 110 -11.69 23.10 -5.41
C ARG A 110 -12.74 22.09 -4.97
N GLU A 111 -12.87 21.00 -5.73
CA GLU A 111 -13.70 19.88 -5.35
C GLU A 111 -13.06 18.62 -5.90
N ILE A 112 -13.28 17.50 -5.21
CA ILE A 112 -12.59 16.26 -5.54
C ILE A 112 -13.30 15.58 -6.69
N GLU A 113 -12.92 15.92 -7.91
CA GLU A 113 -13.50 15.29 -9.09
C GLU A 113 -13.14 13.81 -9.11
N VAL A 114 -14.09 12.99 -9.52
CA VAL A 114 -13.89 11.55 -9.62
C VAL A 114 -13.84 11.18 -11.09
N LEU A 115 -13.05 10.16 -11.41
CA LEU A 115 -12.82 9.76 -12.79
C LEU A 115 -13.27 8.33 -13.07
N GLU A 116 -12.87 7.37 -12.24
CA GLU A 116 -13.08 5.98 -12.57
C GLU A 116 -12.72 5.12 -11.36
N PHE A 117 -13.41 3.99 -11.24
CA PHE A 117 -13.17 3.03 -10.17
C PHE A 117 -12.33 1.86 -10.69
N VAL A 118 -11.64 1.20 -9.77
CA VAL A 118 -10.78 0.08 -10.09
C VAL A 118 -10.85 -0.96 -8.99
N PRO A 119 -10.74 -2.24 -9.35
CA PRO A 119 -10.72 -3.28 -8.31
C PRO A 119 -9.57 -3.05 -7.33
N ALA A 120 -9.85 -3.33 -6.05
CA ALA A 120 -8.85 -3.10 -5.01
C ALA A 120 -7.58 -3.88 -5.29
N ALA A 121 -7.69 -5.05 -5.90
CA ALA A 121 -6.50 -5.85 -6.18
C ALA A 121 -5.62 -5.17 -7.23
N ASP A 122 -6.23 -4.51 -8.22
CA ASP A 122 -5.47 -3.97 -9.33
C ASP A 122 -4.44 -2.94 -8.86
N VAL A 123 -4.83 -2.06 -7.94
CA VAL A 123 -3.91 -1.04 -7.49
C VAL A 123 -2.66 -1.69 -6.90
N ASP A 124 -1.53 -1.04 -7.11
CA ASP A 124 -0.23 -1.56 -6.69
C ASP A 124 0.24 -0.83 -5.43
N PRO A 125 0.85 -1.54 -4.48
CA PRO A 125 1.10 -0.94 -3.15
C PRO A 125 2.33 -0.06 -3.06
N MET A 126 3.02 0.23 -4.17
CA MET A 126 4.26 0.98 -4.11
C MET A 126 4.07 2.48 -4.37
N MET A 127 2.84 2.93 -4.58
CA MET A 127 2.59 4.34 -4.90
C MET A 127 1.69 5.03 -3.88
N PHE A 128 1.31 4.37 -2.80
CA PHE A 128 0.50 5.01 -1.75
C PHE A 128 1.40 5.95 -0.96
N ASP A 129 1.64 7.12 -1.55
CA ASP A 129 2.57 8.08 -0.96
C ASP A 129 2.09 8.54 0.41
N ARG A 130 0.95 9.23 0.45
CA ARG A 130 0.41 9.79 1.69
C ARG A 130 -1.07 9.46 1.79
N SER A 131 -1.65 9.76 2.96
CA SER A 131 -3.01 9.37 3.27
C SER A 131 -3.80 10.56 3.78
N TYR A 132 -5.12 10.48 3.64
CA TYR A 132 -6.02 11.51 4.12
C TYR A 132 -7.39 10.88 4.40
N PHE A 133 -7.98 11.23 5.54
CA PHE A 133 -9.31 10.77 5.89
C PHE A 133 -10.37 11.62 5.21
N LEU A 134 -11.64 11.31 5.47
CA LEU A 134 -12.76 12.13 5.03
C LEU A 134 -13.73 12.28 6.19
N GLU A 135 -14.60 13.26 6.09
CA GLU A 135 -15.53 13.60 7.17
C GLU A 135 -16.85 14.10 6.58
N PRO A 136 -17.96 13.90 7.30
CA PRO A 136 -19.23 14.47 6.85
C PRO A 136 -19.45 15.87 7.40
N ASP A 137 -19.77 16.83 6.52
CA ASP A 137 -20.00 18.21 6.94
C ASP A 137 -21.49 18.51 7.09
N SER A 138 -22.26 18.32 6.02
CA SER A 138 -23.69 18.53 6.11
C SER A 138 -24.34 17.45 6.96
N LYS A 139 -25.48 17.79 7.56
CA LYS A 139 -26.18 16.83 8.40
C LYS A 139 -26.67 15.62 7.59
N SER A 140 -26.72 15.75 6.27
CA SER A 140 -27.20 14.69 5.38
C SER A 140 -26.08 13.68 5.15
N SER A 141 -25.79 12.91 6.19
CA SER A 141 -24.75 11.88 6.11
C SER A 141 -25.20 10.66 5.31
N LYS A 142 -26.47 10.58 4.93
CA LYS A 142 -26.99 9.37 4.31
C LYS A 142 -26.19 8.97 3.08
N SER A 143 -26.02 9.91 2.14
CA SER A 143 -25.32 9.58 0.90
C SER A 143 -23.88 9.20 1.18
N TYR A 144 -23.26 9.84 2.16
CA TYR A 144 -21.91 9.48 2.58
C TYR A 144 -21.81 7.99 2.88
N VAL A 145 -22.60 7.52 3.85
CA VAL A 145 -22.51 6.11 4.25
C VAL A 145 -22.94 5.21 3.12
N LEU A 146 -23.91 5.63 2.31
CA LEU A 146 -24.34 4.80 1.19
C LEU A 146 -23.21 4.59 0.19
N LEU A 147 -22.49 5.66 -0.16
CA LEU A 147 -21.36 5.53 -1.05
C LEU A 147 -20.27 4.66 -0.42
N ALA A 148 -20.02 4.85 0.87
CA ALA A 148 -19.01 4.04 1.54
C ALA A 148 -19.36 2.56 1.46
N LYS A 149 -20.64 2.22 1.72
CA LYS A 149 -21.05 0.82 1.68
C LYS A 149 -20.99 0.27 0.26
N THR A 150 -21.37 1.07 -0.74
CA THR A 150 -21.25 0.60 -2.12
C THR A 150 -19.80 0.31 -2.46
N LEU A 151 -18.89 1.19 -2.05
CA LEU A 151 -17.47 0.96 -2.28
C LEU A 151 -17.01 -0.33 -1.60
N ALA A 152 -17.40 -0.51 -0.33
CA ALA A 152 -16.97 -1.69 0.40
C ALA A 152 -17.47 -2.96 -0.28
N GLU A 153 -18.74 -2.97 -0.67
CA GLU A 153 -19.31 -4.16 -1.29
C GLU A 153 -18.64 -4.45 -2.64
N THR A 154 -18.58 -3.45 -3.51
CA THR A 154 -17.95 -3.65 -4.81
C THR A 154 -16.46 -3.89 -4.68
N ASP A 155 -15.85 -3.46 -3.58
CA ASP A 155 -14.43 -3.70 -3.32
C ASP A 155 -13.57 -3.23 -4.50
N ARG A 156 -13.93 -2.07 -5.04
CA ARG A 156 -13.17 -1.43 -6.12
C ARG A 156 -12.73 -0.06 -5.66
N MET A 157 -11.42 0.18 -5.62
CA MET A 157 -10.92 1.50 -5.29
C MET A 157 -11.47 2.53 -6.28
N ALA A 158 -11.40 3.79 -5.89
CA ALA A 158 -11.80 4.90 -6.73
C ALA A 158 -10.60 5.81 -6.94
N ILE A 159 -10.30 6.13 -8.18
CA ILE A 159 -9.20 7.01 -8.53
C ILE A 159 -9.77 8.42 -8.72
N VAL A 160 -9.29 9.36 -7.90
CA VAL A 160 -9.87 10.68 -7.80
C VAL A 160 -8.79 11.71 -8.12
N HIS A 161 -9.12 12.68 -8.98
CA HIS A 161 -8.19 13.75 -9.29
C HIS A 161 -8.13 14.74 -8.13
N PHE A 162 -7.56 14.29 -7.01
CA PHE A 162 -7.38 15.16 -5.86
C PHE A 162 -6.73 16.48 -6.27
N THR A 163 -7.15 17.56 -5.62
CA THR A 163 -6.54 18.86 -5.80
C THR A 163 -6.19 19.44 -4.44
N LEU A 164 -5.15 20.28 -4.42
CA LEU A 164 -4.71 20.86 -3.16
C LEU A 164 -3.73 21.98 -3.45
N ARG A 165 -3.91 23.10 -2.75
CA ARG A 165 -2.97 24.22 -2.78
C ARG A 165 -2.48 24.49 -4.20
N ASN A 166 -3.42 24.81 -5.07
CA ASN A 166 -3.14 25.09 -6.49
C ASN A 166 -2.31 23.98 -7.12
N LYS A 167 -2.44 22.77 -6.60
CA LYS A 167 -1.72 21.61 -7.11
C LYS A 167 -2.66 20.42 -7.13
N THR A 168 -2.42 19.50 -8.07
CA THR A 168 -3.22 18.31 -8.22
C THR A 168 -2.32 17.09 -8.14
N ARG A 169 -2.72 16.09 -7.35
CA ARG A 169 -1.98 14.86 -7.21
C ARG A 169 -2.92 13.69 -7.42
N LEU A 170 -2.72 12.93 -8.48
CA LEU A 170 -3.56 11.77 -8.75
C LEU A 170 -3.57 10.86 -7.53
N ALA A 171 -4.77 10.56 -7.03
CA ALA A 171 -4.91 9.93 -5.74
C ALA A 171 -5.98 8.85 -5.78
N ALA A 172 -5.89 7.90 -4.86
CA ALA A 172 -6.83 6.81 -4.72
C ALA A 172 -7.85 7.13 -3.63
N LEU A 173 -9.04 6.59 -3.80
CA LEU A 173 -10.13 6.73 -2.84
C LEU A 173 -10.60 5.34 -2.43
N ARG A 174 -10.60 5.08 -1.13
CA ARG A 174 -10.86 3.73 -0.64
C ARG A 174 -11.37 3.82 0.78
N VAL A 175 -11.95 2.72 1.25
CA VAL A 175 -12.59 2.64 2.57
C VAL A 175 -11.83 1.60 3.40
N LYS A 176 -11.66 1.93 4.69
CA LYS A 176 -11.01 1.02 5.64
C LYS A 176 -11.84 1.03 6.92
N ASP A 177 -12.72 0.05 7.06
CA ASP A 177 -13.54 -0.07 8.26
C ASP A 177 -12.66 -0.06 9.51
N PHE A 178 -12.85 0.96 10.34
CA PHE A 178 -12.10 1.10 11.58
C PHE A 178 -12.75 0.35 12.74
N GLY A 179 -13.63 -0.62 12.45
CA GLY A 179 -14.29 -1.38 13.48
C GLY A 179 -15.35 -0.58 14.20
N LYS A 180 -14.94 0.53 14.80
CA LYS A 180 -15.91 1.40 15.47
C LYS A 180 -16.90 1.97 14.47
N ARG A 181 -16.42 2.43 13.32
CA ARG A 181 -17.27 3.08 12.33
C ARG A 181 -16.55 3.18 11.00
N GLU A 182 -17.21 2.76 9.92
CA GLU A 182 -16.58 2.82 8.61
C GLU A 182 -16.25 4.26 8.25
N VAL A 183 -15.05 4.46 7.71
CA VAL A 183 -14.56 5.78 7.33
C VAL A 183 -13.98 5.70 5.93
N MET A 184 -14.33 6.67 5.09
CA MET A 184 -13.80 6.72 3.74
C MET A 184 -12.46 7.45 3.72
N MET A 185 -11.51 6.90 2.98
CA MET A 185 -10.14 7.41 2.94
C MET A 185 -9.71 7.67 1.51
N VAL A 186 -8.85 8.66 1.35
CA VAL A 186 -8.23 8.98 0.07
C VAL A 186 -6.71 8.93 0.25
N HIS A 187 -6.04 8.18 -0.62
CA HIS A 187 -4.59 8.04 -0.59
C HIS A 187 -4.00 8.70 -1.83
N THR A 188 -3.03 9.59 -1.62
CA THR A 188 -2.39 10.26 -2.74
C THR A 188 -1.42 9.32 -3.43
N LEU A 189 -1.59 9.17 -4.75
CA LEU A 189 -0.86 8.18 -5.53
C LEU A 189 0.23 8.86 -6.33
N LEU A 190 1.43 8.30 -6.29
CA LEU A 190 2.50 8.77 -7.17
C LEU A 190 2.07 8.58 -8.62
N TRP A 191 2.46 9.52 -9.47
CA TRP A 191 2.17 9.38 -10.89
C TRP A 191 2.77 8.06 -11.39
N PRO A 192 2.03 7.28 -12.16
CA PRO A 192 2.63 6.05 -12.73
C PRO A 192 3.89 6.33 -13.52
N ASP A 193 3.98 7.49 -14.18
CA ASP A 193 5.20 7.83 -14.89
C ASP A 193 6.38 7.98 -13.94
N GLU A 194 6.12 8.39 -12.69
CA GLU A 194 7.21 8.58 -11.74
C GLU A 194 7.92 7.27 -11.44
N ILE A 195 7.16 6.18 -11.32
CA ILE A 195 7.78 4.91 -10.97
C ILE A 195 8.78 4.51 -12.03
N ARG A 196 9.87 3.87 -11.59
CA ARG A 196 10.94 3.43 -12.47
C ARG A 196 11.05 1.91 -12.41
N ASP A 197 11.10 1.28 -13.57
CA ASP A 197 11.26 -0.17 -13.65
C ASP A 197 12.73 -0.50 -13.88
N PRO A 198 13.50 -0.75 -12.83
CA PRO A 198 14.94 -0.91 -13.01
C PRO A 198 15.27 -2.02 -13.99
N ASP A 199 16.20 -1.75 -14.90
CA ASP A 199 16.68 -2.73 -15.86
C ASP A 199 18.00 -3.32 -15.38
N PHE A 200 17.90 -4.18 -14.37
CA PHE A 200 19.09 -4.83 -13.85
C PHE A 200 19.66 -5.78 -14.89
N PRO A 201 20.98 -5.90 -15.00
CA PRO A 201 21.55 -6.87 -15.94
C PRO A 201 21.93 -8.20 -15.29
N VAL A 202 21.71 -8.32 -13.99
CA VAL A 202 22.24 -9.46 -13.23
C VAL A 202 21.20 -10.56 -13.05
N LEU A 203 20.02 -10.22 -12.50
CA LEU A 203 19.07 -11.25 -12.11
C LEU A 203 18.63 -12.13 -13.27
N ASP A 204 18.73 -11.62 -14.51
CA ASP A 204 18.31 -12.42 -15.66
C ASP A 204 19.10 -13.72 -15.79
N GLN A 205 20.28 -13.80 -15.17
CA GLN A 205 21.12 -14.98 -15.32
C GLN A 205 20.39 -16.23 -14.82
N LYS A 206 20.58 -17.33 -15.53
CA LYS A 206 19.91 -18.58 -15.21
C LYS A 206 20.26 -19.02 -13.79
N VAL A 207 19.27 -19.57 -13.09
CA VAL A 207 19.43 -20.00 -11.71
C VAL A 207 18.86 -21.40 -11.56
N GLU A 208 19.54 -22.22 -10.77
CA GLU A 208 19.10 -23.58 -10.47
C GLU A 208 19.08 -23.80 -8.96
N ILE A 209 18.03 -24.46 -8.49
CA ILE A 209 17.86 -24.74 -7.06
C ILE A 209 17.42 -26.18 -6.90
N LYS A 210 17.93 -26.84 -5.86
CA LYS A 210 17.54 -28.19 -5.53
C LYS A 210 16.52 -28.19 -4.41
N PRO A 211 15.77 -29.27 -4.24
CA PRO A 211 14.67 -29.26 -3.25
C PRO A 211 15.12 -29.01 -1.83
N ALA A 212 16.31 -29.46 -1.45
CA ALA A 212 16.73 -29.38 -0.05
C ALA A 212 16.80 -27.93 0.42
N GLU A 213 17.37 -27.05 -0.39
CA GLU A 213 17.48 -25.65 0.01
C GLU A 213 16.10 -25.01 0.14
N LEU A 214 15.18 -25.32 -0.78
CA LEU A 214 13.83 -24.79 -0.68
C LEU A 214 13.15 -25.27 0.60
N LYS A 215 13.33 -26.55 0.93
CA LYS A 215 12.75 -27.08 2.17
C LYS A 215 13.32 -26.36 3.38
N MET A 216 14.64 -26.13 3.38
CA MET A 216 15.26 -25.41 4.49
C MET A 216 14.74 -23.99 4.59
N ALA A 217 14.55 -23.33 3.45
CA ALA A 217 14.03 -21.97 3.45
C ALA A 217 12.62 -21.94 4.04
N GLY A 218 11.78 -22.89 3.63
CA GLY A 218 10.46 -22.98 4.22
C GLY A 218 10.52 -23.21 5.72
N GLN A 219 11.42 -24.10 6.15
CA GLN A 219 11.58 -24.36 7.57
C GLN A 219 11.91 -23.08 8.33
N VAL A 220 12.93 -22.36 7.88
CA VAL A 220 13.36 -21.16 8.60
C VAL A 220 12.27 -20.11 8.57
N VAL A 221 11.62 -19.92 7.42
CA VAL A 221 10.58 -18.90 7.33
C VAL A 221 9.45 -19.21 8.29
N ASP A 222 8.98 -20.45 8.30
CA ASP A 222 7.93 -20.83 9.24
C ASP A 222 8.39 -20.69 10.68
N SER A 223 9.67 -20.93 10.94
CA SER A 223 10.20 -20.72 12.28
C SER A 223 10.07 -19.25 12.69
N MET A 224 10.35 -18.34 11.76
CA MET A 224 10.27 -16.91 12.05
C MET A 224 8.86 -16.34 11.88
N ALA A 225 7.94 -17.10 11.32
CA ALA A 225 6.62 -16.57 10.99
C ALA A 225 5.87 -16.15 12.25
N ASP A 226 5.18 -15.01 12.16
CA ASP A 226 4.32 -14.54 13.24
C ASP A 226 3.38 -13.46 12.67
N ASP A 227 2.70 -12.75 13.55
CA ASP A 227 1.69 -11.76 13.19
C ASP A 227 2.21 -10.35 13.42
N PHE A 228 1.67 -9.41 12.65
CA PHE A 228 1.99 -7.99 12.84
C PHE A 228 1.67 -7.58 14.28
N ASN A 229 2.60 -6.87 14.90
CA ASN A 229 2.49 -6.48 16.31
C ASN A 229 2.73 -4.97 16.42
N PRO A 230 1.72 -4.15 16.09
CA PRO A 230 1.92 -2.70 16.19
C PRO A 230 2.23 -2.23 17.59
N ASP A 231 1.70 -2.91 18.61
CA ASP A 231 1.91 -2.47 19.99
C ASP A 231 3.38 -2.49 20.37
N ARG A 232 4.09 -3.53 19.98
CA ARG A 232 5.48 -3.73 20.37
C ARG A 232 6.46 -2.90 19.54
N TYR A 233 5.96 -1.98 18.71
CA TYR A 233 6.81 -1.18 17.83
C TYR A 233 6.80 0.26 18.30
N HIS A 234 7.99 0.76 18.62
CA HIS A 234 8.17 2.16 19.02
C HIS A 234 9.41 2.70 18.35
N ASP A 235 9.36 3.98 17.99
CA ASP A 235 10.51 4.65 17.38
C ASP A 235 11.55 4.87 18.46
N THR A 236 12.32 3.81 18.73
CA THR A 236 13.33 3.84 19.78
C THR A 236 14.06 5.16 19.82
N TYR A 237 14.49 5.65 18.66
CA TYR A 237 15.19 6.93 18.60
C TYR A 237 14.32 8.05 19.15
N GLN A 238 13.05 8.11 18.72
CA GLN A 238 12.19 9.17 19.19
C GLN A 238 11.97 9.09 20.69
N GLU A 239 11.79 7.88 21.22
CA GLU A 239 11.59 7.74 22.66
C GLU A 239 12.82 8.19 23.44
N GLN A 240 14.01 7.77 23.02
CA GLN A 240 15.22 8.18 23.74
C GLN A 240 15.41 9.69 23.65
N LEU A 241 15.19 10.28 22.48
CA LEU A 241 15.34 11.73 22.36
C LEU A 241 14.25 12.45 23.14
N GLN A 242 13.09 11.81 23.36
CA GLN A 242 12.08 12.42 24.20
C GLN A 242 12.50 12.37 25.67
N GLU A 243 13.13 11.29 26.10
CA GLU A 243 13.72 11.28 27.43
C GLU A 243 14.74 12.40 27.56
N LEU A 244 15.58 12.57 26.54
CA LEU A 244 16.52 13.68 26.50
C LEU A 244 15.80 15.01 26.67
N ILE A 245 14.75 15.23 25.87
CA ILE A 245 14.09 16.53 25.85
C ILE A 245 13.45 16.79 27.21
N ASP A 246 12.98 15.74 27.87
CA ASP A 246 12.42 15.88 29.20
C ASP A 246 13.49 16.28 30.21
N THR A 247 14.63 15.57 30.22
CA THR A 247 15.62 15.84 31.26
C THR A 247 16.14 17.27 31.19
N LYS A 248 16.17 17.85 29.99
CA LYS A 248 16.61 19.24 29.83
C LYS A 248 15.58 20.19 30.44
N MET B 23 21.39 7.38 -12.64
CA MET B 23 21.08 6.02 -12.11
C MET B 23 22.24 5.59 -11.21
N ARG B 24 22.08 5.58 -9.89
CA ARG B 24 23.16 5.09 -9.03
C ARG B 24 22.58 4.62 -7.71
N ALA B 25 23.17 3.55 -7.18
CA ALA B 25 22.77 3.02 -5.88
C ALA B 25 22.82 4.09 -4.79
N ILE B 26 21.99 3.91 -3.76
CA ILE B 26 22.01 4.79 -2.60
C ILE B 26 22.75 4.15 -1.42
N TRP B 27 22.88 2.83 -1.40
CA TRP B 27 23.30 2.13 -0.21
C TRP B 27 23.90 0.78 -0.60
N THR B 28 24.61 0.17 0.35
CA THR B 28 25.06 -1.20 0.21
C THR B 28 25.04 -1.86 1.59
N GLY B 29 24.92 -3.19 1.59
CA GLY B 29 24.86 -3.92 2.84
C GLY B 29 24.44 -5.36 2.61
N SER B 30 23.99 -6.00 3.69
CA SER B 30 23.60 -7.40 3.64
C SER B 30 22.50 -7.64 4.67
N ILE B 31 21.59 -8.56 4.34
CA ILE B 31 20.49 -8.90 5.23
C ILE B 31 21.05 -9.75 6.37
N ALA B 32 21.15 -9.17 7.55
CA ALA B 32 21.80 -9.82 8.68
C ALA B 32 20.90 -10.79 9.43
N PHE B 33 19.83 -11.27 8.80
CA PHE B 33 18.97 -12.26 9.44
C PHE B 33 19.69 -13.58 9.59
N GLY B 34 19.62 -14.17 10.78
CA GLY B 34 20.19 -15.48 11.02
C GLY B 34 21.61 -15.58 10.52
N LEU B 35 21.81 -16.39 9.48
CA LEU B 35 23.08 -16.49 8.79
C LEU B 35 22.97 -16.09 7.33
N VAL B 36 21.80 -15.63 6.89
CA VAL B 36 21.54 -15.52 5.46
C VAL B 36 22.50 -14.53 4.80
N ASN B 37 22.60 -13.33 5.37
CA ASN B 37 23.61 -12.36 4.96
C ASN B 37 23.82 -12.29 3.45
N VAL B 38 22.73 -12.25 2.69
CA VAL B 38 22.87 -12.11 1.23
C VAL B 38 23.32 -10.69 0.92
N PRO B 39 24.25 -10.49 -0.03
CA PRO B 39 24.58 -9.11 -0.44
C PRO B 39 23.37 -8.43 -1.05
N VAL B 40 23.23 -7.13 -0.77
CA VAL B 40 22.12 -6.34 -1.27
C VAL B 40 22.66 -4.98 -1.71
N LYS B 41 22.16 -4.49 -2.84
CA LYS B 41 22.55 -3.19 -3.39
C LYS B 41 21.28 -2.37 -3.53
N VAL B 42 20.88 -1.69 -2.44
CA VAL B 42 19.62 -0.97 -2.43
C VAL B 42 19.60 0.10 -3.52
N TYR B 43 18.42 0.33 -4.09
CA TYR B 43 18.25 1.30 -5.15
C TYR B 43 17.05 2.19 -4.85
N SER B 44 17.08 3.40 -5.42
CA SER B 44 16.00 4.35 -5.25
C SER B 44 14.81 3.91 -6.10
N ALA B 45 13.71 3.53 -5.44
CA ALA B 45 12.56 3.00 -6.17
C ALA B 45 11.96 4.06 -7.09
N THR B 46 11.68 5.25 -6.56
CA THR B 46 10.94 6.27 -7.28
C THR B 46 11.69 7.59 -7.18
N ALA B 47 12.28 8.03 -8.28
CA ALA B 47 12.93 9.33 -8.37
C ALA B 47 11.91 10.31 -8.93
N ASP B 48 11.70 11.41 -8.22
CA ASP B 48 10.71 12.39 -8.64
C ASP B 48 11.17 13.11 -9.89
N HIS B 49 10.63 12.71 -11.04
CA HIS B 49 10.95 13.36 -12.31
C HIS B 49 10.38 14.76 -12.42
N ASP B 50 9.45 15.13 -11.54
CA ASP B 50 8.87 16.47 -11.60
C ASP B 50 9.97 17.51 -11.53
N ILE B 51 9.91 18.48 -12.43
CA ILE B 51 10.98 19.47 -12.53
C ILE B 51 11.04 20.29 -11.26
N ARG B 52 12.20 20.29 -10.61
CA ARG B 52 12.48 21.20 -9.51
C ARG B 52 13.13 22.46 -10.08
N PHE B 53 12.71 23.61 -9.56
CA PHE B 53 12.72 24.84 -10.33
C PHE B 53 13.54 25.87 -9.56
N HIS B 54 14.82 25.97 -9.89
CA HIS B 54 15.74 26.87 -9.21
C HIS B 54 15.31 28.32 -9.40
N GLN B 55 15.82 29.21 -8.56
CA GLN B 55 15.53 30.63 -8.66
C GLN B 55 16.80 31.45 -8.83
N VAL B 56 16.70 32.49 -9.66
CA VAL B 56 17.80 33.41 -9.93
C VAL B 56 17.23 34.82 -9.96
N HIS B 57 17.93 35.77 -9.34
CA HIS B 57 17.43 37.14 -9.33
C HIS B 57 17.35 37.68 -10.75
N ALA B 58 16.20 38.28 -11.09
CA ALA B 58 15.97 38.69 -12.47
C ALA B 58 16.89 39.83 -12.88
N LYS B 59 16.82 40.95 -12.17
CA LYS B 59 17.44 42.18 -12.68
C LYS B 59 18.93 42.00 -12.92
N ASP B 60 19.57 41.09 -12.18
CA ASP B 60 20.98 40.78 -12.40
C ASP B 60 21.20 39.44 -13.06
N ASN B 61 20.25 38.51 -12.92
CA ASN B 61 20.41 37.14 -13.42
C ASN B 61 21.48 36.38 -12.64
N GLY B 62 21.51 36.58 -11.32
CA GLY B 62 22.46 35.90 -10.48
C GLY B 62 21.80 34.91 -9.53
N ARG B 63 22.24 33.66 -9.56
CA ARG B 63 21.66 32.65 -8.68
C ARG B 63 21.85 33.05 -7.23
N ILE B 64 20.79 32.88 -6.45
CA ILE B 64 20.74 33.36 -5.07
C ILE B 64 21.24 32.28 -4.14
N ARG B 65 21.97 32.69 -3.09
CA ARG B 65 22.46 31.79 -2.06
C ARG B 65 22.06 32.34 -0.71
N TYR B 66 21.57 31.45 0.16
CA TYR B 66 21.17 31.85 1.50
C TYR B 66 22.41 32.07 2.37
N LYS B 67 22.17 32.61 3.57
CA LYS B 67 23.24 32.79 4.55
C LYS B 67 22.62 32.86 5.93
N ARG B 68 23.22 32.12 6.87
CA ARG B 68 22.72 32.07 8.23
C ARG B 68 23.21 33.30 9.00
N VAL B 69 22.28 34.09 9.53
CA VAL B 69 22.61 35.33 10.21
C VAL B 69 21.93 35.34 11.57
N CYS B 70 22.69 35.71 12.60
CA CYS B 70 22.13 35.85 13.94
C CYS B 70 21.18 37.05 13.98
N GLU B 71 20.02 36.86 14.60
CA GLU B 71 19.01 37.91 14.63
C GLU B 71 19.52 39.13 15.39
N ALA B 72 19.88 38.94 16.66
CA ALA B 72 20.34 40.06 17.48
C ALA B 72 21.62 40.65 16.92
N CYS B 73 22.54 39.78 16.48
CA CYS B 73 23.79 40.27 15.90
C CYS B 73 23.56 40.95 14.56
N GLY B 74 22.55 40.50 13.81
CA GLY B 74 22.40 40.96 12.44
C GLY B 74 23.58 40.64 11.57
N GLU B 75 24.30 39.58 11.91
CA GLU B 75 25.56 39.25 11.25
C GLU B 75 25.55 37.78 10.84
N VAL B 76 26.19 37.50 9.70
CA VAL B 76 26.31 36.12 9.25
C VAL B 76 27.04 35.29 10.29
N VAL B 77 26.78 33.98 10.27
CA VAL B 77 27.38 33.05 11.22
C VAL B 77 27.70 31.74 10.50
N ASP B 78 28.79 31.12 10.91
CA ASP B 78 29.15 29.83 10.35
C ASP B 78 28.12 28.78 10.74
N TYR B 79 27.92 27.82 9.83
CA TYR B 79 26.92 26.78 10.06
C TYR B 79 27.28 25.96 11.29
N ARG B 80 28.56 25.62 11.46
CA ARG B 80 28.96 24.82 12.62
C ARG B 80 28.72 25.57 13.92
N ASP B 81 29.04 26.87 13.97
CA ASP B 81 28.82 27.63 15.19
C ASP B 81 27.35 27.68 15.57
N LEU B 82 26.45 27.43 14.62
CA LEU B 82 25.03 27.41 14.91
C LEU B 82 24.73 26.38 15.99
N ALA B 83 23.79 26.72 16.87
CA ALA B 83 23.35 25.82 17.93
C ALA B 83 21.95 25.33 17.61
N ARG B 84 21.82 24.03 17.38
CA ARG B 84 20.51 23.42 17.19
C ARG B 84 19.74 23.52 18.49
N ALA B 85 18.47 23.93 18.40
CA ALA B 85 17.66 24.19 19.58
C ALA B 85 16.25 23.70 19.37
N TYR B 86 15.55 23.47 20.48
CA TYR B 86 14.17 23.01 20.48
C TYR B 86 13.30 23.98 21.26
N GLU B 87 12.05 24.10 20.85
CA GLU B 87 11.09 24.99 21.49
C GLU B 87 10.10 24.17 22.29
N SER B 88 9.99 24.46 23.59
CA SER B 88 9.05 23.76 24.44
C SER B 88 7.63 24.16 24.07
N GLY B 89 6.66 23.60 24.81
CA GLY B 89 5.28 23.95 24.55
C GLY B 89 5.03 25.45 24.61
N ASP B 90 5.79 26.16 25.44
CA ASP B 90 5.76 27.61 25.50
C ASP B 90 6.69 28.26 24.49
N GLY B 91 7.42 27.48 23.72
CA GLY B 91 8.38 28.00 22.76
C GLY B 91 9.77 28.22 23.31
N GLN B 92 9.96 28.04 24.62
CA GLN B 92 11.27 28.28 25.21
C GLN B 92 12.32 27.37 24.60
N MET B 93 13.49 27.93 24.33
CA MET B 93 14.58 27.16 23.75
C MET B 93 15.00 26.03 24.68
N VAL B 94 15.86 25.16 24.17
CA VAL B 94 16.44 24.06 24.93
C VAL B 94 17.85 23.81 24.40
N ALA B 95 18.84 23.91 25.28
CA ALA B 95 20.21 23.62 24.88
C ALA B 95 20.40 22.13 24.67
N ILE B 96 21.10 21.78 23.60
CA ILE B 96 21.24 20.38 23.18
C ILE B 96 22.65 20.18 22.63
N THR B 97 23.20 18.98 22.88
CA THR B 97 24.59 18.67 22.61
C THR B 97 24.68 17.46 21.69
N ASP B 98 25.76 17.41 20.90
CA ASP B 98 25.94 16.32 19.94
C ASP B 98 26.09 14.98 20.63
N ASP B 99 26.79 14.94 21.78
CA ASP B 99 27.07 13.66 22.43
C ASP B 99 25.78 12.91 22.73
N ASP B 100 24.73 13.62 23.14
CA ASP B 100 23.47 12.96 23.45
C ASP B 100 22.92 12.24 22.23
N ILE B 101 22.96 12.89 21.07
CA ILE B 101 22.54 12.24 19.84
C ILE B 101 23.43 11.04 19.54
N ALA B 102 24.74 11.21 19.72
CA ALA B 102 25.67 10.11 19.49
C ALA B 102 25.44 8.95 20.45
N SER B 103 24.69 9.18 21.54
CA SER B 103 24.48 8.13 22.51
C SER B 103 23.83 6.89 21.89
N LEU B 104 22.83 7.10 21.03
CA LEU B 104 22.09 5.97 20.46
C LEU B 104 22.98 5.23 19.47
N PRO B 105 23.14 3.91 19.61
CA PRO B 105 24.06 3.18 18.73
C PRO B 105 23.44 2.63 17.45
N GLU B 106 22.11 2.55 17.35
CA GLU B 106 21.49 1.91 16.19
C GLU B 106 21.94 2.55 14.90
N GLU B 107 22.30 3.84 14.93
CA GLU B 107 22.79 4.50 13.72
C GLU B 107 23.97 3.74 13.12
N ARG B 108 24.81 3.14 13.95
CA ARG B 108 26.00 2.45 13.43
C ARG B 108 25.61 1.31 12.50
N SER B 109 24.60 0.53 12.89
CA SER B 109 24.23 -0.67 12.14
C SER B 109 24.09 -0.35 10.66
N ARG B 110 24.94 -0.98 9.84
CA ARG B 110 24.94 -0.80 8.40
C ARG B 110 24.42 -2.03 7.66
N GLU B 111 23.74 -2.93 8.35
CA GLU B 111 23.14 -4.11 7.75
C GLU B 111 21.65 -4.11 8.01
N ILE B 112 20.88 -4.58 7.03
CA ILE B 112 19.42 -4.59 7.12
C ILE B 112 19.06 -5.86 7.89
N GLU B 113 19.03 -5.75 9.22
CA GLU B 113 18.59 -6.87 10.04
C GLU B 113 17.12 -7.15 9.78
N VAL B 114 16.62 -8.22 10.39
CA VAL B 114 15.23 -8.62 10.23
C VAL B 114 14.67 -8.95 11.60
N LEU B 115 13.41 -8.60 11.82
CA LEU B 115 12.74 -8.80 13.10
C LEU B 115 11.78 -9.97 13.06
N GLU B 116 10.83 -9.97 12.12
CA GLU B 116 9.86 -11.05 12.00
C GLU B 116 9.39 -11.14 10.56
N PHE B 117 8.62 -12.20 10.28
CA PHE B 117 7.91 -12.35 9.02
C PHE B 117 6.41 -12.26 9.31
N VAL B 118 5.68 -11.60 8.43
CA VAL B 118 4.26 -11.31 8.67
C VAL B 118 3.47 -11.63 7.40
N PRO B 119 2.20 -12.05 7.51
CA PRO B 119 1.42 -12.28 6.29
C PRO B 119 1.26 -11.01 5.48
N ALA B 120 1.21 -11.16 4.16
CA ALA B 120 1.17 -10.00 3.28
C ALA B 120 -0.04 -9.13 3.57
N ALA B 121 -1.22 -9.74 3.74
CA ALA B 121 -2.43 -8.96 3.98
C ALA B 121 -2.43 -8.27 5.34
N ASP B 122 -1.51 -8.63 6.22
CA ASP B 122 -1.53 -8.09 7.57
C ASP B 122 -1.28 -6.58 7.57
N VAL B 123 -0.34 -6.12 6.76
CA VAL B 123 0.03 -4.71 6.77
C VAL B 123 -1.04 -3.89 6.07
N ASP B 124 -1.32 -2.70 6.60
CA ASP B 124 -2.27 -1.81 5.96
C ASP B 124 -1.62 -1.13 4.75
N PRO B 125 -2.41 -0.73 3.74
CA PRO B 125 -1.82 -0.09 2.57
C PRO B 125 -1.51 1.39 2.77
N MET B 126 -1.51 1.85 4.02
CA MET B 126 -1.23 3.25 4.32
C MET B 126 0.02 3.47 5.15
N MET B 127 0.63 2.42 5.71
CA MET B 127 1.79 2.62 6.54
C MET B 127 3.04 2.90 5.72
N PHE B 128 3.20 2.26 4.57
CA PHE B 128 4.41 2.39 3.77
C PHE B 128 4.23 3.45 2.69
N ASP B 129 5.19 4.36 2.59
CA ASP B 129 5.13 5.48 1.66
C ASP B 129 6.20 5.40 0.58
N ARG B 130 7.48 5.30 0.96
CA ARG B 130 8.58 5.28 0.01
C ARG B 130 9.05 3.86 -0.21
N SER B 131 9.37 3.54 -1.47
CA SER B 131 9.79 2.21 -1.87
C SER B 131 11.29 2.16 -2.11
N TYR B 132 11.82 0.94 -2.19
CA TYR B 132 13.24 0.73 -2.46
C TYR B 132 13.43 -0.69 -2.99
N PHE B 133 14.13 -0.82 -4.12
CA PHE B 133 14.48 -2.11 -4.68
C PHE B 133 15.69 -2.70 -3.96
N LEU B 134 15.93 -3.99 -4.20
CA LEU B 134 17.12 -4.68 -3.71
C LEU B 134 17.84 -5.32 -4.87
N GLU B 135 19.12 -5.64 -4.67
CA GLU B 135 19.96 -6.15 -5.75
C GLU B 135 21.12 -6.94 -5.18
N PRO B 136 21.46 -8.10 -5.76
CA PRO B 136 22.56 -8.89 -5.21
C PRO B 136 23.91 -8.50 -5.79
N ASP B 137 24.96 -9.18 -5.36
CA ASP B 137 26.26 -9.11 -5.99
C ASP B 137 26.58 -10.45 -6.62
N SER B 138 27.24 -10.41 -7.79
CA SER B 138 27.35 -11.61 -8.64
C SER B 138 27.73 -12.86 -7.87
N LYS B 139 28.47 -12.71 -6.77
CA LYS B 139 29.03 -13.88 -6.09
C LYS B 139 27.94 -14.84 -5.63
N SER B 140 26.87 -14.32 -5.03
CA SER B 140 25.89 -15.17 -4.35
C SER B 140 24.47 -14.86 -4.83
N SER B 141 24.30 -14.63 -6.13
CA SER B 141 22.97 -14.37 -6.66
C SER B 141 22.00 -15.51 -6.34
N LYS B 142 22.52 -16.74 -6.26
CA LYS B 142 21.64 -17.88 -6.03
C LYS B 142 20.91 -17.77 -4.69
N SER B 143 21.62 -17.37 -3.63
CA SER B 143 20.98 -17.24 -2.33
C SER B 143 19.90 -16.16 -2.36
N TYR B 144 20.20 -15.03 -3.01
CA TYR B 144 19.21 -13.97 -3.14
C TYR B 144 17.95 -14.49 -3.83
N VAL B 145 18.12 -15.18 -4.95
CA VAL B 145 16.97 -15.65 -5.72
C VAL B 145 16.17 -16.66 -4.91
N LEU B 146 16.86 -17.54 -4.18
CA LEU B 146 16.15 -18.53 -3.38
C LEU B 146 15.37 -17.86 -2.26
N LEU B 147 15.95 -16.87 -1.59
CA LEU B 147 15.22 -16.16 -0.55
C LEU B 147 13.99 -15.47 -1.14
N ALA B 148 14.14 -14.86 -2.31
CA ALA B 148 13.01 -14.20 -2.94
C ALA B 148 11.91 -15.20 -3.27
N LYS B 149 12.29 -16.37 -3.80
CA LYS B 149 11.29 -17.38 -4.13
C LYS B 149 10.58 -17.89 -2.88
N THR B 150 11.32 -18.11 -1.79
CA THR B 150 10.70 -18.55 -0.56
C THR B 150 9.71 -17.49 -0.05
N LEU B 151 10.11 -16.23 -0.10
CA LEU B 151 9.21 -15.16 0.33
C LEU B 151 7.96 -15.12 -0.53
N ALA B 152 8.11 -15.26 -1.84
CA ALA B 152 6.94 -15.26 -2.72
C ALA B 152 6.02 -16.43 -2.40
N GLU B 153 6.58 -17.63 -2.23
CA GLU B 153 5.75 -18.80 -1.96
C GLU B 153 5.02 -18.66 -0.64
N THR B 154 5.73 -18.36 0.44
CA THR B 154 5.08 -18.20 1.73
C THR B 154 4.13 -17.01 1.73
N ASP B 155 4.37 -16.02 0.86
CA ASP B 155 3.50 -14.86 0.73
C ASP B 155 3.32 -14.15 2.07
N ARG B 156 4.41 -14.06 2.83
CA ARG B 156 4.42 -13.35 4.11
C ARG B 156 5.53 -12.32 4.07
N MET B 157 5.20 -11.07 4.36
CA MET B 157 6.18 -9.99 4.32
C MET B 157 7.26 -10.22 5.36
N ALA B 158 8.27 -9.35 5.33
CA ALA B 158 9.32 -9.32 6.33
C ALA B 158 9.42 -7.89 6.85
N ILE B 159 9.33 -7.73 8.16
CA ILE B 159 9.41 -6.41 8.78
C ILE B 159 10.88 -6.17 9.13
N VAL B 160 11.56 -5.42 8.27
CA VAL B 160 13.01 -5.25 8.34
C VAL B 160 13.32 -3.94 9.05
N HIS B 161 14.19 -4.01 10.07
CA HIS B 161 14.60 -2.84 10.83
C HIS B 161 15.62 -2.05 10.01
N PHE B 162 15.11 -1.47 8.92
CA PHE B 162 15.93 -0.70 8.00
C PHE B 162 16.75 0.36 8.74
N THR B 163 17.92 0.69 8.18
CA THR B 163 18.75 1.78 8.66
C THR B 163 19.25 2.56 7.46
N LEU B 164 19.52 3.85 7.65
CA LEU B 164 19.99 4.66 6.55
C LEU B 164 20.50 6.00 7.07
N ARG B 165 21.65 6.43 6.56
CA ARG B 165 22.20 7.76 6.81
C ARG B 165 22.04 8.16 8.28
N ASN B 166 22.68 7.37 9.14
CA ASN B 166 22.64 7.59 10.59
C ASN B 166 21.22 7.77 11.12
N LYS B 167 20.24 7.24 10.39
CA LYS B 167 18.85 7.31 10.77
C LYS B 167 18.24 5.94 10.62
N THR B 168 17.34 5.59 11.53
CA THR B 168 16.70 4.28 11.55
C THR B 168 15.21 4.44 11.27
N ARG B 169 14.69 3.66 10.33
CA ARG B 169 13.30 3.76 9.91
C ARG B 169 12.73 2.37 9.75
N LEU B 170 11.61 2.10 10.42
CA LEU B 170 10.93 0.83 10.23
C LEU B 170 10.48 0.69 8.79
N ALA B 171 10.54 -0.53 8.26
CA ALA B 171 10.24 -0.74 6.86
C ALA B 171 9.76 -2.18 6.65
N ALA B 172 9.06 -2.37 5.54
CA ALA B 172 8.53 -3.67 5.16
C ALA B 172 9.30 -4.21 3.96
N LEU B 173 9.29 -5.54 3.84
CA LEU B 173 10.03 -6.23 2.79
C LEU B 173 9.10 -7.25 2.13
N ARG B 174 8.92 -7.10 0.82
CA ARG B 174 8.08 -8.02 0.05
C ARG B 174 8.71 -8.17 -1.33
N VAL B 175 8.04 -8.95 -2.18
CA VAL B 175 8.48 -9.18 -3.55
C VAL B 175 7.35 -8.75 -4.49
N LYS B 176 7.70 -7.98 -5.52
CA LYS B 176 6.78 -7.59 -6.58
C LYS B 176 7.34 -8.16 -7.88
N ASP B 177 6.94 -9.38 -8.21
CA ASP B 177 7.43 -10.03 -9.41
C ASP B 177 7.16 -9.17 -10.63
N PHE B 178 8.22 -8.70 -11.27
CA PHE B 178 8.09 -8.02 -12.55
C PHE B 178 7.83 -9.06 -13.65
N GLY B 179 7.52 -8.55 -14.85
CA GLY B 179 7.14 -9.44 -15.93
C GLY B 179 8.21 -10.48 -16.24
N LYS B 180 9.46 -10.04 -16.31
CA LYS B 180 10.57 -10.93 -16.67
C LYS B 180 11.30 -11.48 -15.45
N ARG B 181 11.49 -10.67 -14.42
CA ARG B 181 12.28 -11.05 -13.26
C ARG B 181 11.49 -10.78 -12.00
N GLU B 182 11.85 -11.48 -10.92
CA GLU B 182 11.22 -11.31 -9.62
C GLU B 182 12.26 -10.79 -8.65
N VAL B 183 12.06 -9.56 -8.16
CA VAL B 183 13.02 -8.87 -7.31
C VAL B 183 12.32 -8.48 -6.01
N MET B 184 12.97 -8.75 -4.89
CA MET B 184 12.42 -8.34 -3.61
C MET B 184 12.56 -6.84 -3.44
N MET B 185 11.56 -6.23 -2.79
CA MET B 185 11.49 -4.79 -2.62
C MET B 185 11.28 -4.47 -1.15
N VAL B 186 11.76 -3.30 -0.74
CA VAL B 186 11.59 -2.80 0.62
C VAL B 186 11.02 -1.39 0.54
N HIS B 187 9.93 -1.15 1.27
CA HIS B 187 9.34 0.18 1.39
C HIS B 187 9.44 0.63 2.84
N THR B 188 9.91 1.86 3.05
CA THR B 188 9.95 2.41 4.39
C THR B 188 8.54 2.50 4.95
N LEU B 189 8.37 2.05 6.18
CA LEU B 189 7.06 1.90 6.80
C LEU B 189 6.92 2.95 7.90
N LEU B 190 5.87 3.75 7.83
CA LEU B 190 5.64 4.75 8.86
C LEU B 190 5.53 4.09 10.23
N TRP B 191 6.10 4.72 11.23
CA TRP B 191 6.03 4.17 12.58
C TRP B 191 4.57 4.09 13.00
N PRO B 192 4.06 2.91 13.38
CA PRO B 192 2.64 2.81 13.77
C PRO B 192 2.24 3.77 14.87
N ASP B 193 3.20 4.43 15.54
CA ASP B 193 2.84 5.47 16.49
C ASP B 193 2.43 6.74 15.78
N GLU B 194 3.07 7.06 14.65
CA GLU B 194 2.80 8.31 13.95
C GLU B 194 1.36 8.36 13.45
N ILE B 195 0.85 7.25 12.92
CA ILE B 195 -0.51 7.23 12.41
C ILE B 195 -1.46 7.72 13.49
N ARG B 196 -2.41 8.56 13.09
CA ARG B 196 -3.38 9.17 14.00
C ARG B 196 -4.76 8.58 13.73
N ASP B 197 -5.39 8.09 14.79
CA ASP B 197 -6.76 7.61 14.65
C ASP B 197 -7.73 8.78 14.59
N PRO B 198 -8.91 8.60 14.01
CA PRO B 198 -9.86 9.70 13.90
C PRO B 198 -10.84 9.76 15.08
N ASP B 199 -11.09 10.97 15.54
CA ASP B 199 -12.15 11.27 16.50
C ASP B 199 -13.25 11.96 15.72
N PHE B 200 -14.31 11.20 15.39
CA PHE B 200 -15.36 11.65 14.49
C PHE B 200 -16.71 11.57 15.20
N PRO B 201 -16.95 12.46 16.16
CA PRO B 201 -18.25 12.41 16.86
C PRO B 201 -19.43 12.53 15.91
N VAL B 202 -19.31 13.35 14.87
CA VAL B 202 -20.40 13.52 13.92
C VAL B 202 -20.69 12.19 13.22
N LEU B 203 -19.65 11.49 12.79
CA LEU B 203 -19.86 10.22 12.10
C LEU B 203 -20.39 9.15 13.05
N ASP B 204 -20.17 9.30 14.35
CA ASP B 204 -20.75 8.36 15.31
C ASP B 204 -22.26 8.36 15.27
N GLN B 205 -22.87 9.44 14.77
CA GLN B 205 -24.32 9.51 14.68
C GLN B 205 -24.85 8.35 13.85
N LYS B 206 -25.90 7.71 14.35
CA LYS B 206 -26.44 6.54 13.67
C LYS B 206 -27.05 6.93 12.33
N VAL B 207 -26.81 6.10 11.31
CA VAL B 207 -27.24 6.37 9.96
C VAL B 207 -28.12 5.22 9.47
N GLU B 208 -28.95 5.53 8.47
CA GLU B 208 -29.92 4.58 7.96
C GLU B 208 -29.82 4.51 6.45
N ILE B 209 -30.26 3.38 5.90
CA ILE B 209 -30.15 3.10 4.47
C ILE B 209 -31.39 2.33 4.03
N LYS B 210 -31.81 2.54 2.79
CA LYS B 210 -32.92 1.83 2.19
C LYS B 210 -32.44 0.99 1.00
N PRO B 211 -33.18 -0.06 0.64
CA PRO B 211 -32.63 -1.01 -0.34
C PRO B 211 -32.61 -0.50 -1.76
N ALA B 212 -33.67 0.17 -2.22
CA ALA B 212 -33.74 0.58 -3.62
C ALA B 212 -32.60 1.54 -3.95
N GLU B 213 -32.37 2.52 -3.09
CA GLU B 213 -31.27 3.45 -3.32
C GLU B 213 -29.93 2.73 -3.32
N LEU B 214 -29.75 1.79 -2.40
CA LEU B 214 -28.49 1.05 -2.35
C LEU B 214 -28.25 0.30 -3.65
N LYS B 215 -29.27 -0.39 -4.16
CA LYS B 215 -29.09 -1.15 -5.39
C LYS B 215 -28.87 -0.23 -6.59
N MET B 216 -29.55 0.92 -6.62
CA MET B 216 -29.32 1.87 -7.69
C MET B 216 -27.88 2.38 -7.67
N ALA B 217 -27.37 2.69 -6.48
CA ALA B 217 -25.98 3.15 -6.37
C ALA B 217 -25.01 2.05 -6.77
N GLY B 218 -25.30 0.81 -6.39
CA GLY B 218 -24.46 -0.30 -6.84
C GLY B 218 -24.45 -0.44 -8.34
N GLN B 219 -25.62 -0.28 -8.97
CA GLN B 219 -25.68 -0.32 -10.42
C GLN B 219 -24.85 0.80 -11.04
N VAL B 220 -24.94 2.01 -10.47
CA VAL B 220 -24.15 3.12 -10.98
C VAL B 220 -22.66 2.81 -10.85
N VAL B 221 -22.25 2.30 -9.70
CA VAL B 221 -20.84 1.97 -9.48
C VAL B 221 -20.37 0.95 -10.49
N ASP B 222 -21.17 -0.11 -10.70
CA ASP B 222 -20.81 -1.11 -11.71
C ASP B 222 -20.74 -0.49 -13.10
N SER B 223 -21.59 0.49 -13.39
CA SER B 223 -21.49 1.21 -14.65
C SER B 223 -20.15 1.92 -14.76
N MET B 224 -19.69 2.51 -13.66
CA MET B 224 -18.39 3.18 -13.65
C MET B 224 -17.22 2.19 -13.56
N ALA B 225 -17.48 0.91 -13.32
CA ALA B 225 -16.42 -0.05 -13.14
C ALA B 225 -15.50 -0.09 -14.35
N ASP B 226 -14.19 -0.17 -14.10
CA ASP B 226 -13.19 -0.23 -15.16
C ASP B 226 -11.85 -0.60 -14.53
N ASP B 227 -10.92 -0.99 -15.37
CA ASP B 227 -9.61 -1.49 -14.94
C ASP B 227 -8.60 -0.34 -14.86
N PHE B 228 -7.59 -0.55 -14.01
CA PHE B 228 -6.48 0.39 -13.92
C PHE B 228 -5.83 0.56 -15.29
N ASN B 229 -5.59 1.81 -15.68
CA ASN B 229 -5.00 2.14 -16.98
C ASN B 229 -3.82 3.07 -16.76
N PRO B 230 -2.68 2.54 -16.34
CA PRO B 230 -1.50 3.40 -16.13
C PRO B 230 -1.05 4.11 -17.39
N ASP B 231 -1.23 3.49 -18.57
CA ASP B 231 -0.74 4.10 -19.80
C ASP B 231 -1.40 5.44 -20.06
N ARG B 232 -2.71 5.53 -19.87
CA ARG B 232 -3.45 6.76 -20.12
C ARG B 232 -3.21 7.81 -19.04
N TYR B 233 -2.55 7.44 -17.94
CA TYR B 233 -2.44 8.31 -16.77
C TYR B 233 -1.13 9.08 -16.86
N HIS B 234 -1.23 10.41 -16.92
CA HIS B 234 -0.07 11.28 -17.02
C HIS B 234 -0.28 12.50 -16.15
N ASP B 235 0.82 13.15 -15.79
CA ASP B 235 0.79 14.41 -15.05
C ASP B 235 0.62 15.53 -16.07
N THR B 236 -0.63 15.94 -16.29
CA THR B 236 -0.89 16.98 -17.28
C THR B 236 -0.02 18.19 -17.05
N TYR B 237 0.12 18.61 -15.79
CA TYR B 237 0.92 19.80 -15.49
C TYR B 237 2.36 19.60 -15.91
N GLN B 238 2.94 18.43 -15.62
CA GLN B 238 4.34 18.20 -15.96
C GLN B 238 4.54 18.26 -17.46
N GLU B 239 3.66 17.61 -18.23
CA GLU B 239 3.78 17.64 -19.67
C GLU B 239 3.67 19.06 -20.21
N GLN B 240 2.68 19.81 -19.72
CA GLN B 240 2.49 21.17 -20.23
C GLN B 240 3.70 22.04 -19.91
N LEU B 241 4.21 21.95 -18.69
CA LEU B 241 5.35 22.80 -18.32
C LEU B 241 6.61 22.37 -19.06
N GLN B 242 6.78 21.07 -19.30
CA GLN B 242 7.92 20.61 -20.07
C GLN B 242 7.87 21.15 -21.49
N GLU B 243 6.69 21.09 -22.12
CA GLU B 243 6.53 21.69 -23.44
C GLU B 243 6.82 23.18 -23.39
N LEU B 244 6.37 23.86 -22.33
CA LEU B 244 6.65 25.29 -22.19
C LEU B 244 8.16 25.55 -22.20
N ILE B 245 8.90 24.85 -21.34
CA ILE B 245 10.34 25.11 -21.28
C ILE B 245 10.97 24.80 -22.62
N ASP B 246 10.46 23.77 -23.31
CA ASP B 246 10.92 23.51 -24.67
C ASP B 246 10.72 24.73 -25.56
N THR B 247 9.57 25.39 -25.43
CA THR B 247 9.36 26.64 -26.17
C THR B 247 10.43 27.67 -25.78
N LYS B 248 10.70 27.81 -24.48
CA LYS B 248 11.65 28.82 -24.04
C LYS B 248 13.03 28.57 -24.63
N LEU B 249 13.47 27.32 -24.65
CA LEU B 249 14.75 26.96 -25.24
C LEU B 249 14.61 26.72 -26.74
N MET I 23 49.82 -55.61 -3.90
CA MET I 23 50.14 -54.77 -2.72
C MET I 23 51.24 -55.42 -1.90
N ARG I 24 52.42 -54.80 -1.88
CA ARG I 24 53.58 -55.30 -1.16
C ARG I 24 54.09 -54.22 -0.20
N ALA I 25 54.67 -54.67 0.90
CA ALA I 25 55.19 -53.74 1.89
C ALA I 25 56.22 -52.82 1.27
N ILE I 26 56.14 -51.53 1.60
CA ILE I 26 57.12 -50.58 1.09
C ILE I 26 58.52 -50.95 1.58
N TRP I 27 58.64 -51.29 2.86
CA TRP I 27 59.93 -51.64 3.44
C TRP I 27 59.69 -52.37 4.76
N THR I 28 60.78 -52.89 5.30
CA THR I 28 60.75 -53.65 6.56
C THR I 28 61.55 -52.87 7.60
N GLY I 29 60.87 -51.95 8.30
CA GLY I 29 61.47 -51.17 9.35
C GLY I 29 61.14 -51.78 10.70
N SER I 30 62.18 -52.13 11.46
CA SER I 30 62.01 -52.76 12.76
C SER I 30 61.92 -51.68 13.84
N ILE I 31 60.95 -51.84 14.74
CA ILE I 31 60.69 -50.85 15.77
C ILE I 31 61.55 -51.19 16.98
N ALA I 32 62.43 -50.26 17.35
CA ALA I 32 63.39 -50.45 18.43
C ALA I 32 62.92 -49.71 19.67
N PHE I 33 62.82 -50.41 20.80
CA PHE I 33 62.48 -49.80 22.07
C PHE I 33 63.22 -50.58 23.15
N GLY I 34 64.18 -49.92 23.80
CA GLY I 34 65.02 -50.63 24.75
C GLY I 34 65.74 -51.76 24.05
N LEU I 35 65.69 -52.95 24.64
CA LEU I 35 66.31 -54.13 24.06
C LEU I 35 65.36 -54.90 23.15
N VAL I 36 64.07 -54.90 23.45
CA VAL I 36 63.10 -55.66 22.66
C VAL I 36 62.78 -54.88 21.39
N ASN I 37 62.91 -55.53 20.24
CA ASN I 37 62.61 -54.94 18.95
C ASN I 37 61.69 -55.86 18.17
N VAL I 38 60.71 -55.27 17.50
CA VAL I 38 59.74 -56.02 16.70
C VAL I 38 59.92 -55.67 15.23
N PRO I 39 60.48 -56.56 14.40
CA PRO I 39 60.53 -56.26 12.97
C PRO I 39 59.12 -56.23 12.39
N VAL I 40 58.77 -55.09 11.80
CA VAL I 40 57.41 -54.84 11.32
C VAL I 40 57.48 -54.27 9.91
N LYS I 41 56.62 -54.76 9.03
CA LYS I 41 56.54 -54.29 7.66
C LYS I 41 55.55 -53.13 7.55
N VAL I 42 55.80 -52.25 6.59
CA VAL I 42 54.96 -51.09 6.35
C VAL I 42 54.17 -51.32 5.07
N TYR I 43 52.86 -51.16 5.14
CA TYR I 43 51.98 -51.29 3.99
C TYR I 43 51.27 -49.97 3.77
N SER I 44 51.28 -49.50 2.52
CA SER I 44 50.60 -48.25 2.19
C SER I 44 49.13 -48.34 2.58
N ALA I 45 48.69 -47.43 3.44
CA ALA I 45 47.31 -47.42 3.91
C ALA I 45 46.37 -46.72 2.95
N THR I 46 46.88 -46.07 1.92
CA THR I 46 46.04 -45.30 1.01
C THR I 46 46.66 -45.32 -0.37
N ALA I 47 45.83 -45.06 -1.37
CA ALA I 47 46.28 -44.96 -2.75
C ALA I 47 45.20 -44.27 -3.56
N ASP I 48 45.55 -43.19 -4.24
CA ASP I 48 44.58 -42.46 -5.02
C ASP I 48 43.95 -43.37 -6.07
N HIS I 49 42.64 -43.26 -6.22
CA HIS I 49 41.89 -44.05 -7.19
C HIS I 49 41.62 -43.29 -8.47
N ASP I 50 42.31 -42.16 -8.68
CA ASP I 50 42.17 -41.42 -9.92
C ASP I 50 42.67 -42.26 -11.09
N ILE I 51 42.01 -42.10 -12.25
CA ILE I 51 42.43 -42.82 -13.44
C ILE I 51 43.83 -42.36 -13.83
N ARG I 52 44.63 -43.31 -14.32
CA ARG I 52 45.99 -43.02 -14.72
C ARG I 52 46.01 -42.51 -16.16
N PHE I 53 46.76 -41.44 -16.39
CA PHE I 53 46.89 -40.83 -17.72
C PHE I 53 48.35 -40.61 -18.03
N HIS I 54 48.73 -40.90 -19.28
CA HIS I 54 50.07 -40.61 -19.78
C HIS I 54 49.94 -39.74 -21.02
N GLN I 55 50.70 -38.65 -21.05
CA GLN I 55 50.65 -37.74 -22.18
C GLN I 55 50.97 -38.48 -23.47
N VAL I 56 50.02 -38.49 -24.39
CA VAL I 56 50.14 -39.23 -25.65
C VAL I 56 49.77 -38.30 -26.79
N HIS I 57 50.59 -38.27 -27.84
CA HIS I 57 50.28 -37.49 -29.03
C HIS I 57 49.12 -38.14 -29.77
N ALA I 58 48.15 -37.31 -30.17
CA ALA I 58 46.96 -37.84 -30.84
C ALA I 58 47.33 -38.54 -32.15
N LYS I 59 48.08 -37.85 -33.02
CA LYS I 59 48.45 -38.45 -34.29
C LYS I 59 49.34 -39.68 -34.08
N ASP I 60 50.30 -39.58 -33.16
CA ASP I 60 51.17 -40.71 -32.88
C ASP I 60 50.43 -41.81 -32.13
N ASN I 61 49.54 -41.43 -31.22
CA ASN I 61 48.86 -42.37 -30.34
C ASN I 61 49.87 -43.16 -29.51
N GLY I 62 51.00 -42.54 -29.18
CA GLY I 62 52.01 -43.16 -28.37
C GLY I 62 52.41 -42.25 -27.23
N ARG I 63 53.03 -42.86 -26.21
CA ARG I 63 53.43 -42.13 -25.02
C ARG I 63 54.36 -40.97 -25.40
N ILE I 64 54.53 -40.05 -24.46
CA ILE I 64 55.36 -38.87 -24.64
C ILE I 64 56.46 -38.89 -23.60
N ARG I 65 57.72 -38.86 -24.07
CA ARG I 65 58.89 -38.80 -23.22
C ARG I 65 59.61 -37.48 -23.44
N TYR I 66 60.24 -36.96 -22.39
CA TYR I 66 60.93 -35.69 -22.43
C TYR I 66 62.38 -35.88 -22.03
N LYS I 67 63.27 -35.21 -22.77
CA LYS I 67 64.67 -35.10 -22.39
C LYS I 67 64.94 -33.70 -21.87
N ARG I 68 66.01 -33.58 -21.10
CA ARG I 68 66.30 -32.37 -20.32
C ARG I 68 67.32 -31.55 -21.11
N VAL I 69 66.93 -30.32 -21.47
CA VAL I 69 67.69 -29.50 -22.41
C VAL I 69 68.27 -28.31 -21.67
N CYS I 70 69.57 -28.09 -21.85
CA CYS I 70 70.22 -26.87 -21.39
C CYS I 70 69.50 -25.65 -21.93
N GLU I 71 69.27 -24.66 -21.07
CA GLU I 71 68.74 -23.38 -21.53
C GLU I 71 69.74 -22.70 -22.46
N ALA I 72 70.91 -22.37 -21.95
CA ALA I 72 71.91 -21.69 -22.76
C ALA I 72 72.45 -22.59 -23.86
N CYS I 73 72.73 -23.85 -23.54
CA CYS I 73 73.39 -24.72 -24.51
C CYS I 73 72.42 -25.14 -25.61
N GLY I 74 71.14 -25.30 -25.26
CA GLY I 74 70.19 -25.88 -26.19
C GLY I 74 70.52 -27.32 -26.53
N GLU I 75 71.07 -28.06 -25.58
CA GLU I 75 71.52 -29.43 -25.80
C GLU I 75 71.02 -30.32 -24.66
N VAL I 76 70.69 -31.56 -25.00
CA VAL I 76 70.14 -32.48 -24.02
C VAL I 76 71.21 -32.83 -22.97
N VAL I 77 70.84 -32.73 -21.71
CA VAL I 77 71.73 -33.05 -20.59
C VAL I 77 71.07 -34.12 -19.74
N ASP I 78 71.82 -35.17 -19.42
CA ASP I 78 71.31 -36.24 -18.58
C ASP I 78 71.41 -35.87 -17.11
N TYR I 79 70.69 -36.62 -16.27
CA TYR I 79 70.66 -36.32 -14.85
C TYR I 79 72.05 -36.47 -14.22
N ARG I 80 72.77 -37.52 -14.58
CA ARG I 80 74.09 -37.74 -13.99
C ARG I 80 75.03 -36.57 -14.30
N ASP I 81 75.01 -36.09 -15.54
CA ASP I 81 75.79 -34.91 -15.89
C ASP I 81 75.27 -33.65 -15.22
N LEU I 82 74.08 -33.69 -14.65
CA LEU I 82 73.46 -32.52 -14.03
C LEU I 82 73.71 -32.52 -12.53
N ALA I 83 74.22 -31.40 -12.03
CA ALA I 83 74.47 -31.21 -10.60
C ALA I 83 73.40 -30.30 -10.04
N ARG I 84 72.63 -30.80 -9.09
CA ARG I 84 71.51 -30.04 -8.54
C ARG I 84 71.99 -28.82 -7.78
N ALA I 85 71.25 -27.72 -7.91
CA ALA I 85 71.54 -26.50 -7.17
C ALA I 85 70.24 -25.75 -6.94
N TYR I 86 70.23 -24.91 -5.91
CA TYR I 86 69.02 -24.19 -5.52
C TYR I 86 68.97 -22.83 -6.21
N GLU I 87 67.77 -22.47 -6.67
CA GLU I 87 67.55 -21.20 -7.37
C GLU I 87 67.24 -20.13 -6.32
N SER I 88 68.30 -19.46 -5.85
CA SER I 88 68.12 -18.32 -4.98
C SER I 88 67.57 -17.14 -5.77
N GLY I 89 67.20 -16.07 -5.06
CA GLY I 89 66.74 -14.87 -5.73
C GLY I 89 67.75 -14.36 -6.72
N ASP I 90 69.04 -14.57 -6.46
CA ASP I 90 70.07 -14.22 -7.43
C ASP I 90 70.06 -15.17 -8.62
N GLY I 91 69.65 -16.41 -8.41
CA GLY I 91 69.69 -17.42 -9.45
C GLY I 91 71.01 -18.15 -9.56
N GLN I 92 72.02 -17.74 -8.79
CA GLN I 92 73.32 -18.41 -8.84
C GLN I 92 73.23 -19.81 -8.24
N MET I 93 74.12 -20.68 -8.70
CA MET I 93 74.15 -22.05 -8.22
C MET I 93 74.37 -22.10 -6.71
N VAL I 94 73.65 -22.99 -6.06
CA VAL I 94 73.91 -23.37 -4.67
C VAL I 94 74.19 -24.87 -4.69
N ALA I 95 75.45 -25.23 -4.83
CA ALA I 95 75.82 -26.63 -4.96
C ALA I 95 75.50 -27.40 -3.69
N ILE I 96 75.04 -28.64 -3.87
CA ILE I 96 74.71 -29.53 -2.76
C ILE I 96 75.42 -30.87 -2.98
N THR I 97 76.02 -31.38 -1.92
CA THR I 97 76.72 -32.66 -1.95
C THR I 97 75.95 -33.67 -1.11
N ASP I 98 75.92 -34.92 -1.60
CA ASP I 98 75.20 -35.98 -0.92
C ASP I 98 75.85 -36.36 0.41
N ASP I 99 77.06 -35.87 0.70
CA ASP I 99 77.72 -36.21 1.95
C ASP I 99 76.92 -35.74 3.15
N ASP I 100 76.35 -34.53 3.07
CA ASP I 100 75.62 -33.98 4.20
C ASP I 100 74.42 -34.85 4.56
N ILE I 101 73.64 -35.25 3.56
CA ILE I 101 72.47 -36.09 3.82
C ILE I 101 72.91 -37.49 4.25
N ALA I 102 73.96 -38.02 3.63
CA ALA I 102 74.42 -39.36 3.98
C ALA I 102 74.95 -39.42 5.41
N SER I 103 75.48 -38.31 5.93
CA SER I 103 76.10 -38.33 7.25
C SER I 103 75.08 -38.57 8.36
N LEU I 104 73.83 -38.22 8.15
CA LEU I 104 72.82 -38.36 9.19
C LEU I 104 72.65 -39.83 9.55
N PRO I 105 72.85 -40.22 10.81
CA PRO I 105 72.62 -41.62 11.18
C PRO I 105 71.18 -42.06 10.96
N GLU I 106 70.21 -41.17 11.14
CA GLU I 106 68.81 -41.56 11.03
C GLU I 106 68.48 -42.09 9.65
N GLU I 107 68.85 -41.34 8.60
CA GLU I 107 68.47 -41.74 7.25
C GLU I 107 69.14 -43.04 6.84
N ARG I 108 70.38 -43.27 7.29
CA ARG I 108 71.05 -44.53 6.97
C ARG I 108 70.28 -45.71 7.54
N SER I 109 69.78 -45.59 8.75
CA SER I 109 69.07 -46.69 9.40
C SER I 109 67.88 -47.13 8.54
N ARG I 110 67.76 -48.45 8.35
CA ARG I 110 66.63 -49.03 7.66
C ARG I 110 65.55 -49.50 8.62
N GLU I 111 65.72 -49.25 9.92
CA GLU I 111 64.73 -49.60 10.94
C GLU I 111 64.11 -48.32 11.49
N ILE I 112 63.00 -48.49 12.20
CA ILE I 112 62.22 -47.38 12.74
C ILE I 112 62.46 -47.30 14.23
N GLU I 113 62.71 -46.10 14.73
CA GLU I 113 63.10 -45.88 16.11
C GLU I 113 62.10 -44.96 16.80
N VAL I 114 61.58 -45.40 17.95
CA VAL I 114 60.67 -44.58 18.73
C VAL I 114 61.48 -43.58 19.55
N LEU I 115 61.02 -42.33 19.55
CA LEU I 115 61.70 -41.27 20.30
C LEU I 115 60.89 -40.78 21.50
N GLU I 116 59.56 -40.81 21.42
CA GLU I 116 58.72 -40.32 22.50
C GLU I 116 57.32 -40.91 22.38
N PHE I 117 56.64 -41.01 23.52
CA PHE I 117 55.26 -41.47 23.59
C PHE I 117 54.39 -40.27 23.99
N VAL I 118 53.51 -39.86 23.09
CA VAL I 118 52.70 -38.65 23.25
C VAL I 118 51.23 -39.06 23.28
N PRO I 119 50.38 -38.38 24.06
CA PRO I 119 48.97 -38.79 24.12
C PRO I 119 48.23 -38.64 22.79
N ALA I 120 47.22 -39.48 22.57
CA ALA I 120 46.45 -39.40 21.33
C ALA I 120 45.58 -38.15 21.30
N ALA I 121 44.98 -37.78 22.43
CA ALA I 121 44.27 -36.51 22.49
C ALA I 121 45.22 -35.34 22.28
N ASP I 122 46.50 -35.53 22.64
CA ASP I 122 47.49 -34.47 22.47
C ASP I 122 47.73 -34.16 21.00
N VAL I 123 47.82 -35.20 20.16
CA VAL I 123 48.14 -34.98 18.75
C VAL I 123 46.92 -34.41 18.04
N ASP I 124 47.13 -33.31 17.32
CA ASP I 124 46.03 -32.63 16.65
C ASP I 124 45.77 -33.27 15.28
N PRO I 125 44.53 -33.18 14.78
CA PRO I 125 44.26 -33.71 13.43
C PRO I 125 45.10 -33.05 12.36
N MET I 126 45.55 -31.81 12.57
CA MET I 126 46.49 -31.19 11.64
C MET I 126 47.74 -32.05 11.47
N MET I 127 48.30 -32.55 12.57
CA MET I 127 49.70 -32.94 12.55
C MET I 127 49.95 -34.07 11.57
N PHE I 128 49.03 -35.03 11.44
CA PHE I 128 49.20 -36.14 10.51
C PHE I 128 48.54 -35.80 9.19
N ASP I 129 49.16 -36.21 8.09
CA ASP I 129 48.65 -35.97 6.75
C ASP I 129 48.65 -37.21 5.87
N ARG I 130 49.37 -38.25 6.24
CA ARG I 130 49.37 -39.51 5.51
C ARG I 130 49.71 -40.62 6.50
N SER I 131 49.31 -41.84 6.15
CA SER I 131 49.51 -42.97 7.05
C SER I 131 49.75 -44.22 6.22
N TYR I 132 50.37 -45.22 6.87
CA TYR I 132 50.57 -46.53 6.27
C TYR I 132 50.33 -47.59 7.32
N PHE I 133 49.68 -48.68 6.92
CA PHE I 133 49.45 -49.80 7.82
C PHE I 133 50.79 -50.37 8.29
N LEU I 134 50.84 -50.78 9.54
CA LEU I 134 52.01 -51.40 10.13
C LEU I 134 51.68 -52.83 10.53
N GLU I 135 52.52 -53.77 10.10
CA GLU I 135 52.29 -55.20 10.31
C GLU I 135 53.52 -55.85 10.89
N PRO I 136 53.37 -56.98 11.58
CA PRO I 136 54.51 -57.66 12.18
C PRO I 136 55.22 -58.56 11.18
N ASP I 137 56.53 -58.38 11.04
CA ASP I 137 57.31 -59.27 10.18
C ASP I 137 57.49 -60.64 10.83
N SER I 138 57.81 -60.66 12.13
CA SER I 138 58.05 -61.93 12.81
C SER I 138 56.77 -62.76 12.84
N LYS I 139 56.94 -64.08 12.73
CA LYS I 139 55.79 -64.98 12.81
C LYS I 139 55.14 -64.95 14.18
N SER I 140 55.86 -64.51 15.21
CA SER I 140 55.33 -64.37 16.56
C SER I 140 54.95 -62.91 16.77
N SER I 141 53.64 -62.63 16.72
CA SER I 141 53.13 -61.28 16.92
C SER I 141 52.88 -60.95 18.38
N LYS I 142 53.50 -61.70 19.30
CA LYS I 142 53.29 -61.46 20.72
C LYS I 142 53.67 -60.03 21.09
N SER I 143 54.89 -59.62 20.73
CA SER I 143 55.35 -58.28 21.09
C SER I 143 54.48 -57.21 20.43
N TYR I 144 54.10 -57.44 19.17
CA TYR I 144 53.32 -56.45 18.45
C TYR I 144 51.96 -56.25 19.11
N VAL I 145 51.28 -57.35 19.42
CA VAL I 145 49.96 -57.25 20.04
C VAL I 145 50.07 -56.66 21.44
N LEU I 146 51.13 -57.02 22.18
CA LEU I 146 51.32 -56.45 23.50
C LEU I 146 51.51 -54.94 23.43
N LEU I 147 52.33 -54.47 22.48
CA LEU I 147 52.51 -53.03 22.32
C LEU I 147 51.21 -52.37 21.89
N ALA I 148 50.44 -53.03 21.03
CA ALA I 148 49.15 -52.49 20.62
C ALA I 148 48.24 -52.29 21.82
N LYS I 149 48.14 -53.30 22.68
CA LYS I 149 47.29 -53.20 23.86
C LYS I 149 47.78 -52.13 24.81
N THR I 150 49.11 -52.06 25.02
CA THR I 150 49.66 -51.04 25.90
C THR I 150 49.35 -49.65 25.40
N LEU I 151 49.51 -49.42 24.09
CA LEU I 151 49.19 -48.11 23.53
C LEU I 151 47.70 -47.81 23.65
N ALA I 152 46.86 -48.79 23.37
CA ALA I 152 45.41 -48.56 23.44
C ALA I 152 44.99 -48.18 24.85
N GLU I 153 45.50 -48.89 25.86
CA GLU I 153 45.16 -48.57 27.24
C GLU I 153 45.73 -47.21 27.63
N THR I 154 47.02 -47.00 27.37
CA THR I 154 47.68 -45.76 27.77
C THR I 154 47.31 -44.59 26.86
N ASP I 155 46.96 -44.87 25.60
CA ASP I 155 46.61 -43.82 24.65
C ASP I 155 47.75 -42.82 24.51
N ARG I 156 48.98 -43.32 24.53
CA ARG I 156 50.19 -42.51 24.42
C ARG I 156 50.78 -42.74 23.03
N MET I 157 50.30 -41.97 22.07
CA MET I 157 50.66 -42.15 20.66
C MET I 157 52.16 -42.30 20.50
N ALA I 158 52.57 -43.38 19.82
CA ALA I 158 53.98 -43.68 19.62
C ALA I 158 54.52 -42.87 18.45
N ILE I 159 55.53 -42.05 18.71
CA ILE I 159 56.14 -41.19 17.70
C ILE I 159 57.47 -41.79 17.28
N VAL I 160 57.81 -41.62 15.99
CA VAL I 160 59.02 -42.20 15.43
C VAL I 160 59.61 -41.23 14.41
N HIS I 161 60.94 -41.20 14.35
CA HIS I 161 61.65 -40.46 13.31
C HIS I 161 61.78 -41.36 12.08
N PHE I 162 60.63 -41.64 11.47
CA PHE I 162 60.57 -42.57 10.35
C PHE I 162 61.36 -42.04 9.16
N THR I 163 61.93 -42.98 8.40
CA THR I 163 62.65 -42.65 7.17
C THR I 163 62.25 -43.59 6.06
N LEU I 164 62.13 -43.04 4.85
CA LEU I 164 62.00 -43.82 3.63
C LEU I 164 62.82 -43.14 2.56
N ARG I 165 63.41 -43.93 1.67
CA ARG I 165 64.22 -43.40 0.58
C ARG I 165 65.27 -42.42 1.12
N ASN I 166 65.91 -42.83 2.20
CA ASN I 166 66.91 -42.01 2.91
C ASN I 166 66.33 -40.64 3.27
N LYS I 167 65.01 -40.53 3.34
CA LYS I 167 64.34 -39.28 3.71
C LYS I 167 63.61 -39.52 5.04
N THR I 168 63.97 -38.73 6.05
CA THR I 168 63.45 -38.90 7.40
C THR I 168 62.35 -37.87 7.66
N ARG I 169 61.22 -38.34 8.19
CA ARG I 169 60.11 -37.47 8.54
C ARG I 169 59.52 -37.94 9.87
N LEU I 170 59.14 -36.99 10.70
CA LEU I 170 58.52 -37.34 11.98
C LEU I 170 57.21 -38.09 11.74
N ALA I 171 56.95 -39.08 12.59
CA ALA I 171 55.80 -39.95 12.37
C ALA I 171 55.22 -40.36 13.71
N ALA I 172 53.95 -40.80 13.67
CA ALA I 172 53.24 -41.31 14.82
C ALA I 172 52.58 -42.63 14.45
N LEU I 173 52.39 -43.49 15.44
CA LEU I 173 51.95 -44.87 15.20
C LEU I 173 50.72 -45.14 16.05
N ARG I 174 49.60 -45.47 15.39
CA ARG I 174 48.29 -45.51 16.04
C ARG I 174 47.69 -46.89 15.96
N VAL I 175 46.76 -47.17 16.87
CA VAL I 175 46.01 -48.41 16.94
C VAL I 175 44.62 -48.18 16.36
N LYS I 176 44.19 -49.08 15.48
CA LYS I 176 42.84 -49.08 14.96
C LYS I 176 42.30 -50.50 15.02
N ASP I 177 41.13 -50.65 15.63
CA ASP I 177 40.48 -51.96 15.75
C ASP I 177 39.63 -52.18 14.51
N PHE I 178 40.10 -53.05 13.62
CA PHE I 178 39.35 -53.36 12.42
C PHE I 178 38.07 -54.10 12.77
N GLY I 179 37.24 -54.35 11.76
CA GLY I 179 35.99 -55.05 11.99
C GLY I 179 36.16 -56.47 12.48
N LYS I 180 37.37 -57.03 12.34
CA LYS I 180 37.67 -58.39 12.79
C LYS I 180 38.75 -58.43 13.85
N ARG I 181 39.87 -57.72 13.63
CA ARG I 181 40.96 -57.69 14.58
C ARG I 181 41.42 -56.24 14.72
N GLU I 182 42.57 -56.05 15.36
CA GLU I 182 43.13 -54.73 15.60
C GLU I 182 44.56 -54.68 15.07
N VAL I 183 44.88 -53.62 14.32
CA VAL I 183 46.16 -53.47 13.65
C VAL I 183 46.71 -52.08 13.96
N MET I 184 47.99 -51.89 13.67
CA MET I 184 48.73 -50.68 13.98
C MET I 184 49.09 -49.99 12.67
N MET I 185 49.01 -48.66 12.64
CA MET I 185 49.44 -47.92 11.45
C MET I 185 50.24 -46.68 11.85
N VAL I 186 51.12 -46.27 10.96
CA VAL I 186 51.98 -45.12 11.17
C VAL I 186 51.36 -43.91 10.50
N HIS I 187 51.79 -42.71 10.93
CA HIS I 187 51.31 -41.46 10.36
C HIS I 187 52.50 -40.61 9.93
N THR I 188 52.32 -39.90 8.82
CA THR I 188 53.29 -38.91 8.36
C THR I 188 52.94 -37.58 9.03
N LEU I 189 53.78 -37.13 9.94
CA LEU I 189 53.53 -35.94 10.74
C LEU I 189 54.29 -34.76 10.13
N LEU I 190 53.54 -33.76 9.68
CA LEU I 190 54.18 -32.54 9.20
C LEU I 190 54.92 -31.86 10.33
N TRP I 191 56.04 -31.21 10.00
CA TRP I 191 56.85 -30.58 11.02
C TRP I 191 56.03 -29.48 11.72
N PRO I 192 56.19 -29.31 13.03
CA PRO I 192 55.41 -28.27 13.72
C PRO I 192 55.63 -26.88 13.15
N ASP I 193 56.82 -26.61 12.60
CA ASP I 193 57.06 -25.32 11.97
C ASP I 193 56.14 -25.09 10.77
N GLU I 194 55.67 -26.16 10.13
CA GLU I 194 54.92 -26.00 8.89
C GLU I 194 53.63 -25.23 9.12
N ILE I 195 52.92 -25.52 10.20
CA ILE I 195 51.67 -24.82 10.47
C ILE I 195 51.95 -23.33 10.58
N ARG I 196 51.21 -22.53 9.81
CA ARG I 196 51.39 -21.09 9.75
C ARG I 196 50.20 -20.42 10.42
N ASP I 197 50.42 -19.87 11.61
CA ASP I 197 49.36 -19.20 12.32
C ASP I 197 48.87 -18.01 11.49
N PRO I 198 47.58 -17.92 11.18
CA PRO I 198 47.12 -16.82 10.33
C PRO I 198 47.14 -15.50 11.06
N ASP I 199 47.33 -14.42 10.29
CA ASP I 199 47.31 -13.07 10.81
C ASP I 199 46.07 -12.41 10.22
N PHE I 200 44.93 -12.61 10.87
CA PHE I 200 43.65 -12.11 10.39
C PHE I 200 43.14 -11.03 11.33
N PRO I 201 43.66 -9.81 11.26
CA PRO I 201 43.16 -8.75 12.16
C PRO I 201 41.70 -8.45 11.97
N VAL I 202 41.11 -8.80 10.82
CA VAL I 202 39.72 -8.45 10.56
C VAL I 202 38.80 -9.12 11.56
N LEU I 203 38.94 -10.43 11.74
CA LEU I 203 38.08 -11.15 12.66
C LEU I 203 38.35 -10.79 14.11
N ASP I 204 39.54 -10.29 14.43
CA ASP I 204 39.83 -9.89 15.79
C ASP I 204 38.89 -8.79 16.27
N GLN I 205 38.27 -8.06 15.35
CA GLN I 205 37.24 -7.10 15.72
C GLN I 205 36.08 -7.83 16.38
N LYS I 206 35.51 -7.22 17.42
CA LYS I 206 34.52 -7.88 18.24
C LYS I 206 33.16 -7.91 17.54
N VAL I 207 32.27 -8.75 18.07
CA VAL I 207 30.95 -8.95 17.48
C VAL I 207 29.99 -9.40 18.57
N GLU I 208 28.73 -9.02 18.42
CA GLU I 208 27.66 -9.42 19.33
C GLU I 208 26.82 -10.51 18.69
N ILE I 209 26.23 -11.36 19.54
CA ILE I 209 25.43 -12.50 19.10
C ILE I 209 24.07 -12.43 19.77
N LYS I 210 23.02 -12.66 18.98
CA LYS I 210 21.65 -12.61 19.51
C LYS I 210 21.25 -13.99 20.03
N PRO I 211 20.81 -14.09 21.29
CA PRO I 211 20.41 -15.43 21.80
C PRO I 211 19.34 -16.09 20.94
N ALA I 212 18.36 -15.33 20.45
CA ALA I 212 17.37 -15.90 19.55
C ALA I 212 18.01 -16.36 18.25
N GLU I 213 18.92 -15.56 17.70
CA GLU I 213 19.65 -15.99 16.51
C GLU I 213 20.53 -17.20 16.82
N LEU I 214 21.10 -17.23 18.02
CA LEU I 214 21.88 -18.40 18.43
C LEU I 214 21.02 -19.66 18.42
N LYS I 215 19.81 -19.57 18.99
CA LYS I 215 18.91 -20.72 19.01
C LYS I 215 18.51 -21.12 17.59
N MET I 216 18.24 -20.13 16.74
CA MET I 216 17.87 -20.44 15.36
C MET I 216 19.02 -21.16 14.64
N ALA I 217 20.24 -20.68 14.83
CA ALA I 217 21.39 -21.33 14.20
C ALA I 217 21.57 -22.75 14.72
N GLY I 218 21.43 -22.94 16.03
CA GLY I 218 21.55 -24.28 16.58
C GLY I 218 20.49 -25.22 16.03
N GLN I 219 19.25 -24.75 15.94
CA GLN I 219 18.18 -25.57 15.41
C GLN I 219 18.40 -25.87 13.93
N VAL I 220 18.94 -24.91 13.18
CA VAL I 220 19.27 -25.15 11.78
C VAL I 220 20.33 -26.24 11.68
N VAL I 221 21.36 -26.17 12.52
CA VAL I 221 22.41 -27.19 12.51
C VAL I 221 21.81 -28.55 12.84
N ASP I 222 20.95 -28.61 13.86
CA ASP I 222 20.33 -29.87 14.21
C ASP I 222 19.50 -30.43 13.06
N SER I 223 18.75 -29.57 12.38
CA SER I 223 17.99 -30.02 11.22
C SER I 223 18.92 -30.58 10.15
N MET I 224 20.02 -29.89 9.87
CA MET I 224 21.01 -30.43 8.94
C MET I 224 21.81 -31.55 9.57
N ALA I 225 21.93 -31.56 10.90
CA ALA I 225 22.70 -32.61 11.56
C ALA I 225 22.12 -33.97 11.25
N ASP I 226 22.99 -34.96 11.08
CA ASP I 226 22.59 -36.30 10.70
C ASP I 226 23.73 -37.25 11.05
N ASP I 227 23.63 -38.49 10.56
CA ASP I 227 24.62 -39.52 10.83
C ASP I 227 25.70 -39.51 9.77
N PHE I 228 26.90 -39.95 10.17
CA PHE I 228 28.00 -40.06 9.22
C PHE I 228 27.66 -41.08 8.15
N ASN I 229 27.94 -40.73 6.90
CA ASN I 229 27.59 -41.54 5.74
C ASN I 229 28.80 -41.73 4.85
N PRO I 230 29.85 -42.39 5.35
CA PRO I 230 31.05 -42.57 4.53
C PRO I 230 30.79 -43.31 3.24
N ASP I 231 29.92 -44.32 3.28
CA ASP I 231 29.63 -45.09 2.08
C ASP I 231 28.95 -44.24 1.01
N ARG I 232 28.24 -43.18 1.42
CA ARG I 232 27.54 -42.35 0.45
C ARG I 232 28.51 -41.57 -0.42
N TYR I 233 29.48 -40.90 0.20
CA TYR I 233 30.34 -39.98 -0.53
C TYR I 233 31.11 -40.71 -1.62
N HIS I 234 30.77 -40.45 -2.87
CA HIS I 234 31.40 -41.07 -4.02
C HIS I 234 31.97 -39.99 -4.93
N ASP I 235 33.14 -40.26 -5.49
CA ASP I 235 33.79 -39.32 -6.39
C ASP I 235 33.04 -39.31 -7.72
N THR I 236 32.12 -38.36 -7.86
CA THR I 236 31.31 -38.29 -9.07
C THR I 236 32.19 -38.05 -10.30
N TYR I 237 33.21 -37.20 -10.16
CA TYR I 237 34.15 -36.99 -11.26
C TYR I 237 34.88 -38.29 -11.61
N GLN I 238 35.44 -38.97 -10.61
CA GLN I 238 36.14 -40.22 -10.87
C GLN I 238 35.16 -41.32 -11.27
N GLU I 239 33.93 -41.28 -10.76
CA GLU I 239 32.93 -42.23 -11.21
C GLU I 239 32.65 -42.04 -12.70
N GLN I 240 32.55 -40.79 -13.14
CA GLN I 240 32.35 -40.52 -14.56
C GLN I 240 33.55 -40.99 -15.37
N LEU I 241 34.76 -40.77 -14.85
CA LEU I 241 35.95 -41.25 -15.54
C LEU I 241 35.91 -42.77 -15.68
N GLN I 242 35.56 -43.47 -14.60
CA GLN I 242 35.48 -44.93 -14.65
C GLN I 242 34.42 -45.39 -15.64
N GLU I 243 33.26 -44.73 -15.66
CA GLU I 243 32.23 -45.10 -16.62
C GLU I 243 32.71 -44.88 -18.05
N LEU I 244 33.42 -43.77 -18.29
CA LEU I 244 33.99 -43.53 -19.62
C LEU I 244 34.96 -44.63 -20.00
N ILE I 245 35.82 -45.04 -19.06
CA ILE I 245 36.75 -46.13 -19.34
C ILE I 245 35.98 -47.40 -19.69
N ASP I 246 34.91 -47.69 -18.94
CA ASP I 246 34.08 -48.85 -19.27
C ASP I 246 33.54 -48.73 -20.69
N THR I 247 33.12 -47.53 -21.09
CA THR I 247 32.69 -47.32 -22.47
C THR I 247 33.81 -47.64 -23.45
N LYS I 248 35.03 -47.20 -23.13
CA LYS I 248 36.19 -47.45 -23.97
C LYS I 248 36.96 -48.67 -23.49
N MET J 23 52.79 -13.99 -3.07
CA MET J 23 51.97 -14.29 -1.86
C MET J 23 50.57 -13.69 -1.98
N ARG J 24 49.55 -14.54 -1.91
CA ARG J 24 48.16 -14.11 -2.00
C ARG J 24 47.28 -15.31 -1.68
N ALA J 25 45.97 -15.07 -1.67
CA ALA J 25 45.01 -16.13 -1.39
C ALA J 25 45.03 -17.18 -2.49
N ILE J 26 44.97 -18.45 -2.09
CA ILE J 26 44.91 -19.53 -3.07
C ILE J 26 43.55 -19.54 -3.77
N TRP J 27 42.48 -19.35 -3.02
CA TRP J 27 41.14 -19.48 -3.56
C TRP J 27 40.19 -18.59 -2.79
N THR J 28 39.09 -18.22 -3.45
CA THR J 28 38.09 -17.33 -2.85
C THR J 28 36.70 -17.81 -3.24
N GLY J 29 35.72 -17.46 -2.42
CA GLY J 29 34.34 -17.80 -2.69
C GLY J 29 33.53 -17.99 -1.44
N SER J 30 32.24 -17.67 -1.51
CA SER J 30 31.36 -17.75 -0.35
C SER J 30 30.83 -19.17 -0.16
N ILE J 31 30.71 -19.58 1.10
CA ILE J 31 30.02 -20.82 1.40
C ILE J 31 28.66 -20.79 0.72
N ALA J 32 28.22 -21.96 0.24
CA ALA J 32 26.95 -22.08 -0.47
C ALA J 32 25.90 -22.80 0.36
N PHE J 33 26.03 -22.75 1.68
CA PHE J 33 25.11 -23.44 2.57
C PHE J 33 23.69 -22.95 2.34
N GLY J 34 22.85 -23.80 1.77
CA GLY J 34 21.46 -23.45 1.51
C GLY J 34 21.33 -22.02 1.03
N LEU J 35 20.61 -21.21 1.79
CA LEU J 35 20.57 -19.76 1.59
C LEU J 35 21.50 -19.02 2.54
N VAL J 36 22.18 -19.72 3.45
CA VAL J 36 22.99 -19.05 4.46
C VAL J 36 24.07 -18.20 3.80
N ASN J 37 24.82 -18.80 2.87
CA ASN J 37 25.74 -18.10 2.00
C ASN J 37 26.56 -17.04 2.74
N VAL J 38 27.31 -17.50 3.74
CA VAL J 38 28.24 -16.63 4.46
C VAL J 38 29.44 -16.35 3.56
N PRO J 39 29.77 -15.10 3.25
CA PRO J 39 30.95 -14.85 2.42
C PRO J 39 32.22 -15.26 3.15
N VAL J 40 33.21 -15.70 2.36
CA VAL J 40 34.47 -16.16 2.92
C VAL J 40 35.49 -16.25 1.80
N LYS J 41 36.77 -16.15 2.16
CA LYS J 41 37.87 -16.38 1.23
C LYS J 41 38.85 -17.35 1.87
N VAL J 42 39.55 -18.11 1.04
CA VAL J 42 40.39 -19.22 1.48
C VAL J 42 41.85 -18.85 1.30
N TYR J 43 42.65 -19.13 2.33
CA TYR J 43 44.09 -18.93 2.29
C TYR J 43 44.79 -20.25 2.60
N SER J 44 45.85 -20.54 1.84
CA SER J 44 46.63 -21.75 2.08
C SER J 44 47.11 -21.80 3.52
N ALA J 45 46.63 -22.78 4.29
CA ALA J 45 46.95 -22.82 5.71
C ALA J 45 48.44 -23.03 5.95
N THR J 46 49.05 -23.96 5.21
CA THR J 46 50.44 -24.34 5.46
C THR J 46 51.18 -24.45 4.13
N ALA J 47 52.46 -24.10 4.17
CA ALA J 47 53.34 -24.20 3.01
C ALA J 47 54.60 -24.96 3.40
N ASP J 48 55.19 -25.63 2.42
CA ASP J 48 56.37 -26.44 2.66
C ASP J 48 57.51 -25.57 3.19
N HIS J 49 58.25 -26.12 4.16
CA HIS J 49 59.41 -25.43 4.72
C HIS J 49 60.70 -25.75 3.95
N ASP J 50 60.77 -26.93 3.33
CA ASP J 50 61.98 -27.32 2.62
C ASP J 50 62.25 -26.36 1.46
N ILE J 51 63.52 -26.07 1.24
CA ILE J 51 63.91 -25.14 0.18
C ILE J 51 63.75 -25.82 -1.17
N ARG J 52 62.89 -25.26 -2.02
CA ARG J 52 62.69 -25.82 -3.34
C ARG J 52 63.94 -25.64 -4.19
N PHE J 53 64.28 -26.68 -4.96
CA PHE J 53 65.49 -26.68 -5.78
C PHE J 53 65.12 -26.69 -7.25
N HIS J 54 65.97 -26.05 -8.05
CA HIS J 54 65.80 -25.96 -9.49
C HIS J 54 66.97 -26.62 -10.20
N GLN J 55 66.69 -27.46 -11.19
CA GLN J 55 67.74 -28.19 -11.87
C GLN J 55 68.67 -27.21 -12.59
N VAL J 56 69.97 -27.52 -12.56
CA VAL J 56 70.98 -26.70 -13.22
C VAL J 56 72.17 -27.59 -13.54
N HIS J 57 72.95 -27.17 -14.53
CA HIS J 57 74.13 -27.90 -14.97
C HIS J 57 75.38 -27.11 -14.60
N ALA J 58 76.19 -27.66 -13.69
CA ALA J 58 77.40 -26.97 -13.26
C ALA J 58 78.36 -26.74 -14.42
N LYS J 59 78.39 -27.67 -15.39
CA LYS J 59 79.35 -27.57 -16.48
C LYS J 59 79.12 -26.30 -17.30
N ASP J 60 77.88 -26.04 -17.69
CA ASP J 60 77.57 -24.95 -18.61
C ASP J 60 77.03 -23.71 -17.92
N ASN J 61 76.87 -23.72 -16.60
CA ASN J 61 76.36 -22.57 -15.87
C ASN J 61 75.00 -22.13 -16.42
N GLY J 62 74.10 -23.11 -16.61
CA GLY J 62 72.78 -22.82 -17.13
C GLY J 62 71.69 -23.72 -16.60
N ARG J 63 70.54 -23.13 -16.27
CA ARG J 63 69.40 -23.91 -15.83
C ARG J 63 68.82 -24.70 -17.00
N ILE J 64 67.97 -25.67 -16.67
CA ILE J 64 67.51 -26.69 -17.63
C ILE J 64 66.01 -26.54 -17.83
N ARG J 65 65.58 -26.52 -19.09
CA ARG J 65 64.18 -26.65 -19.45
C ARG J 65 63.89 -28.08 -19.89
N TYR J 66 62.61 -28.45 -19.84
CA TYR J 66 62.15 -29.78 -20.24
C TYR J 66 61.34 -29.65 -21.51
N LYS J 67 61.75 -30.37 -22.55
CA LYS J 67 61.00 -30.45 -23.80
C LYS J 67 60.62 -31.90 -24.05
N ARG J 68 59.37 -32.13 -24.43
CA ARG J 68 58.79 -33.47 -24.46
C ARG J 68 58.48 -33.89 -25.90
N VAL J 69 58.69 -35.17 -26.17
CA VAL J 69 58.47 -35.77 -27.48
C VAL J 69 57.89 -37.17 -27.29
N CYS J 70 57.43 -37.76 -28.38
CA CYS J 70 56.91 -39.12 -28.33
C CYS J 70 58.06 -40.11 -28.35
N GLU J 71 57.74 -41.38 -28.54
CA GLU J 71 58.75 -42.39 -28.87
C GLU J 71 58.89 -42.54 -30.38
N ALA J 72 57.77 -42.66 -31.08
CA ALA J 72 57.81 -42.74 -32.53
C ALA J 72 58.09 -41.38 -33.16
N CYS J 73 57.45 -40.32 -32.64
CA CYS J 73 57.71 -38.98 -33.18
C CYS J 73 59.18 -38.63 -33.10
N GLY J 74 59.76 -38.71 -31.90
CA GLY J 74 61.08 -38.17 -31.70
C GLY J 74 61.17 -36.70 -32.04
N GLU J 75 60.05 -35.99 -31.97
CA GLU J 75 59.96 -34.61 -32.42
C GLU J 75 59.39 -33.73 -31.32
N VAL J 76 59.82 -32.47 -31.30
CA VAL J 76 59.35 -31.52 -30.29
C VAL J 76 57.86 -31.27 -30.50
N VAL J 77 57.09 -31.44 -29.43
CA VAL J 77 55.65 -31.21 -29.45
C VAL J 77 55.31 -30.26 -28.32
N ASP J 78 54.67 -29.15 -28.65
CA ASP J 78 54.39 -28.11 -27.67
C ASP J 78 53.29 -28.56 -26.72
N TYR J 79 52.92 -27.67 -25.80
CA TYR J 79 51.86 -27.97 -24.85
C TYR J 79 50.53 -28.18 -25.56
N ARG J 80 50.22 -27.33 -26.54
CA ARG J 80 48.91 -27.40 -27.18
C ARG J 80 48.77 -28.67 -28.01
N ASP J 81 49.76 -28.97 -28.85
CA ASP J 81 49.64 -30.14 -29.72
C ASP J 81 49.69 -31.45 -28.95
N LEU J 82 50.05 -31.42 -27.68
CA LEU J 82 50.05 -32.61 -26.85
C LEU J 82 48.64 -32.89 -26.34
N ALA J 83 48.14 -34.11 -26.60
CA ALA J 83 46.80 -34.50 -26.23
C ALA J 83 46.83 -35.46 -25.05
N ARG J 84 45.80 -35.39 -24.22
CA ARG J 84 45.66 -36.30 -23.09
C ARG J 84 45.17 -37.66 -23.56
N ALA J 85 45.47 -38.68 -22.76
CA ALA J 85 45.03 -40.03 -23.08
C ALA J 85 45.03 -40.88 -21.82
N TYR J 86 44.36 -42.03 -21.91
CA TYR J 86 44.31 -43.01 -20.83
C TYR J 86 44.96 -44.31 -21.29
N GLU J 87 45.59 -45.01 -20.35
CA GLU J 87 46.28 -46.26 -20.62
C GLU J 87 45.55 -47.38 -19.90
N SER J 88 45.12 -48.39 -20.64
CA SER J 88 44.38 -49.51 -20.09
C SER J 88 45.33 -50.69 -19.85
N GLY J 89 44.82 -51.68 -19.09
CA GLY J 89 45.59 -52.89 -18.88
C GLY J 89 45.94 -53.59 -20.18
N ASP J 90 45.01 -53.56 -21.14
CA ASP J 90 45.26 -54.14 -22.45
C ASP J 90 46.42 -53.45 -23.17
N GLY J 91 46.74 -52.21 -22.78
CA GLY J 91 47.79 -51.45 -23.41
C GLY J 91 47.32 -50.45 -24.45
N GLN J 92 46.04 -50.51 -24.84
CA GLN J 92 45.51 -49.55 -25.79
C GLN J 92 45.38 -48.17 -25.14
N MET J 93 45.33 -47.14 -25.99
CA MET J 93 45.29 -45.76 -25.55
C MET J 93 44.02 -45.10 -26.05
N VAL J 94 43.37 -44.33 -25.18
CA VAL J 94 42.17 -43.57 -25.52
C VAL J 94 42.42 -42.12 -25.16
N ALA J 95 42.26 -41.23 -26.13
CA ALA J 95 42.44 -39.80 -25.88
C ALA J 95 41.33 -39.27 -24.98
N ILE J 96 41.69 -38.40 -24.05
CA ILE J 96 40.72 -37.82 -23.14
C ILE J 96 39.99 -36.68 -23.84
N THR J 97 38.66 -36.68 -23.71
CA THR J 97 37.83 -35.63 -24.29
C THR J 97 37.58 -34.56 -23.23
N ASP J 98 38.00 -33.33 -23.52
CA ASP J 98 37.90 -32.26 -22.53
C ASP J 98 36.45 -31.85 -22.30
N ASP J 99 35.60 -31.95 -23.33
CA ASP J 99 34.21 -31.54 -23.17
C ASP J 99 33.51 -32.35 -22.09
N ASP J 100 33.71 -33.68 -22.11
CA ASP J 100 33.06 -34.54 -21.12
C ASP J 100 33.67 -34.38 -19.74
N ILE J 101 34.90 -33.87 -19.65
CA ILE J 101 35.58 -33.76 -18.36
C ILE J 101 34.80 -32.85 -17.42
N ALA J 102 34.34 -31.71 -17.94
CA ALA J 102 33.60 -30.74 -17.14
C ALA J 102 32.09 -30.94 -17.24
N SER J 103 31.64 -32.18 -17.50
CA SER J 103 30.22 -32.41 -17.72
C SER J 103 29.41 -32.15 -16.46
N LEU J 104 29.85 -32.66 -15.32
CA LEU J 104 29.03 -32.60 -14.12
C LEU J 104 28.87 -31.15 -13.66
N PRO J 105 27.68 -30.76 -13.16
CA PRO J 105 27.48 -29.37 -12.76
C PRO J 105 28.40 -28.91 -11.65
N GLU J 106 28.73 -29.80 -10.71
CA GLU J 106 29.56 -29.39 -9.58
C GLU J 106 30.94 -28.94 -10.01
N GLU J 107 31.49 -29.55 -11.06
CA GLU J 107 32.86 -29.26 -11.45
C GLU J 107 33.05 -27.79 -11.80
N ARG J 108 31.99 -27.12 -12.24
CA ARG J 108 32.06 -25.71 -12.62
C ARG J 108 31.81 -24.78 -11.46
N SER J 109 31.67 -25.30 -10.25
CA SER J 109 31.43 -24.44 -9.09
C SER J 109 32.62 -23.52 -8.85
N ARG J 110 32.30 -22.33 -8.34
CA ARG J 110 33.29 -21.33 -7.95
C ARG J 110 33.02 -20.86 -6.53
N GLU J 111 32.64 -21.80 -5.66
CA GLU J 111 32.28 -21.47 -4.30
C GLU J 111 32.17 -22.76 -3.50
N ILE J 112 32.60 -22.72 -2.24
CA ILE J 112 32.53 -23.90 -1.39
C ILE J 112 31.09 -24.15 -0.99
N GLU J 113 30.69 -25.42 -0.95
CA GLU J 113 29.32 -25.82 -0.67
C GLU J 113 29.32 -26.93 0.38
N VAL J 114 28.29 -26.90 1.24
CA VAL J 114 28.19 -27.81 2.37
C VAL J 114 27.00 -28.73 2.17
N LEU J 115 27.17 -30.02 2.46
CA LEU J 115 26.13 -31.02 2.30
C LEU J 115 25.44 -31.35 3.62
N GLU J 116 26.20 -31.65 4.67
CA GLU J 116 25.63 -32.14 5.91
C GLU J 116 26.62 -31.90 7.04
N PHE J 117 26.11 -32.04 8.26
CA PHE J 117 26.92 -31.96 9.47
C PHE J 117 27.09 -33.35 10.06
N VAL J 118 28.01 -33.47 11.01
CA VAL J 118 28.33 -34.77 11.58
C VAL J 118 29.18 -34.59 12.84
N PRO J 119 29.11 -35.49 13.81
CA PRO J 119 30.03 -35.42 14.95
C PRO J 119 31.48 -35.50 14.52
N ALA J 120 32.34 -34.80 15.27
CA ALA J 120 33.76 -34.75 14.92
C ALA J 120 34.38 -36.14 14.94
N ALA J 121 34.11 -36.92 15.98
CA ALA J 121 34.74 -38.23 16.11
C ALA J 121 34.26 -39.21 15.05
N ASP J 122 33.07 -38.98 14.46
CA ASP J 122 32.54 -39.92 13.49
C ASP J 122 33.51 -40.12 12.33
N VAL J 123 33.96 -39.03 11.72
CA VAL J 123 34.93 -39.12 10.64
C VAL J 123 36.28 -39.55 11.21
N ASP J 124 36.92 -40.50 10.54
CA ASP J 124 38.18 -41.02 11.04
C ASP J 124 39.29 -39.97 10.90
N PRO J 125 40.33 -40.07 11.73
CA PRO J 125 41.50 -39.20 11.53
C PRO J 125 42.36 -39.63 10.36
N MET J 126 42.15 -40.83 9.81
CA MET J 126 42.96 -41.28 8.69
C MET J 126 42.81 -40.35 7.49
N MET J 127 41.58 -39.96 7.18
CA MET J 127 41.29 -39.14 6.01
C MET J 127 41.59 -37.69 6.35
N PHE J 128 42.83 -37.27 6.09
CA PHE J 128 43.21 -35.87 6.27
C PHE J 128 44.41 -35.58 5.39
N ASP J 129 44.17 -34.91 4.26
CA ASP J 129 45.21 -34.62 3.28
C ASP J 129 45.81 -33.23 3.49
N ARG J 130 45.00 -32.19 3.44
CA ARG J 130 45.49 -30.82 3.53
C ARG J 130 44.54 -30.01 4.39
N SER J 131 45.06 -28.91 4.93
CA SER J 131 44.30 -27.98 5.76
C SER J 131 44.25 -26.61 5.09
N TYR J 132 43.17 -25.87 5.36
CA TYR J 132 43.01 -24.53 4.84
C TYR J 132 42.27 -23.68 5.86
N PHE J 133 42.58 -22.39 5.87
CA PHE J 133 41.89 -21.43 6.72
C PHE J 133 40.78 -20.73 5.94
N LEU J 134 39.93 -20.02 6.66
CA LEU J 134 38.79 -19.31 6.08
C LEU J 134 38.89 -17.83 6.43
N GLU J 135 38.66 -16.97 5.43
CA GLU J 135 38.80 -15.54 5.59
C GLU J 135 37.43 -14.90 5.69
N PRO J 136 37.06 -14.29 6.83
CA PRO J 136 35.73 -13.65 6.92
C PRO J 136 35.61 -12.41 6.06
N ASP J 137 34.43 -11.79 6.08
CA ASP J 137 34.15 -10.54 5.40
C ASP J 137 33.77 -9.48 6.42
N SER J 138 34.40 -8.31 6.32
CA SER J 138 34.17 -7.25 7.30
C SER J 138 32.70 -6.86 7.34
N LYS J 139 32.12 -6.57 6.17
CA LYS J 139 30.75 -6.09 6.11
C LYS J 139 29.73 -7.17 6.48
N SER J 140 30.15 -8.43 6.56
CA SER J 140 29.27 -9.52 6.92
C SER J 140 29.89 -10.44 7.96
N SER J 141 30.88 -9.94 8.71
CA SER J 141 31.59 -10.78 9.67
C SER J 141 30.68 -11.33 10.74
N LYS J 142 29.52 -10.71 10.98
CA LYS J 142 28.64 -11.17 12.05
C LYS J 142 28.18 -12.60 11.79
N SER J 143 27.73 -12.89 10.57
CA SER J 143 27.26 -14.23 10.25
C SER J 143 28.39 -15.25 10.37
N TYR J 144 29.58 -14.89 9.88
CA TYR J 144 30.74 -15.77 9.98
C TYR J 144 31.03 -16.12 11.42
N VAL J 145 31.11 -15.10 12.28
CA VAL J 145 31.42 -15.32 13.69
C VAL J 145 30.34 -16.17 14.34
N LEU J 146 29.08 -15.88 14.06
CA LEU J 146 28.00 -16.63 14.70
C LEU J 146 28.01 -18.08 14.27
N LEU J 147 28.31 -18.34 12.98
CA LEU J 147 28.45 -19.72 12.52
C LEU J 147 29.58 -20.41 13.28
N ALA J 148 30.70 -19.72 13.45
CA ALA J 148 31.81 -20.29 14.22
C ALA J 148 31.34 -20.67 15.62
N LYS J 149 30.66 -19.76 16.30
CA LYS J 149 30.26 -20.00 17.68
C LYS J 149 29.28 -21.15 17.78
N THR J 150 28.28 -21.19 16.89
CA THR J 150 27.30 -22.26 16.97
C THR J 150 27.94 -23.61 16.66
N LEU J 151 28.84 -23.66 15.67
CA LEU J 151 29.51 -24.92 15.37
C LEU J 151 30.35 -25.37 16.56
N ALA J 152 31.06 -24.44 17.20
CA ALA J 152 31.86 -24.80 18.37
C ALA J 152 30.98 -25.33 19.49
N GLU J 153 29.84 -24.67 19.73
CA GLU J 153 28.95 -25.12 20.80
C GLU J 153 28.42 -26.52 20.52
N THR J 154 27.88 -26.73 19.31
CA THR J 154 27.40 -28.06 18.96
C THR J 154 28.54 -29.03 18.74
N ASP J 155 29.69 -28.54 18.26
CA ASP J 155 30.87 -29.37 18.05
C ASP J 155 30.55 -30.56 17.15
N ARG J 156 30.14 -30.23 15.92
CA ARG J 156 29.80 -31.24 14.90
C ARG J 156 30.47 -30.82 13.60
N MET J 157 31.69 -31.30 13.38
CA MET J 157 32.39 -31.02 12.13
C MET J 157 31.46 -31.24 10.95
N ALA J 158 31.47 -30.31 10.01
CA ALA J 158 30.56 -30.34 8.87
C ALA J 158 31.30 -30.88 7.65
N ILE J 159 30.79 -31.97 7.09
CA ILE J 159 31.36 -32.54 5.88
C ILE J 159 30.80 -31.77 4.68
N VAL J 160 31.69 -31.20 3.88
CA VAL J 160 31.31 -30.28 2.82
C VAL J 160 32.07 -30.62 1.55
N HIS J 161 31.37 -30.59 0.43
CA HIS J 161 32.04 -30.66 -0.86
C HIS J 161 33.02 -29.49 -0.99
N PHE J 162 33.88 -29.59 -2.00
CA PHE J 162 34.90 -28.57 -2.20
C PHE J 162 35.32 -28.60 -3.66
N THR J 163 35.30 -27.44 -4.30
CA THR J 163 35.68 -27.32 -5.71
C THR J 163 36.66 -26.16 -5.84
N LEU J 164 37.78 -26.42 -6.50
CA LEU J 164 38.75 -25.37 -6.79
C LEU J 164 39.62 -25.84 -7.95
N ARG J 165 40.12 -24.87 -8.72
CA ARG J 165 41.05 -25.16 -9.80
C ARG J 165 40.50 -26.26 -10.71
N ASN J 166 39.21 -26.15 -11.02
CA ASN J 166 38.49 -27.11 -11.85
C ASN J 166 38.49 -28.52 -11.26
N LYS J 167 38.87 -28.68 -10.00
CA LYS J 167 38.96 -29.97 -9.35
C LYS J 167 37.98 -30.03 -8.18
N THR J 168 37.50 -31.24 -7.90
CA THR J 168 36.59 -31.49 -6.80
C THR J 168 37.28 -32.35 -5.75
N ARG J 169 36.97 -32.10 -4.49
CA ARG J 169 37.56 -32.84 -3.39
C ARG J 169 36.60 -32.86 -2.22
N LEU J 170 36.62 -33.96 -1.46
CA LEU J 170 35.89 -34.01 -0.21
C LEU J 170 36.67 -33.27 0.87
N ALA J 171 35.94 -32.75 1.85
CA ALA J 171 36.58 -31.98 2.91
C ALA J 171 35.56 -31.72 4.01
N ALA J 172 36.06 -31.47 5.20
CA ALA J 172 35.24 -31.09 6.33
C ALA J 172 35.80 -29.81 6.93
N LEU J 173 34.91 -28.98 7.46
CA LEU J 173 35.29 -27.73 8.11
C LEU J 173 35.14 -27.90 9.61
N ARG J 174 36.17 -27.48 10.35
CA ARG J 174 36.19 -27.60 11.80
C ARG J 174 36.54 -26.26 12.40
N VAL J 175 36.00 -25.98 13.58
CA VAL J 175 36.31 -24.75 14.29
C VAL J 175 37.58 -24.98 15.12
N LYS J 176 38.58 -24.13 14.90
CA LYS J 176 39.81 -24.17 15.67
C LYS J 176 40.05 -22.79 16.25
N ASP J 177 40.33 -22.73 17.54
CA ASP J 177 40.41 -21.48 18.29
C ASP J 177 41.87 -21.20 18.63
N PHE J 178 42.38 -20.09 18.11
CA PHE J 178 43.65 -19.56 18.59
C PHE J 178 43.42 -18.74 19.85
N GLY J 179 44.50 -18.55 20.62
CA GLY J 179 44.37 -17.81 21.86
C GLY J 179 43.74 -16.45 21.67
N LYS J 180 44.04 -15.79 20.54
CA LYS J 180 43.47 -14.49 20.22
C LYS J 180 42.44 -14.55 19.10
N ARG J 181 42.39 -15.64 18.33
CA ARG J 181 41.50 -15.74 17.18
C ARG J 181 40.79 -17.08 17.19
N GLU J 182 39.63 -17.13 16.54
CA GLU J 182 38.90 -18.37 16.32
C GLU J 182 38.34 -18.35 14.91
N VAL J 183 38.76 -19.31 14.09
CA VAL J 183 38.40 -19.35 12.68
C VAL J 183 38.08 -20.78 12.29
N MET J 184 37.06 -20.96 11.45
CA MET J 184 36.81 -22.26 10.86
C MET J 184 37.95 -22.61 9.90
N MET J 185 38.17 -23.90 9.73
CA MET J 185 39.23 -24.39 8.87
C MET J 185 38.73 -25.61 8.11
N VAL J 186 38.98 -25.64 6.81
CA VAL J 186 38.53 -26.72 5.95
C VAL J 186 39.72 -27.65 5.70
N HIS J 187 39.49 -28.95 5.86
CA HIS J 187 40.52 -29.96 5.67
C HIS J 187 40.14 -30.85 4.50
N THR J 188 41.04 -31.00 3.54
CA THR J 188 40.78 -31.94 2.45
C THR J 188 40.58 -33.33 3.01
N LEU J 189 39.50 -33.98 2.61
CA LEU J 189 39.15 -35.31 3.09
C LEU J 189 39.44 -36.33 2.00
N LEU J 190 40.21 -37.36 2.33
CA LEU J 190 40.48 -38.42 1.36
C LEU J 190 39.19 -39.12 1.00
N TRP J 191 39.06 -39.50 -0.27
CA TRP J 191 37.87 -40.21 -0.70
C TRP J 191 37.77 -41.53 0.04
N PRO J 192 36.56 -41.96 0.42
CA PRO J 192 36.45 -43.24 1.13
C PRO J 192 36.96 -44.41 0.32
N ASP J 193 36.83 -44.35 -1.01
CA ASP J 193 37.30 -45.46 -1.85
C ASP J 193 38.81 -45.62 -1.76
N GLU J 194 39.55 -44.53 -1.54
CA GLU J 194 41.01 -44.61 -1.52
C GLU J 194 41.49 -45.53 -0.42
N ILE J 195 40.92 -45.39 0.78
CA ILE J 195 41.37 -46.21 1.91
C ILE J 195 41.11 -47.67 1.60
N ARG J 196 42.12 -48.50 1.83
CA ARG J 196 42.01 -49.95 1.60
C ARG J 196 42.55 -50.69 2.81
N ASP J 197 42.01 -51.88 3.03
CA ASP J 197 42.30 -52.67 4.24
C ASP J 197 42.72 -54.08 3.85
N PRO J 198 43.93 -54.25 3.33
CA PRO J 198 44.43 -55.60 3.08
C PRO J 198 44.52 -56.41 4.38
N ASP J 199 44.26 -57.70 4.27
CA ASP J 199 44.31 -58.61 5.40
C ASP J 199 45.68 -59.28 5.45
N PHE J 200 46.15 -59.54 6.67
CA PHE J 200 47.46 -60.14 6.90
C PHE J 200 47.31 -61.41 7.74
N PRO J 201 47.70 -62.58 7.23
CA PRO J 201 47.61 -63.79 8.06
C PRO J 201 48.53 -63.76 9.28
N VAL J 202 49.56 -62.91 9.27
CA VAL J 202 50.52 -62.92 10.37
C VAL J 202 49.83 -62.58 11.69
N LEU J 203 48.96 -61.57 11.69
CA LEU J 203 48.22 -61.23 12.89
C LEU J 203 46.98 -62.09 13.08
N ASP J 204 46.58 -62.86 12.06
CA ASP J 204 45.52 -63.84 12.25
C ASP J 204 45.94 -64.95 13.21
N GLN J 205 47.25 -65.12 13.42
CA GLN J 205 47.72 -66.08 14.41
C GLN J 205 47.37 -65.59 15.81
N LYS J 206 46.80 -66.48 16.62
CA LYS J 206 46.39 -66.11 17.96
C LYS J 206 47.61 -65.78 18.82
N VAL J 207 47.47 -64.73 19.63
CA VAL J 207 48.54 -64.24 20.49
C VAL J 207 48.01 -64.20 21.92
N GLU J 208 48.81 -64.73 22.86
CA GLU J 208 48.46 -64.73 24.27
C GLU J 208 49.63 -64.13 25.04
N ILE J 209 49.35 -63.10 25.83
CA ILE J 209 50.35 -62.43 26.64
C ILE J 209 49.85 -62.38 28.08
N LYS J 210 50.71 -62.78 29.02
CA LYS J 210 50.31 -62.86 30.41
C LYS J 210 50.16 -61.45 31.00
N PRO J 211 49.35 -61.31 32.06
CA PRO J 211 49.27 -60.00 32.73
C PRO J 211 50.61 -59.50 33.24
N ALA J 212 51.50 -60.40 33.66
CA ALA J 212 52.81 -59.98 34.15
C ALA J 212 53.58 -59.23 33.07
N GLU J 213 53.64 -59.80 31.86
CA GLU J 213 54.32 -59.12 30.76
C GLU J 213 53.60 -57.84 30.39
N LEU J 214 52.27 -57.85 30.47
CA LEU J 214 51.50 -56.64 30.17
C LEU J 214 51.92 -55.50 31.09
N LYS J 215 51.96 -55.75 32.40
CA LYS J 215 52.36 -54.71 33.34
C LYS J 215 53.83 -54.34 33.16
N MET J 216 54.68 -55.33 32.89
CA MET J 216 56.10 -55.03 32.71
C MET J 216 56.32 -54.09 31.53
N ALA J 217 55.56 -54.28 30.44
CA ALA J 217 55.67 -53.38 29.30
C ALA J 217 55.01 -52.04 29.60
N GLY J 218 53.84 -52.05 30.24
CA GLY J 218 53.11 -50.81 30.46
C GLY J 218 53.84 -49.86 31.39
N GLN J 219 54.53 -50.40 32.40
CA GLN J 219 55.25 -49.54 33.32
C GLN J 219 56.31 -48.72 32.58
N VAL J 220 57.09 -49.37 31.72
CA VAL J 220 58.06 -48.63 30.92
C VAL J 220 57.36 -47.69 29.96
N VAL J 221 56.28 -48.16 29.32
CA VAL J 221 55.58 -47.35 28.34
C VAL J 221 55.17 -46.02 28.96
N ASP J 222 54.61 -46.07 30.17
CA ASP J 222 54.21 -44.85 30.86
C ASP J 222 55.40 -44.13 31.50
N SER J 223 56.52 -44.82 31.70
CA SER J 223 57.69 -44.18 32.28
C SER J 223 58.36 -43.23 31.29
N MET J 224 58.52 -43.67 30.04
CA MET J 224 59.21 -42.84 29.05
C MET J 224 58.25 -42.03 28.18
N ALA J 225 56.96 -42.02 28.51
CA ALA J 225 55.99 -41.27 27.73
C ALA J 225 55.89 -39.84 28.23
N ASP J 226 55.81 -38.89 27.30
CA ASP J 226 55.69 -37.48 27.63
C ASP J 226 54.83 -36.78 26.57
N ASP J 227 54.29 -35.63 26.95
CA ASP J 227 53.41 -34.89 26.05
C ASP J 227 54.17 -34.47 24.79
N PHE J 228 53.43 -33.91 23.84
CA PHE J 228 54.06 -33.47 22.60
C PHE J 228 55.11 -32.41 22.88
N ASN J 229 56.15 -32.40 22.05
CA ASN J 229 57.23 -31.42 22.13
C ASN J 229 57.44 -30.83 20.73
N PRO J 230 56.43 -30.12 20.22
CA PRO J 230 56.55 -29.60 18.84
C PRO J 230 57.77 -28.71 18.66
N ASP J 231 58.14 -27.95 19.68
CA ASP J 231 59.37 -27.15 19.58
C ASP J 231 60.59 -28.03 19.38
N ARG J 232 60.67 -29.14 20.13
CA ARG J 232 61.81 -30.04 19.98
C ARG J 232 61.83 -30.67 18.60
N TYR J 233 60.67 -31.09 18.10
CA TYR J 233 60.60 -31.66 16.76
C TYR J 233 60.84 -30.56 15.72
N HIS J 234 61.76 -30.81 14.80
CA HIS J 234 62.04 -29.86 13.73
C HIS J 234 62.82 -30.57 12.64
N ASP J 235 62.84 -29.96 11.46
CA ASP J 235 63.49 -30.55 10.28
C ASP J 235 64.99 -30.30 10.38
N THR J 236 65.71 -31.28 10.90
CA THR J 236 67.16 -31.17 11.00
C THR J 236 67.79 -31.09 9.62
N TYR J 237 67.36 -31.95 8.69
CA TYR J 237 67.95 -31.94 7.35
C TYR J 237 67.74 -30.59 6.67
N GLN J 238 66.54 -30.02 6.80
CA GLN J 238 66.31 -28.70 6.20
C GLN J 238 67.18 -27.64 6.85
N GLU J 239 67.41 -27.75 8.16
CA GLU J 239 68.31 -26.80 8.83
C GLU J 239 69.71 -26.89 8.25
N GLN J 240 70.23 -28.11 8.09
CA GLN J 240 71.56 -28.26 7.51
C GLN J 240 71.61 -27.74 6.09
N LEU J 241 70.57 -28.03 5.30
CA LEU J 241 70.54 -27.55 3.92
C LEU J 241 70.51 -26.03 3.86
N GLN J 242 69.73 -25.40 4.73
CA GLN J 242 69.67 -23.95 4.77
C GLN J 242 71.00 -23.36 5.20
N GLU J 243 71.68 -24.00 6.16
CA GLU J 243 73.01 -23.54 6.54
C GLU J 243 73.97 -23.60 5.36
N LEU J 244 73.94 -24.70 4.60
CA LEU J 244 74.80 -24.82 3.44
C LEU J 244 74.47 -23.75 2.40
N ILE J 245 73.18 -23.51 2.17
CA ILE J 245 72.78 -22.50 1.20
C ILE J 245 73.26 -21.12 1.62
N ASP J 246 73.11 -20.79 2.90
CA ASP J 246 73.58 -19.51 3.41
C ASP J 246 75.10 -19.40 3.26
N THR J 247 75.83 -20.48 3.54
CA THR J 247 77.27 -20.46 3.36
C THR J 247 77.64 -20.18 1.90
N LYS J 248 76.93 -20.83 0.98
CA LYS J 248 77.17 -20.54 -0.44
C LYS J 248 76.82 -19.10 -0.78
N LEU J 249 75.70 -18.61 -0.25
CA LEU J 249 75.28 -17.23 -0.51
C LEU J 249 75.98 -16.27 0.44
N MET K 23 -71.59 17.72 -1.02
CA MET K 23 -71.67 17.77 -2.51
C MET K 23 -72.81 18.67 -2.96
N ARG K 24 -72.68 19.97 -2.67
CA ARG K 24 -73.69 20.95 -3.02
C ARG K 24 -73.02 22.13 -3.71
N ALA K 25 -73.78 22.79 -4.59
CA ALA K 25 -73.24 23.90 -5.35
C ALA K 25 -72.82 25.03 -4.42
N ILE K 26 -71.67 25.63 -4.71
CA ILE K 26 -71.21 26.79 -3.94
C ILE K 26 -72.11 27.98 -4.21
N TRP K 27 -72.39 28.26 -5.47
CA TRP K 27 -73.26 29.37 -5.83
C TRP K 27 -73.75 29.16 -7.25
N THR K 28 -74.78 29.92 -7.62
CA THR K 28 -75.24 29.91 -9.00
C THR K 28 -74.24 30.61 -9.90
N GLY K 29 -74.30 30.30 -11.18
CA GLY K 29 -73.42 30.93 -12.15
C GLY K 29 -74.08 31.15 -13.49
N SER K 30 -74.00 32.39 -13.99
CA SER K 30 -74.51 32.74 -15.32
C SER K 30 -73.39 33.41 -16.09
N ILE K 31 -72.93 32.76 -17.15
CA ILE K 31 -71.85 33.29 -17.98
C ILE K 31 -72.47 33.81 -19.27
N ALA K 32 -72.26 35.10 -19.53
CA ALA K 32 -72.87 35.78 -20.67
C ALA K 32 -71.88 35.75 -21.83
N PHE K 33 -71.93 34.68 -22.62
CA PHE K 33 -71.13 34.58 -23.84
C PHE K 33 -71.91 35.27 -24.94
N GLY K 34 -71.59 36.54 -25.20
CA GLY K 34 -72.37 37.30 -26.16
C GLY K 34 -73.84 37.31 -25.79
N LEU K 35 -74.69 37.11 -26.79
CA LEU K 35 -76.12 37.01 -26.54
C LEU K 35 -76.44 35.74 -25.75
N VAL K 36 -75.82 34.62 -26.11
CA VAL K 36 -76.15 33.33 -25.51
C VAL K 36 -75.47 33.24 -24.15
N ASN K 37 -76.26 33.30 -23.09
CA ASN K 37 -75.77 33.15 -21.72
C ASN K 37 -76.15 31.77 -21.21
N VAL K 38 -75.17 31.06 -20.66
CA VAL K 38 -75.38 29.71 -20.14
C VAL K 38 -75.43 29.81 -18.62
N PRO K 39 -76.57 29.51 -17.98
CA PRO K 39 -76.58 29.42 -16.51
C PRO K 39 -75.88 28.16 -16.05
N VAL K 40 -74.74 28.32 -15.40
CA VAL K 40 -73.87 27.21 -15.01
C VAL K 40 -73.73 27.22 -13.49
N LYS K 41 -73.94 26.06 -12.87
CA LYS K 41 -73.84 25.90 -11.42
C LYS K 41 -72.48 25.30 -11.08
N VAL K 42 -71.79 25.91 -10.13
CA VAL K 42 -70.44 25.48 -9.77
C VAL K 42 -70.50 24.48 -8.64
N TYR K 43 -69.49 23.61 -8.58
CA TYR K 43 -69.42 22.57 -7.56
C TYR K 43 -67.97 22.32 -7.21
N SER K 44 -67.67 22.26 -5.92
CA SER K 44 -66.29 22.13 -5.46
C SER K 44 -65.68 20.85 -6.02
N ALA K 45 -64.47 20.97 -6.56
CA ALA K 45 -63.73 19.84 -7.09
C ALA K 45 -62.79 19.22 -6.07
N THR K 46 -62.71 19.77 -4.86
CA THR K 46 -61.78 19.27 -3.86
C THR K 46 -62.31 19.61 -2.47
N ALA K 47 -61.79 18.90 -1.48
CA ALA K 47 -62.17 19.13 -0.09
C ALA K 47 -61.16 18.44 0.81
N ASP K 48 -60.69 19.18 1.81
CA ASP K 48 -59.55 18.74 2.62
C ASP K 48 -59.71 17.29 3.05
N HIS K 49 -58.66 16.50 2.78
CA HIS K 49 -58.63 15.12 3.25
C HIS K 49 -58.31 15.02 4.73
N ASP K 50 -57.53 15.97 5.26
CA ASP K 50 -57.11 15.88 6.65
C ASP K 50 -58.31 15.94 7.59
N ILE K 51 -58.21 15.19 8.69
CA ILE K 51 -59.26 15.22 9.71
C ILE K 51 -59.13 16.52 10.50
N ARG K 52 -60.25 17.22 10.63
CA ARG K 52 -60.27 18.52 11.30
C ARG K 52 -60.70 18.35 12.75
N PHE K 53 -59.92 18.91 13.66
CA PHE K 53 -60.19 18.83 15.08
C PHE K 53 -60.56 20.22 15.62
N HIS K 54 -60.96 20.24 16.89
CA HIS K 54 -61.31 21.49 17.57
C HIS K 54 -60.75 21.45 18.98
N GLN K 55 -60.57 22.63 19.56
CA GLN K 55 -59.98 22.73 20.89
C GLN K 55 -60.80 21.98 21.91
N VAL K 56 -60.14 21.19 22.74
CA VAL K 56 -60.80 20.44 23.80
C VAL K 56 -59.93 20.45 25.05
N HIS K 57 -60.29 21.29 26.02
CA HIS K 57 -59.58 21.31 27.29
C HIS K 57 -59.73 19.95 27.97
N ALA K 58 -58.62 19.43 28.49
CA ALA K 58 -58.65 18.09 29.09
C ALA K 58 -59.67 18.02 30.22
N LYS K 59 -59.63 19.00 31.13
CA LYS K 59 -60.62 19.03 32.21
C LYS K 59 -62.02 19.20 31.65
N ASP K 60 -62.19 20.11 30.69
CA ASP K 60 -63.52 20.41 30.17
C ASP K 60 -64.04 19.28 29.30
N ASN K 61 -63.19 18.74 28.42
CA ASN K 61 -63.63 17.77 27.42
C ASN K 61 -64.73 18.37 26.55
N GLY K 62 -64.64 19.68 26.30
CA GLY K 62 -65.64 20.39 25.53
C GLY K 62 -64.99 21.38 24.58
N ARG K 63 -65.82 21.92 23.68
CA ARG K 63 -65.34 22.85 22.68
C ARG K 63 -64.86 24.15 23.30
N ILE K 64 -63.91 24.80 22.62
CA ILE K 64 -63.37 26.09 23.04
C ILE K 64 -63.50 27.04 21.86
N ARG K 65 -63.99 28.26 22.13
CA ARG K 65 -64.18 29.26 21.10
C ARG K 65 -63.52 30.57 21.53
N TYR K 66 -62.84 31.21 20.58
CA TYR K 66 -62.25 32.51 20.80
C TYR K 66 -63.35 33.57 20.95
N LYS K 67 -62.94 34.80 21.24
CA LYS K 67 -63.88 35.91 21.28
C LYS K 67 -63.08 37.21 21.16
N ARG K 68 -63.72 38.23 20.60
CA ARG K 68 -63.06 39.52 20.42
C ARG K 68 -62.98 40.23 21.76
N VAL K 69 -61.81 40.21 22.39
CA VAL K 69 -61.58 40.90 23.66
C VAL K 69 -60.65 42.07 23.38
N CYS K 70 -61.14 43.28 23.64
CA CYS K 70 -60.36 44.49 23.39
C CYS K 70 -59.17 44.55 24.34
N GLU K 71 -57.97 44.69 23.76
CA GLU K 71 -56.75 44.72 24.58
C GLU K 71 -56.71 45.95 25.46
N ALA K 72 -57.03 47.12 24.89
CA ALA K 72 -57.04 48.34 25.68
C ALA K 72 -58.21 48.36 26.66
N CYS K 73 -59.37 47.87 26.22
CA CYS K 73 -60.55 47.88 27.07
C CYS K 73 -60.48 46.77 28.12
N GLY K 74 -59.91 45.63 27.76
CA GLY K 74 -59.86 44.49 28.66
C GLY K 74 -61.18 43.78 28.84
N GLU K 75 -62.08 43.88 27.87
CA GLU K 75 -63.40 43.27 27.97
C GLU K 75 -63.77 42.64 26.64
N VAL K 76 -64.67 41.64 26.71
CA VAL K 76 -65.13 40.97 25.51
C VAL K 76 -66.01 41.91 24.68
N VAL K 77 -65.77 41.93 23.38
CA VAL K 77 -66.51 42.78 22.45
C VAL K 77 -67.00 41.91 21.30
N ASP K 78 -68.00 42.41 20.58
CA ASP K 78 -68.51 41.74 19.41
C ASP K 78 -67.71 42.14 18.17
N TYR K 79 -67.68 41.25 17.18
CA TYR K 79 -66.92 41.53 15.97
C TYR K 79 -67.47 42.74 15.23
N ARG K 80 -68.80 42.89 15.22
CA ARG K 80 -69.40 44.03 14.54
C ARG K 80 -68.86 45.35 15.07
N ASP K 81 -68.72 45.46 16.39
CA ASP K 81 -68.17 46.68 16.97
C ASP K 81 -66.73 46.91 16.51
N LEU K 82 -65.94 45.85 16.46
CA LEU K 82 -64.57 45.95 16.00
C LEU K 82 -64.52 46.19 14.49
N ALA K 83 -63.53 46.97 14.07
CA ALA K 83 -63.31 47.29 12.67
C ALA K 83 -61.97 46.71 12.23
N ARG K 84 -62.00 45.94 11.14
CA ARG K 84 -60.77 45.30 10.66
C ARG K 84 -59.76 46.35 10.23
N ALA K 85 -58.50 46.10 10.56
CA ALA K 85 -57.40 47.01 10.23
C ALA K 85 -56.24 46.23 9.63
N TYR K 86 -55.67 46.76 8.56
CA TYR K 86 -54.46 46.18 8.00
C TYR K 86 -53.28 46.45 8.93
N GLU K 87 -52.38 45.47 9.01
CA GLU K 87 -51.23 45.57 9.92
C GLU K 87 -50.25 46.57 9.34
N SER K 88 -50.56 47.85 9.54
CA SER K 88 -49.72 48.92 9.04
C SER K 88 -48.37 48.89 9.72
N GLY K 89 -47.32 49.27 8.97
CA GLY K 89 -46.00 49.37 9.55
C GLY K 89 -45.95 50.35 10.70
N ASP K 90 -46.69 51.47 10.57
CA ASP K 90 -46.78 52.44 11.65
C ASP K 90 -47.60 51.91 12.82
N GLY K 91 -48.44 50.91 12.60
CA GLY K 91 -49.30 50.41 13.66
C GLY K 91 -50.47 51.30 13.99
N GLN K 92 -50.80 52.25 13.12
CA GLN K 92 -51.87 53.20 13.39
C GLN K 92 -53.24 52.53 13.22
N MET K 93 -54.26 53.24 13.68
CA MET K 93 -55.63 52.73 13.64
C MET K 93 -56.18 52.73 12.23
N VAL K 94 -56.95 51.69 11.90
CA VAL K 94 -57.68 51.61 10.65
C VAL K 94 -59.06 51.04 10.92
N ALA K 95 -60.07 51.59 10.25
CA ALA K 95 -61.44 51.16 10.40
C ALA K 95 -61.95 50.68 9.05
N ILE K 96 -62.26 49.38 8.95
CA ILE K 96 -62.75 48.83 7.70
C ILE K 96 -64.08 49.48 7.34
N THR K 97 -64.24 49.83 6.07
CA THR K 97 -65.45 50.44 5.55
C THR K 97 -65.97 49.60 4.39
N ASP K 98 -67.24 49.18 4.49
CA ASP K 98 -67.85 48.37 3.45
C ASP K 98 -68.05 49.13 2.15
N ASP K 99 -67.94 50.47 2.17
CA ASP K 99 -68.14 51.24 0.96
C ASP K 99 -67.10 50.88 -0.10
N ASP K 100 -65.85 50.67 0.30
CA ASP K 100 -64.79 50.36 -0.65
C ASP K 100 -65.13 49.12 -1.47
N ILE K 101 -65.48 48.02 -0.79
CA ILE K 101 -65.78 46.78 -1.50
C ILE K 101 -67.11 46.90 -2.23
N ALA K 102 -68.10 47.56 -1.64
CA ALA K 102 -69.41 47.66 -2.27
C ALA K 102 -69.35 48.49 -3.55
N SER K 103 -68.38 49.40 -3.66
CA SER K 103 -68.33 50.27 -4.83
C SER K 103 -68.11 49.48 -6.12
N LEU K 104 -67.25 48.47 -6.06
CA LEU K 104 -66.92 47.73 -7.27
C LEU K 104 -68.18 47.03 -7.81
N PRO K 105 -68.38 47.02 -9.13
CA PRO K 105 -69.56 46.35 -9.69
C PRO K 105 -69.35 44.85 -9.90
N GLU K 106 -68.09 44.45 -10.10
CA GLU K 106 -67.80 43.04 -10.34
C GLU K 106 -68.22 42.19 -9.15
N GLU K 107 -67.91 42.65 -7.93
CA GLU K 107 -68.31 41.90 -6.74
C GLU K 107 -69.82 41.77 -6.66
N ARG K 108 -70.54 42.85 -6.96
CA ARG K 108 -72.00 42.80 -6.92
C ARG K 108 -72.55 41.84 -7.96
N SER K 109 -71.98 41.85 -9.16
CA SER K 109 -72.50 41.04 -10.26
C SER K 109 -72.35 39.56 -9.91
N ARG K 110 -73.48 38.91 -9.61
CA ARG K 110 -73.46 37.48 -9.29
C ARG K 110 -73.28 36.62 -10.54
N GLU K 111 -73.52 37.18 -11.73
CA GLU K 111 -73.36 36.42 -12.96
C GLU K 111 -71.88 36.27 -13.31
N ILE K 112 -71.58 35.18 -14.02
CA ILE K 112 -70.20 34.93 -14.45
C ILE K 112 -69.87 35.83 -15.64
N GLU K 113 -68.62 36.30 -15.68
CA GLU K 113 -68.17 37.22 -16.73
C GLU K 113 -67.11 36.54 -17.58
N VAL K 114 -67.30 36.59 -18.90
CA VAL K 114 -66.33 36.06 -19.85
C VAL K 114 -65.54 37.23 -20.42
N LEU K 115 -64.22 37.09 -20.48
CA LEU K 115 -63.35 38.17 -20.92
C LEU K 115 -62.46 37.80 -22.09
N GLU K 116 -61.93 36.59 -22.15
CA GLU K 116 -61.02 36.22 -23.23
C GLU K 116 -60.77 34.73 -23.22
N PHE K 117 -60.26 34.23 -24.35
CA PHE K 117 -59.79 32.85 -24.49
C PHE K 117 -58.30 32.87 -24.79
N VAL K 118 -57.55 32.01 -24.11
CA VAL K 118 -56.10 31.99 -24.25
C VAL K 118 -55.63 30.56 -24.49
N PRO K 119 -54.60 30.33 -25.29
CA PRO K 119 -54.15 28.95 -25.56
C PRO K 119 -53.69 28.26 -24.29
N ALA K 120 -53.88 26.93 -24.26
CA ALA K 120 -53.46 26.15 -23.11
C ALA K 120 -51.95 26.21 -22.94
N ALA K 121 -51.20 26.16 -24.04
CA ALA K 121 -49.75 26.24 -23.95
C ALA K 121 -49.31 27.58 -23.37
N ASP K 122 -50.08 28.65 -23.62
CA ASP K 122 -49.71 29.95 -23.10
C ASP K 122 -49.73 29.97 -21.58
N VAL K 123 -50.73 29.34 -20.97
CA VAL K 123 -50.86 29.32 -19.52
C VAL K 123 -49.89 28.29 -18.95
N ASP K 124 -49.27 28.63 -17.82
CA ASP K 124 -48.24 27.80 -17.21
C ASP K 124 -48.75 27.22 -15.91
N PRO K 125 -48.03 26.30 -15.27
CA PRO K 125 -48.56 25.67 -14.05
C PRO K 125 -48.93 26.67 -12.96
N MET K 126 -48.23 27.80 -12.90
CA MET K 126 -48.42 28.71 -11.78
C MET K 126 -49.85 29.22 -11.73
N MET K 127 -50.40 29.56 -12.90
CA MET K 127 -51.68 30.27 -12.93
C MET K 127 -52.76 29.48 -12.20
N PHE K 128 -52.66 28.15 -12.18
CA PHE K 128 -53.67 27.33 -11.52
C PHE K 128 -53.46 27.34 -10.02
N ASP K 129 -54.53 27.64 -9.27
CA ASP K 129 -54.52 27.56 -7.81
C ASP K 129 -55.57 26.62 -7.26
N ARG K 130 -56.82 26.72 -7.73
CA ARG K 130 -57.90 25.87 -7.27
C ARG K 130 -58.94 25.79 -8.39
N SER K 131 -59.68 24.68 -8.42
CA SER K 131 -60.66 24.47 -9.48
C SER K 131 -61.94 23.90 -8.90
N TYR K 132 -63.03 24.08 -9.64
CA TYR K 132 -64.33 23.53 -9.32
C TYR K 132 -65.03 23.11 -10.60
N PHE K 133 -65.87 22.09 -10.49
CA PHE K 133 -66.64 21.63 -11.64
C PHE K 133 -67.60 22.73 -12.11
N LEU K 134 -68.17 22.52 -13.29
CA LEU K 134 -69.15 23.44 -13.84
C LEU K 134 -70.17 22.64 -14.64
N GLU K 135 -71.45 22.98 -14.46
CA GLU K 135 -72.52 22.29 -15.16
C GLU K 135 -73.69 23.26 -15.28
N PRO K 136 -74.58 23.06 -16.26
CA PRO K 136 -75.63 24.04 -16.53
C PRO K 136 -76.83 23.85 -15.61
N ASP K 137 -77.32 24.98 -15.07
CA ASP K 137 -78.50 24.94 -14.23
C ASP K 137 -79.71 24.45 -15.01
N SER K 138 -79.91 24.97 -16.22
CA SER K 138 -81.04 24.58 -17.03
C SER K 138 -80.93 23.11 -17.43
N LYS K 139 -82.10 22.46 -17.60
CA LYS K 139 -82.12 21.07 -18.00
C LYS K 139 -81.59 20.85 -19.41
N SER K 140 -81.46 21.92 -20.21
CA SER K 140 -80.92 21.83 -21.56
C SER K 140 -79.42 22.09 -21.48
N SER K 141 -78.62 21.02 -21.51
CA SER K 141 -77.17 21.12 -21.51
C SER K 141 -76.61 21.35 -22.91
N LYS K 142 -77.44 21.78 -23.85
CA LYS K 142 -77.02 21.96 -25.24
C LYS K 142 -75.92 23.00 -25.34
N SER K 143 -76.25 24.26 -25.03
CA SER K 143 -75.29 25.35 -25.19
C SER K 143 -74.01 25.05 -24.45
N TYR K 144 -74.12 24.47 -23.24
CA TYR K 144 -72.92 24.11 -22.49
C TYR K 144 -72.09 23.09 -23.26
N VAL K 145 -72.75 22.10 -23.87
CA VAL K 145 -72.02 21.08 -24.62
C VAL K 145 -71.29 21.70 -25.79
N LEU K 146 -71.98 22.55 -26.56
CA LEU K 146 -71.31 23.18 -27.70
C LEU K 146 -70.16 24.06 -27.24
N LEU K 147 -70.33 24.81 -26.15
CA LEU K 147 -69.26 25.67 -25.67
C LEU K 147 -68.06 24.83 -25.26
N ALA K 148 -68.29 23.74 -24.53
CA ALA K 148 -67.19 22.88 -24.12
C ALA K 148 -66.47 22.29 -25.32
N LYS K 149 -67.23 21.82 -26.31
CA LYS K 149 -66.60 21.18 -27.46
C LYS K 149 -65.81 22.18 -28.29
N THR K 150 -66.36 23.37 -28.53
CA THR K 150 -65.63 24.38 -29.30
C THR K 150 -64.39 24.84 -28.54
N LEU K 151 -64.48 24.96 -27.21
CA LEU K 151 -63.31 25.29 -26.42
C LEU K 151 -62.24 24.22 -26.55
N ALA K 152 -62.65 22.95 -26.51
CA ALA K 152 -61.68 21.86 -26.67
C ALA K 152 -61.02 21.92 -28.04
N GLU K 153 -61.81 22.14 -29.09
CA GLU K 153 -61.26 22.18 -30.44
C GLU K 153 -60.28 23.35 -30.58
N THR K 154 -60.69 24.55 -30.17
CA THR K 154 -59.83 25.71 -30.33
C THR K 154 -58.62 25.67 -29.41
N ASP K 155 -58.69 24.92 -28.31
CA ASP K 155 -57.59 24.83 -27.36
C ASP K 155 -57.15 26.22 -26.91
N ARG K 156 -58.13 27.04 -26.52
CA ARG K 156 -57.87 28.38 -26.00
C ARG K 156 -58.68 28.53 -24.71
N MET K 157 -58.10 28.08 -23.60
CA MET K 157 -58.79 28.06 -22.32
C MET K 157 -59.40 29.42 -22.02
N ALA K 158 -60.70 29.44 -21.76
CA ALA K 158 -61.39 30.68 -21.50
C ALA K 158 -61.03 31.21 -20.12
N ILE K 159 -61.19 32.52 -19.96
CA ILE K 159 -60.81 33.22 -18.74
C ILE K 159 -62.01 34.02 -18.24
N VAL K 160 -62.15 34.10 -16.92
CA VAL K 160 -63.28 34.75 -16.28
C VAL K 160 -62.77 35.54 -15.09
N HIS K 161 -63.33 36.74 -14.89
CA HIS K 161 -63.09 37.53 -13.68
C HIS K 161 -64.10 37.10 -12.62
N PHE K 162 -63.91 35.87 -12.15
CA PHE K 162 -64.92 35.22 -11.31
C PHE K 162 -65.09 35.95 -9.98
N THR K 163 -66.30 35.84 -9.43
CA THR K 163 -66.65 36.48 -8.18
C THR K 163 -67.31 35.46 -7.26
N LEU K 164 -67.17 35.68 -5.96
CA LEU K 164 -67.90 34.91 -4.97
C LEU K 164 -67.88 35.68 -3.67
N ARG K 165 -68.98 35.61 -2.92
CA ARG K 165 -69.17 36.34 -1.68
C ARG K 165 -68.53 37.73 -1.77
N ASN K 166 -69.00 38.49 -2.77
CA ASN K 166 -68.49 39.81 -3.08
C ASN K 166 -66.96 39.84 -3.07
N LYS K 167 -66.38 38.87 -3.79
CA LYS K 167 -64.92 38.80 -3.94
C LYS K 167 -64.61 38.37 -5.37
N THR K 168 -64.22 39.33 -6.20
CA THR K 168 -63.83 39.03 -7.57
C THR K 168 -62.44 38.40 -7.61
N ARG K 169 -62.18 37.63 -8.65
CA ARG K 169 -60.88 37.01 -8.84
C ARG K 169 -60.81 36.44 -10.24
N LEU K 170 -59.67 36.64 -10.91
CA LEU K 170 -59.47 36.10 -12.24
C LEU K 170 -59.54 34.58 -12.20
N ALA K 171 -60.11 34.00 -13.25
CA ALA K 171 -60.29 32.55 -13.33
C ALA K 171 -60.16 32.12 -14.78
N ALA K 172 -59.91 30.82 -14.97
CA ALA K 172 -59.79 30.24 -16.30
C ALA K 172 -60.63 28.97 -16.39
N LEU K 173 -61.00 28.62 -17.61
CA LEU K 173 -61.89 27.49 -17.88
C LEU K 173 -61.14 26.41 -18.65
N ARG K 174 -61.48 25.16 -18.36
CA ARG K 174 -60.93 24.03 -19.08
C ARG K 174 -61.91 22.87 -18.99
N VAL K 175 -61.83 21.97 -19.96
CA VAL K 175 -62.73 20.82 -20.06
C VAL K 175 -61.88 19.55 -20.01
N LYS K 176 -62.26 18.62 -19.15
CA LYS K 176 -61.56 17.35 -19.00
C LYS K 176 -62.53 16.21 -19.23
N ASP K 177 -62.06 15.18 -19.93
CA ASP K 177 -62.87 14.01 -20.28
C ASP K 177 -62.63 12.93 -19.25
N PHE K 178 -63.57 12.77 -18.33
CA PHE K 178 -63.52 11.65 -17.40
C PHE K 178 -63.90 10.36 -18.11
N GLY K 179 -63.63 9.24 -17.45
CA GLY K 179 -63.92 7.95 -18.06
C GLY K 179 -65.38 7.81 -18.47
N LYS K 180 -66.28 8.32 -17.64
CA LYS K 180 -67.71 8.24 -17.93
C LYS K 180 -68.19 9.38 -18.82
N ARG K 181 -67.63 10.57 -18.67
CA ARG K 181 -68.15 11.75 -19.37
C ARG K 181 -67.05 12.80 -19.43
N GLU K 182 -67.39 13.94 -20.06
CA GLU K 182 -66.51 15.09 -20.13
C GLU K 182 -67.26 16.31 -19.62
N VAL K 183 -66.60 17.13 -18.81
CA VAL K 183 -67.21 18.28 -18.17
C VAL K 183 -66.26 19.47 -18.28
N MET K 184 -66.84 20.65 -18.56
CA MET K 184 -66.09 21.89 -18.52
C MET K 184 -66.04 22.39 -17.08
N MET K 185 -64.93 23.05 -16.74
CA MET K 185 -64.71 23.45 -15.35
C MET K 185 -63.72 24.60 -15.30
N VAL K 186 -63.59 25.18 -14.10
CA VAL K 186 -62.94 26.47 -13.91
C VAL K 186 -61.68 26.28 -13.06
N HIS K 187 -60.82 27.30 -13.09
CA HIS K 187 -59.63 27.37 -12.26
C HIS K 187 -59.61 28.69 -11.52
N THR K 188 -59.01 28.69 -10.33
CA THR K 188 -58.77 29.91 -9.58
C THR K 188 -57.40 30.44 -10.00
N LEU K 189 -57.40 31.60 -10.66
CA LEU K 189 -56.21 32.12 -11.31
C LEU K 189 -55.57 33.18 -10.43
N LEU K 190 -54.35 32.91 -9.97
CA LEU K 190 -53.62 33.89 -9.18
C LEU K 190 -53.27 35.11 -10.04
N TRP K 191 -53.14 36.25 -9.38
CA TRP K 191 -52.82 37.47 -10.10
C TRP K 191 -51.36 37.45 -10.54
N PRO K 192 -51.07 37.63 -11.83
CA PRO K 192 -49.66 37.52 -12.27
C PRO K 192 -48.72 38.48 -11.56
N ASP K 193 -49.21 39.63 -11.10
CA ASP K 193 -48.35 40.53 -10.35
C ASP K 193 -47.86 39.90 -9.05
N GLU K 194 -48.64 38.97 -8.49
CA GLU K 194 -48.32 38.44 -7.17
C GLU K 194 -47.02 37.65 -7.19
N ILE K 195 -46.78 36.85 -8.23
CA ILE K 195 -45.57 36.04 -8.28
C ILE K 195 -44.36 36.95 -8.21
N ARG K 196 -43.39 36.57 -7.37
CA ARG K 196 -42.18 37.34 -7.16
C ARG K 196 -41.00 36.54 -7.72
N ASP K 197 -40.46 36.99 -8.84
CA ASP K 197 -39.33 36.31 -9.44
C ASP K 197 -38.12 36.41 -8.52
N PRO K 198 -37.37 35.33 -8.33
CA PRO K 198 -36.23 35.36 -7.41
C PRO K 198 -34.93 35.74 -8.10
N ASP K 199 -33.91 36.00 -7.29
CA ASP K 199 -32.56 36.25 -7.76
C ASP K 199 -31.64 35.26 -7.09
N PHE K 200 -30.89 34.50 -7.89
CA PHE K 200 -29.92 33.51 -7.41
C PHE K 200 -28.58 33.87 -8.04
N PRO K 201 -27.84 34.82 -7.46
CA PRO K 201 -26.57 35.23 -8.08
C PRO K 201 -25.62 34.08 -8.30
N VAL K 202 -25.59 33.11 -7.38
CA VAL K 202 -24.72 31.96 -7.56
C VAL K 202 -25.16 31.12 -8.74
N LEU K 203 -26.48 31.03 -8.99
CA LEU K 203 -26.99 30.18 -10.05
C LEU K 203 -26.45 30.61 -11.41
N ASP K 204 -26.49 31.91 -11.70
CA ASP K 204 -26.09 32.39 -13.02
C ASP K 204 -24.62 32.18 -13.31
N GLN K 205 -23.82 31.85 -12.31
CA GLN K 205 -22.41 31.57 -12.54
C GLN K 205 -22.26 30.42 -13.54
N LYS K 206 -21.31 30.59 -14.46
CA LYS K 206 -21.14 29.61 -15.53
C LYS K 206 -20.74 28.26 -14.96
N VAL K 207 -21.24 27.20 -15.59
CA VAL K 207 -20.93 25.83 -15.20
C VAL K 207 -20.81 24.97 -16.46
N GLU K 208 -19.86 24.04 -16.45
CA GLU K 208 -19.64 23.13 -17.57
C GLU K 208 -20.18 21.75 -17.23
N ILE K 209 -20.56 21.01 -18.27
CA ILE K 209 -21.15 19.69 -18.14
C ILE K 209 -20.35 18.71 -19.00
N LYS K 210 -20.03 17.54 -18.43
CA LYS K 210 -19.26 16.53 -19.14
C LYS K 210 -20.21 15.64 -19.94
N PRO K 211 -19.98 15.43 -21.24
CA PRO K 211 -20.88 14.55 -21.99
C PRO K 211 -21.04 13.16 -21.38
N ALA K 212 -19.95 12.59 -20.87
CA ALA K 212 -20.05 11.31 -20.17
C ALA K 212 -20.89 11.43 -18.92
N GLU K 213 -20.69 12.51 -18.15
CA GLU K 213 -21.52 12.76 -16.98
C GLU K 213 -22.97 12.98 -17.38
N LEU K 214 -23.20 13.67 -18.50
CA LEU K 214 -24.55 13.86 -19.00
C LEU K 214 -25.21 12.51 -19.30
N LYS K 215 -24.47 11.62 -19.97
CA LYS K 215 -25.02 10.30 -20.29
C LYS K 215 -25.30 9.51 -19.02
N MET K 216 -24.40 9.57 -18.04
CA MET K 216 -24.63 8.86 -16.79
C MET K 216 -25.86 9.39 -16.07
N ALA K 217 -26.03 10.72 -16.05
CA ALA K 217 -27.22 11.29 -15.43
C ALA K 217 -28.48 10.86 -16.16
N GLY K 218 -28.44 10.85 -17.50
CA GLY K 218 -29.60 10.44 -18.25
C GLY K 218 -30.00 9.01 -17.96
N GLN K 219 -29.02 8.09 -17.97
CA GLN K 219 -29.35 6.71 -17.67
C GLN K 219 -29.80 6.54 -16.23
N VAL K 220 -29.24 7.30 -15.30
CA VAL K 220 -29.67 7.21 -13.91
C VAL K 220 -31.13 7.61 -13.78
N VAL K 221 -31.51 8.73 -14.39
CA VAL K 221 -32.89 9.18 -14.28
C VAL K 221 -33.82 8.19 -14.98
N ASP K 222 -33.39 7.66 -16.13
CA ASP K 222 -34.22 6.67 -16.83
C ASP K 222 -34.42 5.43 -15.96
N SER K 223 -33.36 4.97 -15.30
CA SER K 223 -33.51 3.84 -14.39
C SER K 223 -34.48 4.16 -13.27
N MET K 224 -34.38 5.35 -12.69
CA MET K 224 -35.35 5.78 -11.70
C MET K 224 -36.68 6.15 -12.33
N ALA K 225 -36.68 6.52 -13.62
CA ALA K 225 -37.92 6.90 -14.28
C ALA K 225 -38.87 5.71 -14.34
N ASP K 226 -40.16 6.01 -14.28
CA ASP K 226 -41.20 4.99 -14.32
C ASP K 226 -42.50 5.64 -14.78
N ASP K 227 -43.61 4.93 -14.63
CA ASP K 227 -44.90 5.41 -15.08
C ASP K 227 -45.49 6.34 -14.02
N PHE K 228 -46.77 6.66 -14.15
CA PHE K 228 -47.49 7.49 -13.19
C PHE K 228 -48.39 6.59 -12.36
N ASN K 229 -48.26 6.68 -11.03
CA ASN K 229 -48.96 5.79 -10.10
C ASN K 229 -49.69 6.61 -9.05
N PRO K 230 -50.69 7.40 -9.46
CA PRO K 230 -51.41 8.22 -8.47
C PRO K 230 -52.07 7.40 -7.37
N ASP K 231 -52.62 6.22 -7.73
CA ASP K 231 -53.25 5.39 -6.73
C ASP K 231 -52.26 4.89 -5.68
N ARG K 232 -50.99 4.74 -6.07
CA ARG K 232 -49.98 4.28 -5.11
C ARG K 232 -49.65 5.37 -4.11
N TYR K 233 -49.63 6.63 -4.54
CA TYR K 233 -49.36 7.73 -3.63
C TYR K 233 -50.41 7.76 -2.52
N HIS K 234 -49.96 7.96 -1.29
CA HIS K 234 -50.86 7.98 -0.15
C HIS K 234 -50.27 8.86 0.94
N ASP K 235 -51.15 9.32 1.83
CA ASP K 235 -50.77 10.20 2.93
C ASP K 235 -50.59 9.34 4.18
N THR K 236 -49.33 9.01 4.48
CA THR K 236 -49.06 8.23 5.68
C THR K 236 -49.59 8.92 6.92
N TYR K 237 -49.47 10.24 6.99
CA TYR K 237 -50.02 10.99 8.11
C TYR K 237 -51.54 10.81 8.18
N GLN K 238 -52.21 10.87 7.03
CA GLN K 238 -53.66 10.70 7.04
C GLN K 238 -54.05 9.26 7.33
N GLU K 239 -53.22 8.29 6.93
CA GLU K 239 -53.47 6.92 7.34
C GLU K 239 -53.38 6.78 8.86
N GLN K 240 -52.39 7.45 9.46
CA GLN K 240 -52.30 7.44 10.91
C GLN K 240 -53.51 8.11 11.55
N LEU K 241 -53.99 9.19 10.94
CA LEU K 241 -55.21 9.83 11.44
C LEU K 241 -56.41 8.89 11.34
N GLN K 242 -56.50 8.14 10.25
CA GLN K 242 -57.57 7.15 10.11
C GLN K 242 -57.48 6.10 11.19
N GLU K 243 -56.25 5.63 11.49
CA GLU K 243 -56.08 4.67 12.56
C GLU K 243 -56.50 5.28 13.90
N LEU K 244 -56.16 6.55 14.12
CA LEU K 244 -56.53 7.21 15.37
C LEU K 244 -58.04 7.29 15.53
N ILE K 245 -58.75 7.68 14.45
CA ILE K 245 -60.20 7.75 14.54
C ILE K 245 -60.79 6.35 14.75
N ASP K 246 -60.18 5.33 14.15
CA ASP K 246 -60.59 3.96 14.45
C ASP K 246 -60.42 3.68 15.94
N THR K 247 -59.34 4.18 16.53
CA THR K 247 -59.16 4.04 17.97
C THR K 247 -60.27 4.75 18.73
N LYS K 248 -60.65 5.94 18.28
CA LYS K 248 -61.76 6.68 18.88
C LYS K 248 -63.08 5.96 18.60
N MET L 23 -36.60 37.28 -0.47
CA MET L 23 -35.21 37.09 0.02
C MET L 23 -35.19 36.35 1.35
N ARG L 24 -36.37 35.97 1.84
CA ARG L 24 -36.49 35.26 3.11
C ARG L 24 -36.44 33.76 2.85
N ALA L 25 -35.48 33.07 3.46
CA ALA L 25 -35.32 31.63 3.31
C ALA L 25 -36.38 30.94 4.15
N ILE L 26 -37.45 30.49 3.51
CA ILE L 26 -38.53 29.82 4.25
C ILE L 26 -38.08 28.46 4.74
N TRP L 27 -37.35 27.72 3.90
CA TRP L 27 -36.95 26.36 4.24
C TRP L 27 -35.61 26.05 3.59
N THR L 28 -34.88 25.11 4.19
CA THR L 28 -33.57 24.71 3.71
C THR L 28 -33.45 23.20 3.79
N GLY L 29 -32.48 22.67 3.07
CA GLY L 29 -32.25 21.23 3.10
C GLY L 29 -31.43 20.79 1.89
N SER L 30 -31.73 19.59 1.42
CA SER L 30 -31.00 19.00 0.30
C SER L 30 -31.86 17.93 -0.33
N ILE L 31 -31.74 17.79 -1.65
CA ILE L 31 -32.46 16.74 -2.36
C ILE L 31 -31.82 15.41 -2.00
N ALA L 32 -32.50 14.63 -1.15
CA ALA L 32 -31.98 13.36 -0.68
C ALA L 32 -32.14 12.23 -1.67
N PHE L 33 -32.39 12.56 -2.95
CA PHE L 33 -32.50 11.54 -3.98
C PHE L 33 -31.33 10.59 -3.90
N GLY L 34 -31.62 9.32 -3.60
CA GLY L 34 -30.59 8.31 -3.52
C GLY L 34 -29.38 8.79 -2.73
N LEU L 35 -28.25 8.92 -3.40
CA LEU L 35 -27.04 9.47 -2.80
C LEU L 35 -26.70 10.85 -3.36
N VAL L 36 -27.59 11.46 -4.14
CA VAL L 36 -27.26 12.73 -4.79
C VAL L 36 -27.03 13.82 -3.75
N ASN L 37 -27.97 13.99 -2.82
CA ASN L 37 -27.81 14.90 -1.68
C ASN L 37 -27.31 16.27 -2.13
N VAL L 38 -27.86 16.78 -3.23
CA VAL L 38 -27.49 18.11 -3.70
C VAL L 38 -28.07 19.13 -2.71
N PRO L 39 -27.24 19.92 -2.02
CA PRO L 39 -27.81 20.93 -1.12
C PRO L 39 -28.66 21.93 -1.87
N VAL L 40 -29.75 22.35 -1.23
CA VAL L 40 -30.66 23.32 -1.83
C VAL L 40 -31.33 24.11 -0.72
N LYS L 41 -31.63 25.38 -1.02
CA LYS L 41 -32.39 26.25 -0.14
C LYS L 41 -33.69 26.62 -0.83
N VAL L 42 -34.78 26.65 -0.06
CA VAL L 42 -36.12 26.84 -0.60
C VAL L 42 -36.62 28.22 -0.19
N TYR L 43 -37.15 28.95 -1.17
CA TYR L 43 -37.71 30.28 -0.95
C TYR L 43 -39.13 30.31 -1.50
N SER L 44 -40.03 30.96 -0.77
CA SER L 44 -41.41 31.06 -1.22
C SER L 44 -41.47 31.70 -2.60
N ALA L 45 -42.18 31.04 -3.52
CA ALA L 45 -42.16 31.50 -4.91
C ALA L 45 -42.98 32.77 -5.09
N THR L 46 -44.18 32.83 -4.51
CA THR L 46 -45.10 33.93 -4.73
C THR L 46 -45.55 34.50 -3.40
N ALA L 47 -45.70 35.82 -3.35
CA ALA L 47 -46.17 36.54 -2.17
C ALA L 47 -47.50 37.19 -2.49
N ASP L 48 -48.48 37.00 -1.61
CA ASP L 48 -49.79 37.59 -1.80
C ASP L 48 -49.69 39.11 -1.76
N HIS L 49 -50.39 39.76 -2.71
CA HIS L 49 -50.41 41.22 -2.74
C HIS L 49 -51.12 41.78 -1.51
N ASP L 50 -52.17 41.12 -1.06
CA ASP L 50 -52.94 41.62 0.08
C ASP L 50 -52.09 41.60 1.34
N ILE L 51 -52.44 42.47 2.28
CA ILE L 51 -51.73 42.62 3.55
C ILE L 51 -52.63 42.08 4.65
N ARG L 52 -52.07 41.26 5.53
CA ARG L 52 -52.84 40.68 6.62
C ARG L 52 -53.40 41.79 7.51
N PHE L 53 -54.58 41.52 8.07
CA PHE L 53 -55.30 42.48 8.88
C PHE L 53 -55.33 42.04 10.34
N HIS L 54 -55.16 43.01 11.24
CA HIS L 54 -55.30 42.79 12.68
C HIS L 54 -56.51 43.57 13.17
N GLN L 55 -57.41 42.89 13.88
CA GLN L 55 -58.65 43.51 14.31
C GLN L 55 -58.37 44.67 15.26
N VAL L 56 -59.19 45.72 15.14
CA VAL L 56 -59.10 46.90 16.00
C VAL L 56 -60.50 47.45 16.20
N HIS L 57 -60.72 48.08 17.35
CA HIS L 57 -61.99 48.68 17.71
C HIS L 57 -61.84 50.19 17.74
N ALA L 58 -62.63 50.89 16.92
CA ALA L 58 -62.49 52.34 16.83
C ALA L 58 -62.55 53.00 18.19
N LYS L 59 -63.34 52.43 19.11
CA LYS L 59 -63.39 52.96 20.47
C LYS L 59 -62.04 52.82 21.16
N ASP L 60 -61.37 51.68 21.00
CA ASP L 60 -60.16 51.40 21.76
C ASP L 60 -58.97 52.20 21.27
N ASN L 61 -58.87 52.44 19.97
CA ASN L 61 -57.73 53.15 19.38
C ASN L 61 -56.43 52.38 19.60
N GLY L 62 -56.44 51.12 19.18
CA GLY L 62 -55.27 50.28 19.30
C GLY L 62 -55.55 48.89 18.78
N ARG L 63 -54.51 48.06 18.82
CA ARG L 63 -54.64 46.68 18.38
C ARG L 63 -55.48 45.88 19.39
N ILE L 64 -55.91 44.70 18.96
CA ILE L 64 -56.77 43.82 19.77
C ILE L 64 -56.25 42.40 19.67
N ARG L 65 -56.17 41.72 20.81
CA ARG L 65 -55.76 40.33 20.89
C ARG L 65 -56.83 39.54 21.64
N TYR L 66 -57.26 38.43 21.05
CA TYR L 66 -58.31 37.60 21.62
C TYR L 66 -57.75 36.62 22.66
N LYS L 67 -58.66 35.98 23.37
CA LYS L 67 -58.35 34.86 24.27
C LYS L 67 -59.37 33.76 24.03
N ARG L 68 -59.26 32.68 24.81
CA ARG L 68 -60.07 31.48 24.60
C ARG L 68 -60.85 31.15 25.87
N VAL L 69 -62.14 30.84 25.69
CA VAL L 69 -62.99 30.34 26.76
C VAL L 69 -63.73 29.12 26.23
N CYS L 70 -63.91 28.12 27.09
CA CYS L 70 -64.69 26.94 26.71
C CYS L 70 -66.15 27.32 26.55
N GLU L 71 -66.96 26.33 26.18
CA GLU L 71 -68.41 26.43 26.26
C GLU L 71 -68.98 25.77 27.50
N ALA L 72 -68.20 24.90 28.16
CA ALA L 72 -68.59 24.29 29.42
C ALA L 72 -67.85 24.85 30.61
N CYS L 73 -66.56 25.20 30.46
CA CYS L 73 -65.87 25.94 31.50
C CYS L 73 -66.59 27.25 31.82
N GLY L 74 -66.94 27.99 30.77
CA GLY L 74 -67.31 29.38 30.97
C GLY L 74 -66.17 30.20 31.51
N GLU L 75 -64.93 29.69 31.40
CA GLU L 75 -63.76 30.30 32.01
C GLU L 75 -62.61 30.27 31.01
N VAL L 76 -61.79 31.32 31.05
CA VAL L 76 -60.71 31.47 30.09
C VAL L 76 -59.67 30.38 30.31
N VAL L 77 -59.29 29.70 29.22
CA VAL L 77 -58.27 28.66 29.26
C VAL L 77 -57.23 28.98 28.21
N ASP L 78 -55.96 29.02 28.61
CA ASP L 78 -54.90 29.36 27.68
C ASP L 78 -54.78 28.28 26.60
N TYR L 79 -54.28 28.70 25.43
CA TYR L 79 -54.20 27.77 24.31
C TYR L 79 -53.34 26.56 24.64
N ARG L 80 -52.40 26.70 25.58
CA ARG L 80 -51.50 25.60 25.91
C ARG L 80 -52.27 24.45 26.56
N ASP L 81 -53.15 24.76 27.51
CA ASP L 81 -53.88 23.71 28.21
C ASP L 81 -54.89 23.02 27.31
N LEU L 82 -55.32 23.67 26.23
CA LEU L 82 -56.25 23.04 25.30
C LEU L 82 -55.57 21.91 24.55
N ALA L 83 -56.31 20.84 24.30
CA ALA L 83 -55.79 19.65 23.62
C ALA L 83 -56.34 19.57 22.21
N ARG L 84 -55.54 19.00 21.31
CA ARG L 84 -55.93 18.81 19.92
C ARG L 84 -56.65 17.47 19.81
N ALA L 85 -57.97 17.51 19.94
CA ALA L 85 -58.81 16.32 19.92
C ALA L 85 -59.86 16.45 18.83
N TYR L 86 -60.07 15.37 18.09
CA TYR L 86 -61.08 15.38 17.04
C TYR L 86 -62.49 15.42 17.62
N GLU L 87 -63.38 16.07 16.90
CA GLU L 87 -64.79 16.20 17.30
C GLU L 87 -65.60 15.26 16.41
N SER L 88 -65.81 14.04 16.89
CA SER L 88 -66.56 13.04 16.13
C SER L 88 -68.06 13.29 16.22
N GLY L 89 -68.81 12.59 15.38
CA GLY L 89 -70.25 12.74 15.39
C GLY L 89 -70.85 12.37 16.74
N ASP L 90 -70.30 11.35 17.38
CA ASP L 90 -70.77 10.94 18.71
C ASP L 90 -70.46 11.96 19.78
N GLY L 91 -69.60 12.94 19.50
CA GLY L 91 -69.21 13.94 20.47
C GLY L 91 -68.00 13.59 21.30
N GLN L 92 -67.51 12.36 21.20
CA GLN L 92 -66.29 11.99 21.92
C GLN L 92 -65.10 12.71 21.34
N MET L 93 -64.21 13.18 22.21
CA MET L 93 -63.01 13.91 21.80
C MET L 93 -61.83 13.36 22.59
N VAL L 94 -60.79 12.94 21.89
CA VAL L 94 -59.60 12.35 22.49
C VAL L 94 -58.40 13.18 22.09
N ALA L 95 -57.60 13.59 23.07
CA ALA L 95 -56.41 14.38 22.79
C ALA L 95 -55.46 13.60 21.88
N ILE L 96 -54.86 14.29 20.92
CA ILE L 96 -53.99 13.64 19.96
C ILE L 96 -52.73 13.15 20.66
N THR L 97 -52.35 11.90 20.40
CA THR L 97 -51.14 11.34 20.97
C THR L 97 -49.92 11.96 20.31
N ASP L 98 -48.91 12.29 21.12
CA ASP L 98 -47.71 12.93 20.58
C ASP L 98 -46.85 11.94 19.80
N ASP L 99 -46.74 10.70 20.27
CA ASP L 99 -45.96 9.70 19.56
C ASP L 99 -46.54 9.44 18.18
N ASP L 100 -47.86 9.30 18.09
CA ASP L 100 -48.50 9.12 16.79
C ASP L 100 -48.24 10.32 15.89
N ILE L 101 -48.27 11.52 16.45
CA ILE L 101 -47.94 12.72 15.67
C ILE L 101 -46.53 12.58 15.09
N ALA L 102 -45.57 12.20 15.92
CA ALA L 102 -44.19 12.05 15.51
C ALA L 102 -43.86 10.63 15.05
N SER L 103 -44.84 9.73 15.03
CA SER L 103 -44.60 8.34 14.65
C SER L 103 -44.17 8.20 13.20
N LEU L 104 -44.38 9.21 12.38
CA LEU L 104 -43.98 9.14 10.97
C LEU L 104 -42.46 9.16 10.87
N PRO L 105 -41.83 8.16 10.24
CA PRO L 105 -40.36 8.21 10.10
C PRO L 105 -39.87 9.44 9.36
N GLU L 106 -40.64 9.94 8.39
CA GLU L 106 -40.26 11.12 7.62
C GLU L 106 -40.55 12.42 8.36
N GLU L 107 -41.15 12.36 9.56
CA GLU L 107 -41.50 13.58 10.27
C GLU L 107 -40.27 14.41 10.59
N ARG L 108 -39.20 13.76 11.04
CA ARG L 108 -37.98 14.49 11.37
C ARG L 108 -37.38 15.16 10.16
N SER L 109 -37.56 14.58 8.97
CA SER L 109 -36.83 14.98 7.77
C SER L 109 -36.72 16.49 7.65
N ARG L 110 -35.52 16.94 7.34
CA ARG L 110 -35.24 18.33 6.99
C ARG L 110 -34.56 18.39 5.62
N GLU L 111 -35.07 17.58 4.70
CA GLU L 111 -34.45 17.43 3.39
C GLU L 111 -35.50 16.88 2.43
N ILE L 112 -35.67 17.55 1.29
CA ILE L 112 -36.64 17.07 0.30
C ILE L 112 -36.15 15.75 -0.27
N GLU L 113 -37.06 14.79 -0.39
CA GLU L 113 -36.74 13.43 -0.81
C GLU L 113 -37.45 13.12 -2.11
N VAL L 114 -36.75 12.43 -3.02
CA VAL L 114 -37.26 12.11 -4.34
C VAL L 114 -37.81 10.69 -4.33
N LEU L 115 -38.88 10.47 -5.09
CA LEU L 115 -39.48 9.15 -5.24
C LEU L 115 -39.36 8.63 -6.66
N GLU L 116 -39.86 9.37 -7.65
CA GLU L 116 -39.98 8.86 -9.00
C GLU L 116 -39.80 10.01 -9.99
N PHE L 117 -39.82 9.66 -11.27
CA PHE L 117 -39.81 10.64 -12.35
C PHE L 117 -40.91 10.27 -13.34
N VAL L 118 -41.47 11.28 -14.02
CA VAL L 118 -42.58 11.04 -14.93
C VAL L 118 -42.77 12.25 -15.84
N PRO L 119 -43.24 12.06 -17.09
CA PRO L 119 -43.51 13.22 -17.94
C PRO L 119 -44.61 14.11 -17.38
N ALA L 120 -44.52 15.39 -17.72
CA ALA L 120 -45.44 16.38 -17.14
C ALA L 120 -46.88 16.07 -17.48
N ALA L 121 -47.15 15.68 -18.73
CA ALA L 121 -48.53 15.40 -19.14
C ALA L 121 -49.17 14.34 -18.26
N ASP L 122 -48.37 13.44 -17.69
CA ASP L 122 -48.93 12.39 -16.85
C ASP L 122 -49.64 12.97 -15.63
N VAL L 123 -49.02 13.95 -14.97
CA VAL L 123 -49.61 14.57 -13.80
C VAL L 123 -50.67 15.56 -14.25
N ASP L 124 -51.77 15.60 -13.51
CA ASP L 124 -52.92 16.42 -13.86
C ASP L 124 -52.85 17.76 -13.14
N PRO L 125 -52.98 18.89 -13.85
CA PRO L 125 -52.77 20.19 -13.20
C PRO L 125 -53.60 20.43 -11.95
N MET L 126 -54.80 19.83 -11.85
CA MET L 126 -55.65 20.12 -10.69
C MET L 126 -54.92 19.90 -9.39
N MET L 127 -54.03 18.92 -9.33
CA MET L 127 -53.33 18.63 -8.09
C MET L 127 -52.46 19.78 -7.62
N PHE L 128 -52.12 20.72 -8.51
CA PHE L 128 -51.24 21.83 -8.15
C PHE L 128 -51.90 22.71 -7.10
N ASP L 129 -51.23 22.89 -5.96
CA ASP L 129 -51.73 23.74 -4.88
C ASP L 129 -50.84 24.94 -4.63
N ARG L 130 -49.56 24.75 -4.33
CA ARG L 130 -48.65 25.85 -4.04
C ARG L 130 -47.28 25.52 -4.60
N SER L 131 -46.42 26.54 -4.65
CA SER L 131 -45.19 26.48 -5.43
C SER L 131 -44.05 27.22 -4.73
N TYR L 132 -42.87 26.61 -4.75
CA TYR L 132 -41.66 27.19 -4.19
C TYR L 132 -40.51 27.05 -5.18
N PHE L 133 -39.52 27.93 -5.06
CA PHE L 133 -38.30 27.87 -5.85
C PHE L 133 -37.22 27.13 -5.08
N LEU L 134 -36.26 26.59 -5.84
CA LEU L 134 -35.16 25.80 -5.28
C LEU L 134 -33.85 26.56 -5.51
N GLU L 135 -33.12 26.81 -4.42
CA GLU L 135 -31.91 27.60 -4.47
C GLU L 135 -30.68 26.70 -4.24
N PRO L 136 -29.87 26.44 -5.26
CA PRO L 136 -28.71 25.56 -5.08
C PRO L 136 -27.55 26.26 -4.38
N ASP L 137 -26.43 25.54 -4.29
CA ASP L 137 -25.24 26.02 -3.61
C ASP L 137 -24.05 25.94 -4.56
N SER L 138 -23.08 26.85 -4.37
CA SER L 138 -21.94 26.91 -5.27
C SER L 138 -21.13 25.63 -5.24
N LYS L 139 -20.89 25.08 -4.05
CA LYS L 139 -20.06 23.88 -3.95
C LYS L 139 -20.66 22.74 -4.74
N SER L 140 -21.99 22.60 -4.71
CA SER L 140 -22.71 21.62 -5.50
C SER L 140 -23.34 22.21 -6.74
N SER L 141 -23.02 23.46 -7.07
CA SER L 141 -23.66 24.12 -8.21
C SER L 141 -23.53 23.28 -9.47
N LYS L 142 -22.40 22.59 -9.63
CA LYS L 142 -22.23 21.73 -10.80
C LYS L 142 -23.31 20.65 -10.84
N SER L 143 -23.53 19.97 -9.72
CA SER L 143 -24.50 18.88 -9.68
C SER L 143 -25.90 19.42 -9.95
N TYR L 144 -26.27 20.54 -9.34
CA TYR L 144 -27.61 21.09 -9.57
C TYR L 144 -27.79 21.49 -11.02
N VAL L 145 -26.80 22.15 -11.61
CA VAL L 145 -26.91 22.56 -13.00
C VAL L 145 -27.05 21.36 -13.91
N LEU L 146 -26.28 20.31 -13.64
CA LEU L 146 -26.40 19.09 -14.44
C LEU L 146 -27.78 18.48 -14.29
N LEU L 147 -28.31 18.47 -13.06
CA LEU L 147 -29.65 17.92 -12.85
C LEU L 147 -30.69 18.72 -13.63
N ALA L 148 -30.57 20.04 -13.62
CA ALA L 148 -31.49 20.88 -14.38
C ALA L 148 -31.38 20.58 -15.87
N LYS L 149 -30.16 20.44 -16.37
CA LYS L 149 -29.98 20.18 -17.80
C LYS L 149 -30.58 18.84 -18.19
N THR L 150 -30.35 17.80 -17.39
CA THR L 150 -30.91 16.50 -17.73
C THR L 150 -32.43 16.52 -17.64
N LEU L 151 -32.99 17.22 -16.65
CA LEU L 151 -34.44 17.33 -16.58
C LEU L 151 -35.01 18.05 -17.80
N ALA L 152 -34.36 19.13 -18.23
CA ALA L 152 -34.83 19.85 -19.39
C ALA L 152 -34.76 18.97 -20.64
N GLU L 153 -33.66 18.25 -20.82
CA GLU L 153 -33.50 17.41 -22.00
C GLU L 153 -34.54 16.29 -22.00
N THR L 154 -34.65 15.56 -20.89
CA THR L 154 -35.61 14.46 -20.81
C THR L 154 -37.04 14.96 -20.77
N ASP L 155 -37.27 16.20 -20.35
CA ASP L 155 -38.61 16.77 -20.30
C ASP L 155 -39.56 15.86 -19.52
N ARG L 156 -39.06 15.32 -18.42
CA ARG L 156 -39.82 14.40 -17.58
C ARG L 156 -39.87 14.97 -16.16
N MET L 157 -41.07 15.31 -15.70
CA MET L 157 -41.23 15.85 -14.36
C MET L 157 -40.78 14.83 -13.33
N ALA L 158 -40.65 15.31 -12.08
CA ALA L 158 -40.25 14.46 -10.97
C ALA L 158 -41.25 14.62 -9.83
N ILE L 159 -41.77 13.50 -9.34
CA ILE L 159 -42.71 13.49 -8.23
C ILE L 159 -41.93 13.10 -6.98
N VAL L 160 -41.98 13.95 -5.96
CA VAL L 160 -41.11 13.85 -4.80
C VAL L 160 -41.89 14.13 -3.53
N HIS L 161 -41.60 13.36 -2.49
CA HIS L 161 -42.13 13.70 -1.18
C HIS L 161 -41.63 15.07 -0.75
N PHE L 162 -42.21 15.57 0.34
CA PHE L 162 -41.87 16.91 0.82
C PHE L 162 -42.16 16.98 2.31
N THR L 163 -41.25 17.62 3.04
CA THR L 163 -41.41 17.86 4.46
C THR L 163 -41.33 19.36 4.72
N LEU L 164 -42.14 19.84 5.65
CA LEU L 164 -42.18 21.27 5.95
C LEU L 164 -42.83 21.45 7.30
N ARG L 165 -42.10 22.06 8.23
CA ARG L 165 -42.58 22.31 9.59
C ARG L 165 -43.35 21.11 10.13
N ASN L 166 -42.66 19.97 10.19
CA ASN L 166 -43.16 18.72 10.78
C ASN L 166 -44.39 18.17 10.08
N LYS L 167 -44.74 18.72 8.91
CA LYS L 167 -45.84 18.18 8.11
C LYS L 167 -45.29 17.58 6.82
N THR L 168 -45.90 16.49 6.38
CA THR L 168 -45.61 15.89 5.09
C THR L 168 -46.58 16.45 4.06
N ARG L 169 -46.12 16.60 2.83
CA ARG L 169 -46.97 17.02 1.74
C ARG L 169 -46.42 16.44 0.44
N LEU L 170 -47.33 16.01 -0.43
CA LEU L 170 -46.93 15.42 -1.70
C LEU L 170 -46.79 16.51 -2.75
N ALA L 171 -45.71 16.45 -3.51
CA ALA L 171 -45.37 17.52 -4.43
C ALA L 171 -44.53 16.97 -5.57
N ALA L 172 -44.42 17.77 -6.62
CA ALA L 172 -43.56 17.46 -7.75
C ALA L 172 -42.73 18.69 -8.08
N LEU L 173 -41.68 18.49 -8.88
CA LEU L 173 -40.79 19.55 -9.27
C LEU L 173 -40.56 19.49 -10.78
N ARG L 174 -40.25 20.66 -11.35
CA ARG L 174 -40.02 20.78 -12.78
C ARG L 174 -39.02 21.91 -13.00
N VAL L 175 -38.54 22.00 -14.24
CA VAL L 175 -37.56 23.02 -14.61
C VAL L 175 -38.27 24.19 -15.24
N LYS L 176 -37.99 25.39 -14.74
CA LYS L 176 -38.55 26.63 -15.25
C LYS L 176 -37.41 27.55 -15.67
N ASP L 177 -37.61 28.27 -16.76
CA ASP L 177 -36.56 29.07 -17.36
C ASP L 177 -36.92 30.56 -17.28
N PHE L 178 -35.97 31.36 -16.80
CA PHE L 178 -36.08 32.82 -16.79
C PHE L 178 -35.11 33.43 -17.81
N GLY L 179 -34.97 32.80 -18.97
CA GLY L 179 -33.99 33.20 -19.95
C GLY L 179 -32.71 32.42 -19.79
N LYS L 180 -31.56 33.10 -19.84
CA LYS L 180 -30.31 32.43 -19.50
C LYS L 180 -30.36 31.85 -18.10
N ARG L 181 -31.15 32.45 -17.22
CA ARG L 181 -31.38 31.93 -15.88
C ARG L 181 -32.47 30.87 -15.95
N GLU L 182 -32.17 29.66 -15.46
CA GLU L 182 -33.14 28.58 -15.39
C GLU L 182 -33.10 27.99 -13.99
N VAL L 183 -34.26 27.93 -13.34
CA VAL L 183 -34.38 27.54 -11.94
C VAL L 183 -35.32 26.35 -11.84
N MET L 184 -34.88 25.32 -11.11
CA MET L 184 -35.78 24.24 -10.73
C MET L 184 -36.71 24.70 -9.63
N MET L 185 -37.91 24.15 -9.61
CA MET L 185 -38.92 24.57 -8.65
C MET L 185 -39.83 23.40 -8.29
N VAL L 186 -40.49 23.53 -7.15
CA VAL L 186 -41.35 22.50 -6.60
C VAL L 186 -42.76 23.05 -6.48
N HIS L 187 -43.75 22.21 -6.80
CA HIS L 187 -45.15 22.55 -6.66
C HIS L 187 -45.80 21.58 -5.70
N THR L 188 -46.40 22.09 -4.62
CA THR L 188 -47.18 21.25 -3.74
C THR L 188 -48.32 20.62 -4.52
N LEU L 189 -48.46 19.30 -4.44
CA LEU L 189 -49.46 18.57 -5.18
C LEU L 189 -50.54 18.07 -4.22
N LEU L 190 -51.80 18.28 -4.59
CA LEU L 190 -52.89 17.81 -3.76
C LEU L 190 -52.91 16.29 -3.73
N TRP L 191 -53.48 15.74 -2.66
CA TRP L 191 -53.48 14.30 -2.47
C TRP L 191 -54.32 13.63 -3.56
N PRO L 192 -54.07 12.36 -3.85
CA PRO L 192 -54.82 11.70 -4.93
C PRO L 192 -56.32 11.70 -4.71
N ASP L 193 -56.76 11.30 -3.51
CA ASP L 193 -58.20 11.23 -3.22
C ASP L 193 -58.86 12.59 -3.16
N GLU L 194 -58.09 13.68 -3.13
CA GLU L 194 -58.67 14.99 -2.90
C GLU L 194 -59.66 15.36 -3.99
N ILE L 195 -59.30 15.11 -5.25
CA ILE L 195 -60.18 15.46 -6.36
C ILE L 195 -61.40 14.54 -6.31
N ARG L 196 -62.56 15.12 -6.02
CA ARG L 196 -63.82 14.37 -5.95
C ARG L 196 -64.51 14.45 -7.30
N ASP L 197 -64.91 13.29 -7.82
CA ASP L 197 -65.54 13.23 -9.13
C ASP L 197 -66.96 13.80 -9.06
N PRO L 198 -67.52 14.20 -10.21
CA PRO L 198 -68.90 14.71 -10.21
C PRO L 198 -69.93 13.61 -10.41
N ASP L 199 -71.03 13.66 -9.66
CA ASP L 199 -72.14 12.73 -9.78
C ASP L 199 -73.34 13.55 -10.24
N PHE L 200 -73.53 13.64 -11.55
CA PHE L 200 -74.49 14.57 -12.13
C PHE L 200 -75.43 13.89 -13.11
N PRO L 201 -76.76 14.00 -12.92
CA PRO L 201 -77.68 13.45 -13.91
C PRO L 201 -78.05 14.44 -15.00
N VAL L 202 -77.79 15.72 -14.75
CA VAL L 202 -78.26 16.76 -15.67
C VAL L 202 -77.63 16.59 -17.04
N LEU L 203 -76.33 16.29 -17.09
CA LEU L 203 -75.66 16.02 -18.35
C LEU L 203 -75.74 14.55 -18.76
N ASP L 204 -76.23 13.67 -17.89
CA ASP L 204 -76.42 12.29 -18.28
C ASP L 204 -77.44 12.15 -19.40
N GLN L 205 -78.32 13.14 -19.56
CA GLN L 205 -79.23 13.17 -20.69
C GLN L 205 -78.44 13.39 -21.98
N LYS L 206 -78.78 12.63 -23.02
CA LYS L 206 -78.06 12.74 -24.28
C LYS L 206 -78.30 14.11 -24.92
N VAL L 207 -77.25 14.67 -25.51
CA VAL L 207 -77.29 15.98 -26.14
C VAL L 207 -76.81 15.84 -27.58
N GLU L 208 -77.46 16.55 -28.49
CA GLU L 208 -77.15 16.50 -29.91
C GLU L 208 -76.60 17.85 -30.35
N ILE L 209 -75.55 17.82 -31.16
CA ILE L 209 -74.81 19.01 -31.55
C ILE L 209 -74.97 19.21 -33.06
N LYS L 210 -75.35 20.42 -33.46
CA LYS L 210 -75.49 20.76 -34.86
C LYS L 210 -74.16 21.27 -35.40
N PRO L 211 -73.61 20.68 -36.47
CA PRO L 211 -72.36 21.23 -37.03
C PRO L 211 -72.49 22.69 -37.43
N ALA L 212 -73.66 23.10 -37.92
CA ALA L 212 -73.86 24.51 -38.28
C ALA L 212 -73.70 25.41 -37.06
N GLU L 213 -74.39 25.06 -35.96
CA GLU L 213 -74.24 25.84 -34.74
C GLU L 213 -72.84 25.70 -34.17
N LEU L 214 -72.21 24.54 -34.34
CA LEU L 214 -70.83 24.37 -33.88
C LEU L 214 -69.91 25.38 -34.56
N LYS L 215 -70.00 25.49 -35.89
CA LYS L 215 -69.15 26.44 -36.60
C LYS L 215 -69.56 27.88 -36.26
N MET L 216 -70.86 28.13 -36.09
CA MET L 216 -71.30 29.48 -35.73
C MET L 216 -70.71 29.92 -34.41
N ALA L 217 -70.68 29.03 -33.42
CA ALA L 217 -70.07 29.38 -32.14
C ALA L 217 -68.55 29.48 -32.25
N GLY L 218 -67.93 28.56 -33.00
CA GLY L 218 -66.49 28.58 -33.14
C GLY L 218 -65.99 29.84 -33.82
N GLN L 219 -66.78 30.39 -34.75
CA GLN L 219 -66.35 31.61 -35.42
C GLN L 219 -66.12 32.73 -34.42
N VAL L 220 -67.04 32.92 -33.48
CA VAL L 220 -66.84 33.94 -32.45
C VAL L 220 -65.74 33.50 -31.49
N VAL L 221 -65.75 32.23 -31.08
CA VAL L 221 -64.77 31.72 -30.14
C VAL L 221 -63.36 32.03 -30.61
N ASP L 222 -63.14 32.03 -31.93
CA ASP L 222 -61.84 32.34 -32.48
C ASP L 222 -61.69 33.80 -32.90
N SER L 223 -62.80 34.52 -33.10
CA SER L 223 -62.72 35.93 -33.45
C SER L 223 -62.30 36.77 -32.25
N MET L 224 -62.89 36.51 -31.09
CA MET L 224 -62.54 37.26 -29.89
C MET L 224 -61.36 36.66 -29.14
N ALA L 225 -60.79 35.58 -29.65
CA ALA L 225 -59.66 34.94 -28.99
C ALA L 225 -58.43 35.84 -29.03
N ASP L 226 -57.62 35.76 -27.97
CA ASP L 226 -56.37 36.49 -27.89
C ASP L 226 -55.40 35.73 -27.01
N ASP L 227 -54.11 36.05 -27.15
CA ASP L 227 -53.08 35.36 -26.40
C ASP L 227 -53.11 35.78 -24.93
N PHE L 228 -52.36 35.05 -24.11
CA PHE L 228 -52.24 35.38 -22.70
C PHE L 228 -51.64 36.78 -22.53
N ASN L 229 -52.26 37.59 -21.67
CA ASN L 229 -51.77 38.92 -21.33
C ASN L 229 -51.79 39.10 -19.82
N PRO L 230 -51.01 38.30 -19.09
CA PRO L 230 -51.06 38.39 -17.62
C PRO L 230 -50.75 39.78 -17.09
N ASP L 231 -49.79 40.48 -17.70
CA ASP L 231 -49.45 41.83 -17.24
C ASP L 231 -50.60 42.79 -17.49
N ARG L 232 -51.35 42.60 -18.57
CA ARG L 232 -52.43 43.54 -18.90
C ARG L 232 -53.49 43.55 -17.81
N TYR L 233 -53.85 42.39 -17.28
CA TYR L 233 -54.86 42.34 -16.23
C TYR L 233 -54.35 43.03 -14.98
N HIS L 234 -55.23 43.79 -14.33
CA HIS L 234 -54.93 44.45 -13.08
C HIS L 234 -56.09 44.29 -12.11
N ASP L 235 -55.78 44.32 -10.82
CA ASP L 235 -56.77 44.14 -9.77
C ASP L 235 -57.20 45.50 -9.25
N THR L 236 -58.49 45.80 -9.39
CA THR L 236 -59.01 47.07 -8.86
C THR L 236 -59.15 47.00 -7.34
N TYR L 237 -59.42 45.82 -6.78
CA TYR L 237 -59.57 45.70 -5.34
C TYR L 237 -58.28 46.06 -4.63
N GLN L 238 -57.14 45.58 -5.14
CA GLN L 238 -55.86 45.90 -4.51
C GLN L 238 -55.55 47.38 -4.63
N GLU L 239 -55.91 48.00 -5.76
CA GLU L 239 -55.72 49.44 -5.90
C GLU L 239 -56.55 50.20 -4.87
N GLN L 240 -57.81 49.79 -4.67
CA GLN L 240 -58.64 50.43 -3.66
C GLN L 240 -58.07 50.22 -2.26
N LEU L 241 -57.53 49.03 -1.99
CA LEU L 241 -56.91 48.77 -0.70
C LEU L 241 -55.70 49.68 -0.48
N GLN L 242 -54.88 49.85 -1.52
CA GLN L 242 -53.72 50.74 -1.41
C GLN L 242 -54.17 52.18 -1.18
N GLU L 243 -55.21 52.62 -1.87
CA GLU L 243 -55.72 53.97 -1.66
C GLU L 243 -56.24 54.13 -0.24
N LEU L 244 -56.92 53.13 0.30
CA LEU L 244 -57.39 53.19 1.67
C LEU L 244 -56.21 53.28 2.64
N ILE L 245 -55.17 52.48 2.39
CA ILE L 245 -54.00 52.52 3.26
C ILE L 245 -53.37 53.90 3.24
N ASP L 246 -53.24 54.50 2.05
CA ASP L 246 -52.69 55.85 1.96
C ASP L 246 -53.58 56.85 2.68
N THR L 247 -54.90 56.74 2.51
CA THR L 247 -55.82 57.69 3.14
C THR L 247 -55.73 57.62 4.65
N LYS L 248 -55.69 56.41 5.22
CA LYS L 248 -55.61 56.29 6.67
C LYS L 248 -54.25 56.69 7.22
N LEU L 249 -53.25 56.86 6.36
CA LEU L 249 -51.92 57.29 6.80
C LEU L 249 -51.22 58.06 5.68
#